data_8QMS
#
_entry.id   8QMS
#
_cell.length_a   91.300
_cell.length_b   115.690
_cell.length_c   179.610
_cell.angle_alpha   90.00
_cell.angle_beta   90.00
_cell.angle_gamma   90.00
#
_symmetry.space_group_name_H-M   'P 21 21 21'
#
loop_
_entity.id
_entity.type
_entity.pdbx_description
1 polymer 'Succinate semialdehyde dehydrogenase [NAD(P)+] Sad'
2 non-polymer NICOTINAMIDE-ADENINE-DINUCLEOTIDE
3 water water
#
_entity_poly.entity_id   1
_entity_poly.type   'polypeptide(L)'
_entity_poly.pdbx_seq_one_letter_code
;MTITPATHAISINPATGEQLSVLPWAGADDIENALQLAAAGFRDWRETNIDYRAEKLRDIGKALRARSEEMAQMITREMG
KPINQARAEVAKSANLCDWYAEHGPAMLKAEPTLVENQQAVIEYRPLGTILAIMPWNFPLWQVMRGAVPIILAGNGYLLK
HAPNVMGCAQLIAQVFKDAGIPQGVYGWLNADNDGVSQMIKDSRIAAVTVTGSVRAGAAIGAQAGAALKKCVLELGGSDP
FIVLNDADLELAVKAAVAGRYRNTGQVCAAAKRFIIEEGIASAFTERFVAAAAALKMGDPRDEENALGPMARFDLRDELH
HQVEKTLAQGARLLLGGEKMAGAGNYYPPTVLANVTPEMTAFREEMFGPVAAITIAKDAEHALELANDSEFGLSATIFTT
DETQARQMAARLECGGVFINGYCASDARVAFGGVKKSGFGRELSHFGLHEFCNIQTVWKDRI
;
_entity_poly.pdbx_strand_id   A,B,C,D
#
loop_
_chem_comp.id
_chem_comp.type
_chem_comp.name
_chem_comp.formula
NAD non-polymer NICOTINAMIDE-ADENINE-DINUCLEOTIDE 'C21 H27 N7 O14 P2'
#
# COMPACT_ATOMS: atom_id res chain seq x y z
N ILE A 3 19.15 -30.10 -17.87
CA ILE A 3 19.62 -29.25 -16.78
C ILE A 3 21.09 -28.88 -17.01
N THR A 4 21.38 -27.59 -16.89
CA THR A 4 22.70 -27.03 -17.16
C THR A 4 22.96 -25.95 -16.14
N PRO A 5 24.22 -25.78 -15.70
CA PRO A 5 24.54 -24.66 -14.78
C PRO A 5 24.20 -23.28 -15.32
N ALA A 6 23.82 -23.16 -16.59
CA ALA A 6 23.33 -21.89 -17.10
C ALA A 6 21.92 -21.57 -16.63
N THR A 7 21.16 -22.61 -16.28
CA THR A 7 19.75 -22.40 -15.93
C THR A 7 19.48 -22.84 -14.50
N HIS A 8 20.43 -23.55 -13.90
CA HIS A 8 20.11 -24.12 -12.58
C HIS A 8 21.27 -24.17 -11.59
N ALA A 9 20.91 -24.16 -10.32
CA ALA A 9 21.90 -24.39 -9.27
C ALA A 9 21.94 -25.91 -9.14
N ILE A 10 23.13 -26.49 -9.03
CA ILE A 10 23.21 -27.97 -9.05
C ILE A 10 24.08 -28.48 -7.91
N SER A 11 23.53 -29.39 -7.13
CA SER A 11 24.29 -30.07 -6.09
C SER A 11 24.79 -31.41 -6.61
N ILE A 12 26.08 -31.67 -6.42
CA ILE A 12 26.70 -32.95 -6.77
C ILE A 12 27.54 -33.39 -5.58
N ASN A 13 27.39 -34.63 -5.19
CA ASN A 13 28.20 -35.16 -4.10
C ASN A 13 29.64 -35.30 -4.58
N PRO A 14 30.59 -34.53 -4.05
CA PRO A 14 31.98 -34.62 -4.53
C PRO A 14 32.64 -35.95 -4.24
N ALA A 15 32.15 -36.71 -3.26
CA ALA A 15 32.75 -38.00 -2.95
C ALA A 15 32.38 -39.07 -3.97
N THR A 16 31.28 -38.90 -4.69
CA THR A 16 30.79 -39.91 -5.62
C THR A 16 30.50 -39.38 -7.01
N GLY A 17 30.30 -38.08 -7.19
CA GLY A 17 29.98 -37.54 -8.49
C GLY A 17 28.51 -37.60 -8.85
N GLU A 18 27.65 -38.07 -7.96
CA GLU A 18 26.24 -38.21 -8.28
C GLU A 18 25.50 -36.90 -8.05
N GLN A 19 24.58 -36.59 -8.97
CA GLN A 19 23.80 -35.37 -8.88
C GLN A 19 22.75 -35.50 -7.79
N LEU A 20 22.73 -34.55 -6.86
CA LEU A 20 21.84 -34.59 -5.71
C LEU A 20 20.56 -33.79 -5.91
N SER A 21 20.63 -32.65 -6.60
CA SER A 21 19.47 -31.78 -6.72
C SER A 21 19.75 -30.73 -7.78
N VAL A 22 18.68 -30.15 -8.30
CA VAL A 22 18.76 -29.01 -9.21
C VAL A 22 17.70 -28.00 -8.79
N LEU A 23 17.95 -26.73 -9.10
CA LEU A 23 17.02 -25.65 -8.75
C LEU A 23 17.15 -24.51 -9.74
N PRO A 24 16.09 -24.19 -10.48
CA PRO A 24 16.18 -23.07 -11.44
C PRO A 24 16.40 -21.76 -10.72
N TRP A 25 17.04 -20.82 -11.41
CA TRP A 25 17.26 -19.50 -10.83
C TRP A 25 15.92 -18.83 -10.53
N ALA A 26 15.94 -17.99 -9.50
CA ALA A 26 14.74 -17.23 -9.14
C ALA A 26 14.27 -16.39 -10.32
N GLY A 27 12.95 -16.37 -10.53
CA GLY A 27 12.37 -15.53 -11.56
C GLY A 27 12.07 -14.13 -11.05
N ALA A 28 11.63 -13.27 -11.97
CA ALA A 28 11.33 -11.88 -11.63
C ALA A 28 10.27 -11.80 -10.54
N ASP A 29 9.27 -12.69 -10.59
CA ASP A 29 8.25 -12.70 -9.55
C ASP A 29 8.83 -13.16 -8.22
N ASP A 30 9.71 -14.17 -8.26
CA ASP A 30 10.35 -14.66 -7.03
C ASP A 30 11.16 -13.55 -6.36
N ILE A 31 11.92 -12.80 -7.15
CA ILE A 31 12.74 -11.72 -6.58
C ILE A 31 11.84 -10.64 -5.98
N GLU A 32 10.80 -10.25 -6.70
CA GLU A 32 9.89 -9.22 -6.20
C GLU A 32 9.20 -9.66 -4.93
N ASN A 33 8.71 -10.92 -4.90
CA ASN A 33 8.07 -11.45 -3.70
C ASN A 33 9.00 -11.39 -2.50
N ALA A 34 10.22 -11.90 -2.65
CA ALA A 34 11.18 -11.88 -1.55
C ALA A 34 11.45 -10.47 -1.08
N LEU A 35 11.60 -9.51 -2.01
CA LEU A 35 11.88 -8.14 -1.59
C LEU A 35 10.69 -7.53 -0.85
N GLN A 36 9.47 -7.79 -1.31
CA GLN A 36 8.28 -7.30 -0.61
C GLN A 36 8.21 -7.82 0.82
N LEU A 37 8.45 -9.13 1.00
CA LEU A 37 8.33 -9.69 2.33
C LEU A 37 9.49 -9.27 3.23
N ALA A 38 10.67 -9.04 2.64
CA ALA A 38 11.79 -8.50 3.41
C ALA A 38 11.45 -7.12 3.94
N ALA A 39 10.87 -6.27 3.09
CA ALA A 39 10.52 -4.91 3.50
C ALA A 39 9.47 -4.93 4.61
N ALA A 40 8.43 -5.76 4.44
CA ALA A 40 7.39 -5.86 5.47
C ALA A 40 7.93 -6.50 6.75
N GLY A 41 8.77 -7.54 6.60
CA GLY A 41 9.36 -8.16 7.77
C GLY A 41 10.22 -7.22 8.57
N PHE A 42 11.06 -6.44 7.89
CA PHE A 42 11.92 -5.48 8.57
C PHE A 42 11.10 -4.41 9.28
N ARG A 43 10.06 -3.90 8.61
CA ARG A 43 9.20 -2.87 9.19
C ARG A 43 8.70 -3.26 10.58
N ASP A 44 8.27 -4.51 10.73
CA ASP A 44 7.77 -4.97 12.02
C ASP A 44 8.91 -5.41 12.94
N TRP A 45 9.95 -6.04 12.39
CA TRP A 45 11.04 -6.55 13.20
C TRP A 45 11.80 -5.42 13.91
N ARG A 46 11.99 -4.29 13.22
CA ARG A 46 12.72 -3.17 13.80
C ARG A 46 12.03 -2.58 15.02
N GLU A 47 10.73 -2.80 15.16
CA GLU A 47 9.96 -2.27 16.28
C GLU A 47 10.01 -3.16 17.52
N THR A 48 10.53 -4.38 17.41
CA THR A 48 10.53 -5.29 18.53
C THR A 48 11.59 -4.88 19.56
N ASN A 49 11.41 -5.38 20.78
CA ASN A 49 12.33 -5.11 21.87
C ASN A 49 13.57 -6.00 21.74
N ILE A 50 14.73 -5.45 22.15
CA ILE A 50 16.00 -6.15 21.98
C ILE A 50 16.03 -7.47 22.74
N ASP A 51 15.39 -7.51 23.92
CA ASP A 51 15.40 -8.75 24.68
C ASP A 51 14.52 -9.82 24.05
N TYR A 52 13.45 -9.41 23.35
CA TYR A 52 12.68 -10.37 22.57
C TYR A 52 13.53 -10.97 21.46
N ARG A 53 14.27 -10.14 20.73
CA ARG A 53 15.12 -10.63 19.65
C ARG A 53 16.25 -11.51 20.20
N ALA A 54 16.75 -11.20 21.39
CA ALA A 54 17.76 -12.06 22.02
C ALA A 54 17.17 -13.44 22.32
N GLU A 55 15.92 -13.48 22.80
CA GLU A 55 15.27 -14.77 23.04
C GLU A 55 15.03 -15.52 21.74
N LYS A 56 14.74 -14.80 20.65
CA LYS A 56 14.56 -15.48 19.37
C LYS A 56 15.88 -16.06 18.86
N LEU A 57 17.00 -15.44 19.20
CA LEU A 57 18.29 -16.03 18.85
C LEU A 57 18.50 -17.35 19.56
N ARG A 58 18.15 -17.43 20.85
CA ARG A 58 18.19 -18.70 21.55
C ARG A 58 17.28 -19.73 20.89
N ASP A 59 16.12 -19.29 20.39
CA ASP A 59 15.22 -20.21 19.70
C ASP A 59 15.86 -20.73 18.41
N ILE A 60 16.63 -19.89 17.72
CA ILE A 60 17.34 -20.35 16.54
C ILE A 60 18.36 -21.43 16.92
N GLY A 61 19.10 -21.19 18.00
CA GLY A 61 20.09 -22.17 18.44
C GLY A 61 19.45 -23.49 18.83
N LYS A 62 18.27 -23.44 19.45
CA LYS A 62 17.56 -24.68 19.80
C LYS A 62 17.11 -25.42 18.55
N ALA A 63 16.50 -24.70 17.60
CA ALA A 63 16.04 -25.34 16.37
C ALA A 63 17.20 -25.90 15.57
N LEU A 64 18.36 -25.25 15.61
CA LEU A 64 19.53 -25.77 14.90
C LEU A 64 20.06 -27.02 15.58
N ARG A 65 20.13 -27.03 16.90
CA ARG A 65 20.58 -28.22 17.60
C ARG A 65 19.61 -29.38 17.39
N ALA A 66 18.32 -29.09 17.22
CA ALA A 66 17.34 -30.15 17.00
C ALA A 66 17.52 -30.84 15.65
N ARG A 67 18.09 -30.14 14.66
CA ARG A 67 18.36 -30.71 13.34
C ARG A 67 19.86 -30.88 13.09
N SER A 68 20.64 -31.04 14.15
CA SER A 68 22.09 -30.92 14.03
C SER A 68 22.70 -32.03 13.16
N GLU A 69 22.28 -33.28 13.34
CA GLU A 69 22.86 -34.34 12.53
C GLU A 69 22.38 -34.25 11.08
N GLU A 70 21.10 -33.91 10.88
CA GLU A 70 20.60 -33.69 9.53
C GLU A 70 21.38 -32.59 8.82
N MET A 71 21.61 -31.47 9.52
CA MET A 71 22.39 -30.37 8.94
C MET A 71 23.81 -30.81 8.63
N ALA A 72 24.45 -31.51 9.57
CA ALA A 72 25.83 -31.94 9.36
C ALA A 72 25.95 -32.87 8.17
N GLN A 73 25.04 -33.84 8.06
CA GLN A 73 25.09 -34.77 6.92
C GLN A 73 24.84 -34.04 5.61
N MET A 74 23.97 -33.03 5.62
CA MET A 74 23.74 -32.26 4.40
C MET A 74 24.99 -31.48 4.01
N ILE A 75 25.68 -30.88 4.98
CA ILE A 75 26.94 -30.20 4.68
C ILE A 75 27.92 -31.17 4.04
N THR A 76 28.13 -32.33 4.68
CA THR A 76 29.08 -33.30 4.16
C THR A 76 28.68 -33.78 2.76
N ARG A 77 27.39 -34.04 2.55
CA ARG A 77 26.93 -34.61 1.29
C ARG A 77 27.14 -33.64 0.13
N GLU A 78 26.86 -32.35 0.34
CA GLU A 78 26.92 -31.41 -0.76
C GLU A 78 28.32 -30.92 -1.08
N MET A 79 29.21 -30.78 -0.09
CA MET A 79 30.53 -30.22 -0.38
C MET A 79 31.70 -31.00 0.20
N GLY A 80 31.48 -32.20 0.78
CA GLY A 80 32.56 -33.15 1.03
C GLY A 80 33.28 -33.02 2.36
N LYS A 81 32.86 -32.11 3.23
CA LYS A 81 33.55 -31.90 4.50
C LYS A 81 33.48 -33.15 5.37
N PRO A 82 34.59 -33.55 6.00
CA PRO A 82 34.54 -34.67 6.95
C PRO A 82 33.44 -34.46 7.97
N ILE A 83 32.71 -35.55 8.28
CA ILE A 83 31.45 -35.42 8.99
C ILE A 83 31.65 -34.81 10.38
N ASN A 84 32.77 -35.12 11.04
CA ASN A 84 32.99 -34.54 12.37
C ASN A 84 33.30 -33.05 12.30
N GLN A 85 33.86 -32.56 11.18
CA GLN A 85 34.00 -31.12 11.02
C GLN A 85 32.67 -30.46 10.73
N ALA A 86 31.79 -31.16 10.00
CA ALA A 86 30.44 -30.64 9.78
C ALA A 86 29.67 -30.58 11.09
N ARG A 87 29.82 -31.60 11.94
CA ARG A 87 29.20 -31.55 13.26
C ARG A 87 29.75 -30.40 14.09
N ALA A 88 31.06 -30.14 13.98
CA ALA A 88 31.64 -29.03 14.71
C ALA A 88 31.12 -27.70 14.16
N GLU A 89 30.94 -27.60 12.84
CA GLU A 89 30.40 -26.38 12.26
C GLU A 89 29.00 -26.08 12.80
N VAL A 90 28.18 -27.11 12.95
CA VAL A 90 26.83 -26.93 13.51
C VAL A 90 26.91 -26.50 14.98
N ALA A 91 27.79 -27.14 15.75
CA ALA A 91 27.89 -26.79 17.17
C ALA A 91 28.39 -25.36 17.36
N LYS A 92 29.36 -24.93 16.54
CA LYS A 92 29.85 -23.58 16.63
C LYS A 92 28.77 -22.56 16.26
N SER A 93 27.96 -22.89 15.24
CA SER A 93 26.91 -21.98 14.80
C SER A 93 25.82 -21.84 15.85
N ALA A 94 25.43 -22.95 16.49
CA ALA A 94 24.44 -22.88 17.55
C ALA A 94 24.95 -22.09 18.75
N ASN A 95 26.23 -22.29 19.11
CA ASN A 95 26.80 -21.53 20.22
C ASN A 95 26.87 -20.04 19.91
N LEU A 96 27.05 -19.68 18.64
CA LEU A 96 27.08 -18.27 18.26
C LEU A 96 25.74 -17.61 18.52
N CYS A 97 24.64 -18.33 18.29
CA CYS A 97 23.30 -17.82 18.63
C CYS A 97 23.23 -17.51 20.11
N ASP A 98 23.63 -18.46 20.96
CA ASP A 98 23.58 -18.24 22.40
C ASP A 98 24.52 -17.12 22.83
N TRP A 99 25.69 -17.03 22.21
CA TRP A 99 26.66 -16.01 22.61
C TRP A 99 26.13 -14.60 22.35
N TYR A 100 25.62 -14.36 21.13
CA TYR A 100 25.09 -13.03 20.83
C TYR A 100 23.83 -12.74 21.64
N ALA A 101 23.04 -13.77 21.94
CA ALA A 101 21.89 -13.56 22.80
C ALA A 101 22.32 -13.03 24.17
N GLU A 102 23.43 -13.55 24.69
CA GLU A 102 23.89 -13.14 26.02
C GLU A 102 24.59 -11.79 26.00
N HIS A 103 25.51 -11.60 25.04
CA HIS A 103 26.39 -10.45 25.05
C HIS A 103 25.97 -9.34 24.10
N GLY A 104 25.14 -9.65 23.10
CA GLY A 104 24.71 -8.67 22.13
C GLY A 104 23.94 -7.48 22.65
N PRO A 105 22.92 -7.70 23.51
CA PRO A 105 22.08 -6.56 23.93
C PRO A 105 22.86 -5.40 24.53
N ALA A 106 23.80 -5.66 25.43
CA ALA A 106 24.57 -4.57 26.01
C ALA A 106 25.35 -3.80 24.95
N MET A 107 25.75 -4.48 23.87
CA MET A 107 26.50 -3.81 22.81
C MET A 107 25.64 -2.85 22.01
N LEU A 108 24.32 -2.99 22.08
CA LEU A 108 23.40 -2.12 21.35
C LEU A 108 22.81 -1.01 22.22
N LYS A 109 23.26 -0.90 23.46
CA LYS A 109 22.75 0.16 24.33
C LYS A 109 23.20 1.53 23.86
N ALA A 110 22.41 2.54 24.20
CA ALA A 110 22.74 3.91 23.85
C ALA A 110 24.08 4.31 24.47
N GLU A 111 24.84 5.11 23.74
CA GLU A 111 26.19 5.48 24.12
C GLU A 111 26.20 6.90 24.65
N PRO A 112 26.70 7.16 25.86
CA PRO A 112 26.84 8.54 26.31
C PRO A 112 27.90 9.27 25.50
N THR A 113 27.81 10.60 25.50
CA THR A 113 28.79 11.47 24.85
C THR A 113 29.35 12.45 25.86
N LEU A 114 30.38 13.18 25.43
CA LEU A 114 30.97 14.25 26.23
C LEU A 114 30.17 15.54 26.20
N VAL A 115 29.06 15.59 25.47
CA VAL A 115 28.24 16.81 25.47
C VAL A 115 27.68 17.04 26.87
N GLU A 116 27.69 18.30 27.28
CA GLU A 116 27.33 18.66 28.65
C GLU A 116 25.88 18.30 28.95
N ASN A 117 25.61 18.06 30.24
CA ASN A 117 24.26 17.86 30.77
C ASN A 117 23.55 16.68 30.14
N GLN A 118 24.30 15.73 29.57
CA GLN A 118 23.76 14.50 29.00
C GLN A 118 22.72 14.82 27.91
N GLN A 119 23.00 15.83 27.11
CA GLN A 119 22.08 16.25 26.06
C GLN A 119 22.15 15.37 24.82
N ALA A 120 23.26 14.66 24.60
CA ALA A 120 23.43 13.90 23.37
C ALA A 120 23.87 12.47 23.66
N VAL A 121 23.24 11.51 22.96
CA VAL A 121 23.61 10.11 23.02
C VAL A 121 23.77 9.59 21.61
N ILE A 122 24.45 8.45 21.49
CA ILE A 122 24.58 7.73 20.23
C ILE A 122 23.70 6.49 20.31
N GLU A 123 22.82 6.32 19.33
CA GLU A 123 21.91 5.19 19.27
C GLU A 123 22.28 4.27 18.11
N TYR A 124 22.12 2.97 18.31
CA TYR A 124 22.45 1.95 17.30
C TYR A 124 21.14 1.44 16.71
N ARG A 125 20.72 2.07 15.57
CA ARG A 125 19.44 1.75 14.96
C ARG A 125 19.62 0.70 13.86
N PRO A 126 18.59 -0.09 13.60
CA PRO A 126 18.62 -0.98 12.44
C PRO A 126 18.72 -0.19 11.15
N LEU A 127 19.35 -0.81 10.15
CA LEU A 127 19.53 -0.20 8.84
C LEU A 127 18.49 -0.64 7.83
N GLY A 128 18.16 -1.92 7.78
CA GLY A 128 17.19 -2.43 6.83
C GLY A 128 17.44 -3.90 6.56
N THR A 129 17.14 -4.32 5.32
CA THR A 129 17.42 -5.68 4.87
C THR A 129 18.81 -5.74 4.27
N ILE A 130 19.63 -6.66 4.76
CA ILE A 130 21.01 -6.83 4.29
C ILE A 130 21.03 -8.00 3.32
N LEU A 131 21.50 -7.75 2.10
CA LEU A 131 21.71 -8.82 1.13
C LEU A 131 23.04 -9.52 1.43
N ALA A 132 22.99 -10.84 1.53
CA ALA A 132 24.15 -11.63 1.96
C ALA A 132 24.53 -12.64 0.89
N ILE A 133 25.76 -12.53 0.39
CA ILE A 133 26.27 -13.38 -0.68
C ILE A 133 27.35 -14.28 -0.07
N MET A 134 27.12 -15.60 -0.09
CA MET A 134 27.86 -16.52 0.75
C MET A 134 28.49 -17.67 -0.03
N PRO A 135 29.57 -18.29 0.51
CA PRO A 135 30.27 -19.37 -0.20
C PRO A 135 29.95 -20.75 0.35
N TRP A 136 30.52 -21.79 -0.27
CA TRP A 136 30.19 -23.18 0.04
C TRP A 136 31.09 -23.82 1.08
N ASN A 137 32.21 -23.19 1.48
CA ASN A 137 33.18 -23.93 2.29
C ASN A 137 32.71 -24.13 3.73
N PHE A 138 31.99 -23.18 4.29
CA PHE A 138 31.28 -23.36 5.56
C PHE A 138 29.84 -22.95 5.31
N PRO A 139 29.05 -23.83 4.70
CA PRO A 139 27.71 -23.42 4.22
C PRO A 139 26.75 -23.04 5.33
N LEU A 140 26.99 -23.47 6.57
CA LEU A 140 26.17 -23.03 7.68
C LEU A 140 26.81 -21.88 8.43
N TRP A 141 28.08 -22.04 8.81
CA TRP A 141 28.74 -21.04 9.67
C TRP A 141 28.85 -19.69 8.98
N GLN A 142 29.14 -19.66 7.68
CA GLN A 142 29.25 -18.36 7.01
C GLN A 142 27.92 -17.61 7.06
N VAL A 143 26.81 -18.34 6.89
CA VAL A 143 25.50 -17.71 6.97
C VAL A 143 25.25 -17.20 8.39
N MET A 144 25.50 -18.04 9.39
CA MET A 144 25.18 -17.67 10.76
C MET A 144 26.09 -16.55 11.28
N ARG A 145 27.36 -16.53 10.84
CA ARG A 145 28.32 -15.54 11.31
C ARG A 145 27.79 -14.12 11.16
N GLY A 146 27.05 -13.86 10.07
CA GLY A 146 26.45 -12.56 9.85
C GLY A 146 24.99 -12.52 10.22
N ALA A 147 24.24 -13.57 9.88
CA ALA A 147 22.78 -13.54 10.09
C ALA A 147 22.43 -13.27 11.55
N VAL A 148 23.15 -13.92 12.47
CA VAL A 148 22.83 -13.83 13.90
C VAL A 148 22.99 -12.38 14.39
N PRO A 149 24.15 -11.73 14.28
CA PRO A 149 24.20 -10.32 14.74
C PRO A 149 23.37 -9.37 13.90
N ILE A 150 23.26 -9.60 12.59
CA ILE A 150 22.48 -8.71 11.74
C ILE A 150 21.02 -8.67 12.20
N ILE A 151 20.45 -9.85 12.48
CA ILE A 151 19.05 -9.90 12.90
C ILE A 151 18.89 -9.40 14.34
N LEU A 152 19.87 -9.64 15.20
CA LEU A 152 19.79 -9.14 16.58
C LEU A 152 19.72 -7.62 16.61
N ALA A 153 20.46 -6.95 15.72
CA ALA A 153 20.43 -5.49 15.66
C ALA A 153 19.14 -4.94 15.06
N GLY A 154 18.17 -5.78 14.72
CA GLY A 154 16.89 -5.33 14.19
C GLY A 154 16.81 -5.29 12.68
N ASN A 155 17.84 -5.77 11.97
CA ASN A 155 17.82 -5.83 10.53
C ASN A 155 17.14 -7.10 10.03
N GLY A 156 16.82 -7.11 8.73
CA GLY A 156 16.50 -8.32 8.03
C GLY A 156 17.71 -8.86 7.29
N TYR A 157 17.62 -10.12 6.87
CA TYR A 157 18.72 -10.85 6.25
C TYR A 157 18.18 -11.61 5.06
N LEU A 158 18.74 -11.38 3.88
CA LEU A 158 18.33 -12.06 2.65
C LEU A 158 19.53 -12.80 2.06
N LEU A 159 19.48 -14.13 2.11
CA LEU A 159 20.63 -14.95 1.75
C LEU A 159 20.60 -15.33 0.27
N LYS A 160 21.70 -15.05 -0.43
CA LYS A 160 21.98 -15.61 -1.74
C LYS A 160 23.16 -16.57 -1.56
N HIS A 161 22.87 -17.85 -1.41
CA HIS A 161 23.90 -18.83 -1.11
C HIS A 161 24.56 -19.33 -2.40
N ALA A 162 25.69 -20.02 -2.23
CA ALA A 162 26.42 -20.56 -3.36
C ALA A 162 25.60 -21.66 -4.03
N PRO A 163 25.66 -21.77 -5.36
CA PRO A 163 24.70 -22.63 -6.08
C PRO A 163 24.93 -24.13 -5.89
N ASN A 164 26.04 -24.56 -5.30
CA ASN A 164 26.28 -25.97 -5.04
C ASN A 164 25.85 -26.40 -3.64
N VAL A 165 25.29 -25.50 -2.83
CA VAL A 165 24.88 -25.87 -1.47
C VAL A 165 23.47 -25.38 -1.19
N MET A 166 22.59 -25.45 -2.20
CA MET A 166 21.23 -25.00 -1.98
C MET A 166 20.43 -25.97 -1.10
N GLY A 167 20.90 -27.20 -0.97
CA GLY A 167 20.31 -28.09 0.02
C GLY A 167 20.55 -27.60 1.44
N CYS A 168 21.79 -27.19 1.74
CA CYS A 168 22.06 -26.52 3.01
C CYS A 168 21.21 -25.27 3.17
N ALA A 169 21.11 -24.46 2.12
CA ALA A 169 20.34 -23.22 2.21
C ALA A 169 18.89 -23.48 2.58
N GLN A 170 18.28 -24.48 1.97
CA GLN A 170 16.89 -24.79 2.29
C GLN A 170 16.75 -25.33 3.71
N LEU A 171 17.72 -26.11 4.17
CA LEU A 171 17.66 -26.61 5.54
C LEU A 171 17.84 -25.49 6.55
N ILE A 172 18.73 -24.53 6.26
CA ILE A 172 18.87 -23.36 7.13
C ILE A 172 17.55 -22.61 7.26
N ALA A 173 16.86 -22.42 6.12
CA ALA A 173 15.57 -21.73 6.16
C ALA A 173 14.57 -22.50 7.02
N GLN A 174 14.58 -23.83 6.92
CA GLN A 174 13.71 -24.64 7.77
C GLN A 174 14.03 -24.43 9.24
N VAL A 175 15.32 -24.30 9.57
CA VAL A 175 15.72 -24.04 10.96
C VAL A 175 15.16 -22.71 11.43
N PHE A 176 15.27 -21.66 10.60
CA PHE A 176 14.72 -20.36 10.99
C PHE A 176 13.21 -20.40 11.09
N LYS A 177 12.56 -21.21 10.26
CA LYS A 177 11.12 -21.41 10.36
C LYS A 177 10.77 -22.13 11.66
N ASP A 178 11.51 -23.20 11.97
CA ASP A 178 11.28 -23.93 13.22
C ASP A 178 11.43 -23.04 14.43
N ALA A 179 12.32 -22.05 14.39
CA ALA A 179 12.54 -21.15 15.51
C ALA A 179 11.48 -20.06 15.61
N GLY A 180 10.57 -19.97 14.64
CA GLY A 180 9.57 -18.93 14.67
C GLY A 180 10.07 -17.55 14.29
N ILE A 181 11.09 -17.48 13.44
CA ILE A 181 11.56 -16.17 12.98
C ILE A 181 10.53 -15.61 11.98
N PRO A 182 10.03 -14.39 12.18
CA PRO A 182 8.95 -13.88 11.33
C PRO A 182 9.33 -13.86 9.85
N GLN A 183 8.27 -13.90 9.04
CA GLN A 183 8.41 -13.91 7.59
C GLN A 183 9.15 -12.68 7.10
N GLY A 184 10.16 -12.89 6.26
CA GLY A 184 10.92 -11.81 5.69
C GLY A 184 12.05 -11.27 6.54
N VAL A 185 12.12 -11.66 7.82
CA VAL A 185 13.28 -11.31 8.63
C VAL A 185 14.48 -12.16 8.25
N TYR A 186 14.25 -13.46 8.02
CA TYR A 186 15.21 -14.30 7.34
C TYR A 186 14.58 -14.81 6.06
N GLY A 187 15.22 -14.53 4.93
CA GLY A 187 14.75 -15.03 3.65
C GLY A 187 15.92 -15.47 2.80
N TRP A 188 15.59 -16.05 1.64
CA TRP A 188 16.65 -16.52 0.76
C TRP A 188 16.10 -16.60 -0.66
N LEU A 189 17.02 -16.53 -1.63
CA LEU A 189 16.69 -16.59 -3.04
C LEU A 189 17.78 -17.33 -3.81
N ASN A 190 17.36 -18.15 -4.76
CA ASN A 190 18.29 -18.79 -5.70
C ASN A 190 18.51 -17.88 -6.92
N ALA A 191 19.09 -16.71 -6.66
CA ALA A 191 19.26 -15.71 -7.70
C ALA A 191 20.51 -15.96 -8.53
N ASP A 192 20.40 -15.75 -9.84
CA ASP A 192 21.61 -15.73 -10.65
C ASP A 192 22.31 -14.39 -10.46
N ASN A 193 23.46 -14.20 -11.13
CA ASN A 193 24.24 -13.00 -10.89
C ASN A 193 23.48 -11.75 -11.28
N ASP A 194 22.68 -11.82 -12.35
CA ASP A 194 21.84 -10.68 -12.71
C ASP A 194 20.81 -10.39 -11.63
N GLY A 195 20.23 -11.43 -11.02
CA GLY A 195 19.30 -11.22 -9.93
C GLY A 195 19.93 -10.45 -8.77
N VAL A 196 21.17 -10.80 -8.44
CA VAL A 196 21.92 -10.07 -7.42
C VAL A 196 22.08 -8.60 -7.84
N SER A 197 22.43 -8.37 -9.10
CA SER A 197 22.57 -6.99 -9.58
C SER A 197 21.27 -6.22 -9.42
N GLN A 198 20.14 -6.87 -9.74
CA GLN A 198 18.83 -6.22 -9.60
C GLN A 198 18.56 -5.87 -8.13
N MET A 199 18.89 -6.78 -7.23
CA MET A 199 18.57 -6.57 -5.82
C MET A 199 19.42 -5.46 -5.21
N ILE A 200 20.70 -5.37 -5.61
CA ILE A 200 21.56 -4.30 -5.10
C ILE A 200 21.01 -2.94 -5.48
N LYS A 201 20.44 -2.82 -6.68
CA LYS A 201 19.86 -1.56 -7.12
C LYS A 201 18.49 -1.26 -6.53
N ASP A 202 17.89 -2.22 -5.83
CA ASP A 202 16.53 -2.05 -5.31
C ASP A 202 16.55 -1.36 -3.95
N SER A 203 15.64 -0.39 -3.77
CA SER A 203 15.64 0.42 -2.56
C SER A 203 15.34 -0.40 -1.30
N ARG A 204 14.79 -1.61 -1.47
CA ARG A 204 14.48 -2.46 -0.32
C ARG A 204 15.68 -3.26 0.16
N ILE A 205 16.82 -3.15 -0.49
CA ILE A 205 18.08 -3.67 0.03
C ILE A 205 18.87 -2.49 0.57
N ALA A 206 19.18 -2.52 1.86
CA ALA A 206 19.86 -1.41 2.51
C ALA A 206 21.37 -1.48 2.39
N ALA A 207 21.94 -2.69 2.39
CA ALA A 207 23.39 -2.89 2.39
C ALA A 207 23.66 -4.31 1.94
N VAL A 208 24.94 -4.61 1.72
CA VAL A 208 25.37 -5.89 1.16
C VAL A 208 26.55 -6.41 1.99
N THR A 209 26.56 -7.71 2.26
CA THR A 209 27.72 -8.33 2.86
C THR A 209 28.12 -9.52 1.99
N VAL A 210 29.41 -9.62 1.69
CA VAL A 210 29.91 -10.63 0.78
C VAL A 210 31.02 -11.42 1.45
N THR A 211 30.93 -12.73 1.38
CA THR A 211 32.00 -13.63 1.79
C THR A 211 32.29 -14.52 0.58
N GLY A 212 33.47 -14.35 -0.01
CA GLY A 212 33.76 -15.06 -1.23
C GLY A 212 35.13 -14.72 -1.77
N SER A 213 35.30 -14.94 -3.07
CA SER A 213 36.59 -14.72 -3.70
C SER A 213 36.84 -13.23 -3.94
N VAL A 214 38.11 -12.92 -4.23
CA VAL A 214 38.49 -11.55 -4.60
C VAL A 214 37.69 -11.10 -5.81
N ARG A 215 37.52 -11.99 -6.80
CA ARG A 215 36.81 -11.62 -8.02
C ARG A 215 35.35 -11.29 -7.73
N ALA A 216 34.69 -12.08 -6.88
CA ALA A 216 33.31 -11.80 -6.53
C ALA A 216 33.19 -10.49 -5.75
N GLY A 217 34.11 -10.26 -4.81
CA GLY A 217 34.06 -9.05 -4.02
C GLY A 217 34.22 -7.80 -4.86
N ALA A 218 35.10 -7.84 -5.87
CA ALA A 218 35.26 -6.69 -6.74
C ALA A 218 34.04 -6.49 -7.62
N ALA A 219 33.46 -7.57 -8.12
CA ALA A 219 32.25 -7.48 -8.95
C ALA A 219 31.09 -6.91 -8.14
N ILE A 220 30.85 -7.44 -6.94
CA ILE A 220 29.72 -7.02 -6.14
C ILE A 220 30.00 -5.68 -5.46
N GLY A 221 31.23 -5.48 -4.98
CA GLY A 221 31.56 -4.23 -4.31
C GLY A 221 31.39 -3.02 -5.22
N ALA A 222 31.77 -3.16 -6.49
CA ALA A 222 31.58 -2.06 -7.43
C ALA A 222 30.10 -1.73 -7.58
N GLN A 223 29.24 -2.75 -7.59
CA GLN A 223 27.80 -2.52 -7.74
C GLN A 223 27.21 -1.89 -6.49
N ALA A 224 27.67 -2.33 -5.31
CA ALA A 224 27.20 -1.71 -4.07
C ALA A 224 27.56 -0.23 -4.03
N GLY A 225 28.81 0.10 -4.40
CA GLY A 225 29.21 1.50 -4.41
C GLY A 225 28.39 2.33 -5.38
N ALA A 226 28.16 1.79 -6.59
CA ALA A 226 27.38 2.53 -7.58
C ALA A 226 25.94 2.75 -7.11
N ALA A 227 25.40 1.83 -6.32
CA ALA A 227 24.04 1.94 -5.80
C ALA A 227 24.00 2.66 -4.44
N LEU A 228 25.15 3.16 -3.97
CA LEU A 228 25.25 3.87 -2.69
C LEU A 228 24.85 2.99 -1.51
N LYS A 229 25.22 1.71 -1.60
CA LYS A 229 24.96 0.74 -0.54
C LYS A 229 26.29 0.39 0.14
N LYS A 230 26.31 0.51 1.47
CA LYS A 230 27.49 0.06 2.20
C LYS A 230 27.65 -1.44 2.02
N CYS A 231 28.91 -1.89 1.98
CA CYS A 231 29.18 -3.31 1.89
C CYS A 231 30.31 -3.69 2.82
N VAL A 232 30.28 -4.94 3.27
CA VAL A 232 31.39 -5.60 3.94
C VAL A 232 31.89 -6.69 2.99
N LEU A 233 33.19 -6.71 2.75
CA LEU A 233 33.81 -7.67 1.84
C LEU A 233 34.80 -8.52 2.64
N GLU A 234 34.47 -9.80 2.79
CA GLU A 234 35.32 -10.78 3.45
C GLU A 234 35.77 -11.75 2.36
N LEU A 235 36.96 -11.50 1.80
CA LEU A 235 37.36 -12.16 0.59
C LEU A 235 38.44 -13.20 0.87
N GLY A 236 39.22 -13.53 -0.15
CA GLY A 236 40.18 -14.61 -0.03
C GLY A 236 41.33 -14.28 0.91
N GLY A 237 42.14 -15.29 1.18
CA GLY A 237 43.33 -15.13 1.97
C GLY A 237 44.46 -15.98 1.43
N SER A 238 45.68 -15.55 1.76
CA SER A 238 46.88 -16.34 1.50
C SER A 238 47.76 -16.15 2.73
N ASP A 239 47.28 -16.65 3.87
CA ASP A 239 47.86 -16.29 5.16
C ASP A 239 49.29 -16.79 5.27
N PRO A 240 50.23 -15.95 5.71
CA PRO A 240 51.56 -16.44 6.05
C PRO A 240 51.58 -17.12 7.41
N PHE A 241 52.46 -18.11 7.53
CA PHE A 241 52.69 -18.87 8.75
C PHE A 241 54.20 -18.83 8.96
N ILE A 242 54.66 -17.95 9.84
CA ILE A 242 56.09 -17.68 10.00
C ILE A 242 56.62 -18.51 11.16
N VAL A 243 57.74 -19.17 10.94
CA VAL A 243 58.41 -19.96 11.96
C VAL A 243 59.86 -19.50 12.04
N LEU A 244 60.25 -18.98 13.20
CA LEU A 244 61.61 -18.52 13.42
C LEU A 244 62.42 -19.61 14.12
N ASN A 245 63.73 -19.38 14.22
CA ASN A 245 64.64 -20.42 14.68
C ASN A 245 64.36 -20.85 16.12
N ASP A 246 63.88 -19.93 16.95
CA ASP A 246 63.65 -20.22 18.36
C ASP A 246 62.24 -20.72 18.65
N ALA A 247 61.50 -21.14 17.62
CA ALA A 247 60.13 -21.57 17.81
C ALA A 247 60.06 -22.94 18.49
N ASP A 248 58.97 -23.16 19.23
CA ASP A 248 58.57 -24.50 19.64
C ASP A 248 58.25 -25.28 18.38
N LEU A 249 59.21 -26.07 17.89
CA LEU A 249 59.07 -26.69 16.58
C LEU A 249 57.91 -27.69 16.54
N GLU A 250 57.75 -28.50 17.60
CA GLU A 250 56.69 -29.51 17.59
C GLU A 250 55.31 -28.86 17.57
N LEU A 251 55.11 -27.80 18.37
CA LEU A 251 53.85 -27.09 18.34
C LEU A 251 53.64 -26.37 17.02
N ALA A 252 54.71 -25.80 16.47
CA ALA A 252 54.61 -25.10 15.19
C ALA A 252 54.16 -26.04 14.08
N VAL A 253 54.70 -27.26 14.05
CA VAL A 253 54.31 -28.22 13.03
C VAL A 253 52.84 -28.62 13.19
N LYS A 254 52.42 -28.89 14.43
CA LYS A 254 51.03 -29.25 14.67
C LYS A 254 50.09 -28.14 14.21
N ALA A 255 50.38 -26.90 14.58
CA ALA A 255 49.53 -25.79 14.14
C ALA A 255 49.61 -25.58 12.64
N ALA A 256 50.78 -25.84 12.04
CA ALA A 256 50.93 -25.65 10.60
C ALA A 256 50.09 -26.65 9.82
N VAL A 257 50.10 -27.93 10.24
CA VAL A 257 49.31 -28.95 9.56
C VAL A 257 47.82 -28.70 9.77
N ALA A 258 47.42 -28.37 11.00
CA ALA A 258 46.00 -28.11 11.27
C ALA A 258 45.52 -26.89 10.50
N GLY A 259 46.37 -25.86 10.39
CA GLY A 259 45.96 -24.64 9.71
C GLY A 259 45.88 -24.79 8.20
N ARG A 260 46.72 -25.65 7.62
CA ARG A 260 46.69 -25.80 6.18
C ARG A 260 45.60 -26.77 5.73
N TYR A 261 45.39 -27.87 6.46
CA TYR A 261 44.60 -28.98 5.95
C TYR A 261 43.21 -29.11 6.59
N ARG A 262 42.81 -28.22 7.48
CA ARG A 262 41.43 -28.24 7.96
C ARG A 262 40.48 -27.95 6.79
N ASN A 263 39.32 -28.60 6.83
CA ASN A 263 38.32 -28.52 5.75
C ASN A 263 38.95 -28.80 4.39
N THR A 264 39.83 -29.80 4.35
CA THR A 264 40.55 -30.18 3.14
C THR A 264 41.20 -28.95 2.49
N GLY A 265 41.72 -28.05 3.32
CA GLY A 265 42.40 -26.86 2.87
C GLY A 265 41.52 -25.71 2.46
N GLN A 266 40.21 -25.90 2.40
CA GLN A 266 39.30 -24.90 1.83
C GLN A 266 38.85 -23.94 2.92
N VAL A 267 39.81 -23.17 3.42
CA VAL A 267 39.59 -22.21 4.51
C VAL A 267 40.17 -20.85 4.11
N CYS A 268 39.39 -19.80 4.31
CA CYS A 268 39.84 -18.45 3.97
C CYS A 268 41.08 -18.05 4.75
N ALA A 269 41.05 -18.23 6.07
CA ALA A 269 42.20 -17.93 6.93
C ALA A 269 43.08 -19.16 7.18
N ALA A 270 43.18 -20.06 6.21
CA ALA A 270 44.12 -21.18 6.35
C ALA A 270 45.56 -20.68 6.26
N ALA A 271 46.45 -21.38 6.95
CA ALA A 271 47.89 -21.19 6.74
C ALA A 271 48.23 -21.70 5.34
N LYS A 272 48.53 -20.79 4.42
CA LYS A 272 48.78 -21.16 3.03
C LYS A 272 50.22 -20.95 2.59
N ARG A 273 50.91 -19.95 3.13
CA ARG A 273 52.31 -19.67 2.78
C ARG A 273 53.15 -19.87 4.02
N PHE A 274 53.88 -20.97 4.07
CA PHE A 274 54.78 -21.23 5.18
C PHE A 274 56.12 -20.55 4.91
N ILE A 275 56.55 -19.73 5.85
CA ILE A 275 57.73 -18.90 5.71
C ILE A 275 58.63 -19.21 6.90
N ILE A 276 59.71 -19.95 6.65
CA ILE A 276 60.49 -20.60 7.70
C ILE A 276 61.90 -20.05 7.66
N GLU A 277 62.38 -19.58 8.82
CA GLU A 277 63.76 -19.11 8.90
C GLU A 277 64.72 -20.23 8.51
N GLU A 278 65.84 -19.85 7.91
CA GLU A 278 66.70 -20.82 7.25
C GLU A 278 67.23 -21.87 8.21
N GLY A 279 67.60 -21.46 9.43
CA GLY A 279 68.20 -22.39 10.38
C GLY A 279 67.31 -23.56 10.75
N ILE A 280 66.00 -23.33 10.79
CA ILE A 280 65.04 -24.35 11.23
C ILE A 280 64.24 -24.92 10.08
N ALA A 281 64.51 -24.49 8.84
CA ALA A 281 63.66 -24.84 7.72
C ALA A 281 63.72 -26.33 7.40
N SER A 282 64.91 -26.93 7.44
CA SER A 282 65.01 -28.35 7.11
C SER A 282 64.25 -29.20 8.12
N ALA A 283 64.39 -28.89 9.42
CA ALA A 283 63.70 -29.67 10.44
C ALA A 283 62.20 -29.45 10.36
N PHE A 284 61.78 -28.22 10.09
CA PHE A 284 60.34 -27.96 9.92
C PHE A 284 59.80 -28.73 8.72
N THR A 285 60.49 -28.63 7.58
CA THR A 285 59.97 -29.19 6.35
C THR A 285 59.83 -30.71 6.46
N GLU A 286 60.81 -31.37 7.08
CA GLU A 286 60.75 -32.82 7.20
C GLU A 286 59.66 -33.26 8.16
N ARG A 287 59.49 -32.55 9.27
CA ARG A 287 58.40 -32.88 10.18
C ARG A 287 57.03 -32.58 9.55
N PHE A 288 56.94 -31.49 8.80
CA PHE A 288 55.67 -31.11 8.18
C PHE A 288 55.26 -32.12 7.12
N VAL A 289 56.21 -32.58 6.30
CA VAL A 289 55.90 -33.57 5.27
C VAL A 289 55.41 -34.86 5.92
N ALA A 290 56.11 -35.31 6.97
CA ALA A 290 55.73 -36.54 7.65
C ALA A 290 54.35 -36.42 8.29
N ALA A 291 54.08 -35.29 8.95
CA ALA A 291 52.77 -35.09 9.58
C ALA A 291 51.66 -34.97 8.54
N ALA A 292 51.91 -34.24 7.45
CA ALA A 292 50.90 -34.13 6.40
C ALA A 292 50.64 -35.49 5.75
N ALA A 293 51.68 -36.32 5.60
CA ALA A 293 51.50 -37.63 4.98
C ALA A 293 50.69 -38.57 5.84
N ALA A 294 50.64 -38.34 7.15
CA ALA A 294 49.88 -39.20 8.06
C ALA A 294 48.38 -38.91 8.04
N LEU A 295 47.92 -37.93 7.27
CA LEU A 295 46.49 -37.57 7.24
C LEU A 295 45.73 -38.56 6.36
N LYS A 296 44.70 -39.18 6.93
CA LYS A 296 43.84 -40.08 6.17
C LYS A 296 42.83 -39.28 5.35
N MET A 297 42.62 -39.72 4.11
CA MET A 297 41.68 -39.09 3.21
C MET A 297 40.74 -40.15 2.64
N GLY A 298 39.47 -39.80 2.50
CA GLY A 298 38.50 -40.72 1.94
C GLY A 298 37.09 -40.26 2.22
N ASP A 299 36.15 -41.22 2.16
CA ASP A 299 34.73 -41.04 2.38
C ASP A 299 34.50 -40.13 3.59
N PRO A 300 33.96 -38.93 3.39
CA PRO A 300 33.80 -38.01 4.52
C PRO A 300 32.74 -38.43 5.53
N ARG A 301 31.93 -39.46 5.21
CA ARG A 301 31.03 -40.01 6.20
C ARG A 301 31.75 -40.94 7.17
N ASP A 302 32.99 -41.31 6.88
CA ASP A 302 33.81 -42.15 7.74
C ASP A 302 34.66 -41.24 8.61
N GLU A 303 34.52 -41.36 9.93
CA GLU A 303 35.17 -40.43 10.85
C GLU A 303 36.68 -40.65 10.98
N GLU A 304 37.22 -41.75 10.46
CA GLU A 304 38.67 -41.91 10.50
C GLU A 304 39.38 -40.96 9.53
N ASN A 305 38.66 -40.38 8.59
CA ASN A 305 39.27 -39.57 7.54
C ASN A 305 39.37 -38.13 7.97
N ALA A 306 40.60 -37.60 7.97
CA ALA A 306 40.84 -36.20 8.30
C ALA A 306 40.54 -35.28 7.14
N LEU A 307 40.65 -35.78 5.91
CA LEU A 307 40.34 -35.02 4.71
C LEU A 307 39.25 -35.72 3.92
N GLY A 308 38.42 -34.93 3.25
CA GLY A 308 37.47 -35.45 2.31
C GLY A 308 37.91 -35.17 0.90
N PRO A 309 37.03 -35.35 -0.07
CA PRO A 309 37.27 -34.80 -1.40
C PRO A 309 37.15 -33.28 -1.36
N MET A 310 37.70 -32.63 -2.39
CA MET A 310 37.45 -31.21 -2.54
C MET A 310 36.01 -31.00 -3.01
N ALA A 311 35.48 -29.79 -2.77
CA ALA A 311 34.05 -29.58 -2.95
C ALA A 311 33.63 -29.57 -4.42
N ARG A 312 34.44 -28.99 -5.30
CA ARG A 312 34.04 -28.78 -6.68
C ARG A 312 35.06 -29.36 -7.63
N PHE A 313 34.58 -30.13 -8.61
CA PHE A 313 35.48 -30.77 -9.56
C PHE A 313 36.27 -29.76 -10.38
N ASP A 314 35.64 -28.63 -10.74
CA ASP A 314 36.37 -27.62 -11.51
C ASP A 314 37.46 -26.95 -10.67
N LEU A 315 37.23 -26.82 -9.37
CA LEU A 315 38.24 -26.18 -8.51
C LEU A 315 39.42 -27.12 -8.25
N ARG A 316 39.19 -28.43 -8.24
CA ARG A 316 40.34 -29.34 -8.15
C ARG A 316 41.22 -29.24 -9.40
N ASP A 317 40.60 -29.20 -10.59
CA ASP A 317 41.34 -28.94 -11.81
C ASP A 317 42.14 -27.64 -11.70
N GLU A 318 41.51 -26.59 -11.20
CA GLU A 318 42.19 -25.31 -11.05
C GLU A 318 43.35 -25.40 -10.07
N LEU A 319 43.14 -26.06 -8.92
CA LEU A 319 44.21 -26.20 -7.94
C LEU A 319 45.37 -27.01 -8.50
N HIS A 320 45.08 -28.10 -9.21
CA HIS A 320 46.16 -28.90 -9.78
C HIS A 320 46.92 -28.12 -10.83
N HIS A 321 46.22 -27.31 -11.62
CA HIS A 321 46.89 -26.43 -12.57
C HIS A 321 47.83 -25.47 -11.86
N GLN A 322 47.44 -24.97 -10.69
CA GLN A 322 48.31 -24.12 -9.90
C GLN A 322 49.55 -24.88 -9.42
N VAL A 323 49.36 -26.14 -9.02
CA VAL A 323 50.50 -26.97 -8.61
C VAL A 323 51.44 -27.19 -9.78
N GLU A 324 50.89 -27.52 -10.95
CA GLU A 324 51.73 -27.76 -12.13
C GLU A 324 52.51 -26.52 -12.52
N LYS A 325 51.85 -25.35 -12.55
CA LYS A 325 52.54 -24.11 -12.88
C LYS A 325 53.66 -23.84 -11.89
N THR A 326 53.41 -24.05 -10.60
CA THR A 326 54.44 -23.79 -9.59
C THR A 326 55.61 -24.75 -9.73
N LEU A 327 55.33 -26.03 -10.03
CA LEU A 327 56.42 -26.98 -10.29
C LEU A 327 57.18 -26.60 -11.55
N ALA A 328 56.46 -26.17 -12.59
CA ALA A 328 57.14 -25.70 -13.81
C ALA A 328 58.01 -24.48 -13.54
N GLN A 329 57.62 -23.64 -12.58
CA GLN A 329 58.41 -22.47 -12.23
C GLN A 329 59.64 -22.80 -11.40
N GLY A 330 59.78 -24.03 -10.90
CA GLY A 330 60.99 -24.41 -10.21
C GLY A 330 60.83 -24.88 -8.78
N ALA A 331 59.59 -25.03 -8.32
CA ALA A 331 59.36 -25.57 -6.98
C ALA A 331 59.61 -27.08 -6.99
N ARG A 332 59.79 -27.63 -5.79
CA ARG A 332 60.01 -29.07 -5.63
C ARG A 332 58.80 -29.69 -4.97
N LEU A 333 58.35 -30.81 -5.55
CA LEU A 333 57.21 -31.57 -5.04
C LEU A 333 57.68 -32.54 -3.97
N LEU A 334 57.24 -32.33 -2.73
CA LEU A 334 57.61 -33.21 -1.64
C LEU A 334 56.51 -34.19 -1.24
N LEU A 335 55.27 -33.95 -1.66
CA LEU A 335 54.16 -34.80 -1.26
C LEU A 335 52.97 -34.52 -2.17
N GLY A 336 52.23 -35.57 -2.52
CA GLY A 336 50.98 -35.38 -3.24
C GLY A 336 51.20 -34.86 -4.66
N GLY A 337 50.36 -33.92 -5.07
CA GLY A 337 50.54 -33.25 -6.35
C GLY A 337 49.99 -33.98 -7.55
N GLU A 338 48.99 -34.84 -7.37
CA GLU A 338 48.29 -35.42 -8.51
C GLU A 338 46.85 -35.69 -8.13
N LYS A 339 45.94 -35.49 -9.07
CA LYS A 339 44.54 -35.83 -8.83
C LYS A 339 44.39 -37.33 -8.63
N MET A 340 43.62 -37.71 -7.62
CA MET A 340 43.35 -39.12 -7.42
C MET A 340 42.36 -39.62 -8.48
N ALA A 341 42.66 -40.78 -9.03
CA ALA A 341 41.77 -41.39 -10.01
C ALA A 341 40.49 -41.85 -9.34
N GLY A 342 39.42 -41.94 -10.12
CA GLY A 342 38.14 -42.43 -9.63
C GLY A 342 37.06 -41.37 -9.74
N ALA A 343 35.86 -41.78 -9.32
CA ALA A 343 34.68 -40.92 -9.44
C ALA A 343 34.70 -39.77 -8.44
N GLY A 344 35.50 -39.85 -7.38
CA GLY A 344 35.52 -38.82 -6.36
C GLY A 344 36.51 -37.71 -6.66
N ASN A 345 36.22 -36.52 -6.11
CA ASN A 345 37.01 -35.32 -6.35
C ASN A 345 38.16 -35.18 -5.36
N TYR A 346 38.95 -36.24 -5.20
CA TYR A 346 39.97 -36.26 -4.17
C TYR A 346 41.30 -35.69 -4.65
N TYR A 347 41.95 -34.90 -3.79
CA TYR A 347 43.28 -34.38 -4.02
C TYR A 347 44.07 -34.62 -2.75
N PRO A 348 45.23 -35.28 -2.82
CA PRO A 348 45.94 -35.70 -1.61
C PRO A 348 46.59 -34.50 -0.93
N PRO A 349 46.91 -34.63 0.36
CA PRO A 349 47.74 -33.61 1.01
C PRO A 349 49.03 -33.42 0.23
N THR A 350 49.37 -32.17 -0.04
CA THR A 350 50.42 -31.83 -0.99
C THR A 350 51.35 -30.81 -0.36
N VAL A 351 52.65 -30.94 -0.62
CA VAL A 351 53.67 -30.04 -0.11
C VAL A 351 54.58 -29.62 -1.26
N LEU A 352 54.68 -28.32 -1.47
CA LEU A 352 55.58 -27.75 -2.46
C LEU A 352 56.66 -26.96 -1.73
N ALA A 353 57.92 -27.22 -2.06
CA ALA A 353 59.05 -26.53 -1.46
C ALA A 353 59.81 -25.74 -2.52
N ASN A 354 60.79 -24.96 -2.06
CA ASN A 354 61.50 -24.00 -2.92
C ASN A 354 60.51 -23.08 -3.64
N VAL A 355 59.47 -22.65 -2.92
CA VAL A 355 58.51 -21.71 -3.46
C VAL A 355 59.04 -20.30 -3.22
N THR A 356 59.25 -19.56 -4.30
CA THR A 356 59.77 -18.21 -4.27
C THR A 356 58.66 -17.21 -4.52
N PRO A 357 58.87 -15.93 -4.21
CA PRO A 357 57.78 -14.94 -4.33
C PRO A 357 57.21 -14.80 -5.73
N GLU A 358 57.91 -15.24 -6.77
CA GLU A 358 57.44 -15.07 -8.13
C GLU A 358 56.52 -16.21 -8.59
N MET A 359 56.32 -17.23 -7.76
CA MET A 359 55.63 -18.43 -8.22
C MET A 359 54.13 -18.36 -7.98
N THR A 360 53.40 -19.23 -8.69
CA THR A 360 51.94 -19.21 -8.63
C THR A 360 51.43 -19.52 -7.22
N ALA A 361 52.03 -20.51 -6.56
CA ALA A 361 51.56 -20.90 -5.23
C ALA A 361 51.86 -19.87 -4.16
N PHE A 362 52.74 -18.91 -4.43
CA PHE A 362 53.01 -17.82 -3.52
C PHE A 362 52.11 -16.60 -3.77
N ARG A 363 51.65 -16.39 -5.01
CA ARG A 363 50.92 -15.18 -5.34
C ARG A 363 49.41 -15.38 -5.42
N GLU A 364 48.93 -16.60 -5.66
CA GLU A 364 47.50 -16.87 -5.75
C GLU A 364 47.05 -17.64 -4.52
N GLU A 365 45.75 -17.54 -4.21
CA GLU A 365 45.18 -18.32 -3.12
C GLU A 365 45.10 -19.80 -3.54
N MET A 366 45.73 -20.67 -2.76
CA MET A 366 45.70 -22.11 -3.00
C MET A 366 44.58 -22.67 -2.13
N PHE A 367 43.40 -22.82 -2.72
CA PHE A 367 42.20 -23.13 -1.94
C PHE A 367 41.95 -24.63 -1.92
N GLY A 368 42.92 -25.36 -1.38
CA GLY A 368 42.89 -26.79 -1.27
C GLY A 368 44.08 -27.26 -0.46
N PRO A 369 44.30 -28.57 -0.41
CA PRO A 369 45.32 -29.13 0.51
C PRO A 369 46.74 -29.09 -0.06
N VAL A 370 47.23 -27.88 -0.32
CA VAL A 370 48.56 -27.69 -0.89
C VAL A 370 49.31 -26.69 0.00
N ALA A 371 50.39 -27.16 0.63
CA ALA A 371 51.27 -26.29 1.40
C ALA A 371 52.41 -25.78 0.52
N ALA A 372 52.71 -24.49 0.65
CA ALA A 372 53.86 -23.87 -0.01
C ALA A 372 54.85 -23.45 1.07
N ILE A 373 56.10 -23.88 0.94
CA ILE A 373 57.11 -23.57 1.92
C ILE A 373 58.15 -22.67 1.27
N THR A 374 58.44 -21.54 1.92
CA THR A 374 59.42 -20.55 1.48
C THR A 374 60.44 -20.35 2.59
N ILE A 375 61.72 -20.25 2.20
CA ILE A 375 62.80 -20.03 3.15
C ILE A 375 63.02 -18.54 3.32
N ALA A 376 63.06 -18.10 4.58
CA ALA A 376 63.40 -16.72 4.92
C ALA A 376 64.84 -16.65 5.42
N LYS A 377 65.57 -15.61 4.99
CA LYS A 377 66.94 -15.44 5.46
C LYS A 377 66.99 -15.15 6.95
N ASP A 378 66.08 -14.29 7.42
CA ASP A 378 66.00 -13.91 8.81
C ASP A 378 64.58 -13.41 9.08
N ALA A 379 64.36 -12.87 10.28
CA ALA A 379 63.02 -12.45 10.67
C ALA A 379 62.53 -11.27 9.85
N GLU A 380 63.43 -10.35 9.48
CA GLU A 380 63.02 -9.22 8.65
C GLU A 380 62.63 -9.69 7.24
N HIS A 381 63.40 -10.62 6.68
CA HIS A 381 63.02 -11.20 5.40
C HIS A 381 61.68 -11.91 5.50
N ALA A 382 61.44 -12.63 6.61
CA ALA A 382 60.17 -13.33 6.78
C ALA A 382 59.00 -12.36 6.81
N LEU A 383 59.15 -11.23 7.52
CA LEU A 383 58.09 -10.22 7.52
C LEU A 383 57.85 -9.66 6.13
N GLU A 384 58.93 -9.37 5.41
CA GLU A 384 58.81 -8.86 4.03
C GLU A 384 58.10 -9.88 3.14
N LEU A 385 58.52 -11.15 3.21
CA LEU A 385 57.87 -12.20 2.46
C LEU A 385 56.39 -12.30 2.81
N ALA A 386 56.08 -12.24 4.11
CA ALA A 386 54.69 -12.37 4.55
C ALA A 386 53.82 -11.25 3.97
N ASN A 387 54.34 -10.03 3.95
CA ASN A 387 53.59 -8.87 3.47
C ASN A 387 53.57 -8.75 1.94
N ASP A 388 54.39 -9.53 1.23
CA ASP A 388 54.47 -9.44 -0.22
C ASP A 388 53.36 -10.32 -0.82
N SER A 389 52.14 -9.79 -0.74
CA SER A 389 50.96 -10.52 -1.16
C SER A 389 49.85 -9.52 -1.41
N GLU A 390 48.96 -9.84 -2.35
CA GLU A 390 47.75 -9.05 -2.53
C GLU A 390 46.76 -9.25 -1.39
N PHE A 391 46.85 -10.38 -0.70
CA PHE A 391 45.93 -10.74 0.37
C PHE A 391 46.43 -10.22 1.71
N GLY A 392 45.53 -10.20 2.69
CA GLY A 392 45.87 -9.73 4.01
C GLY A 392 44.80 -10.04 5.03
N LEU A 393 44.45 -11.32 5.16
CA LEU A 393 43.37 -11.72 6.06
C LEU A 393 43.90 -11.94 7.48
N SER A 394 44.79 -12.91 7.64
CA SER A 394 45.28 -13.32 8.95
C SER A 394 46.73 -13.78 8.80
N ALA A 395 47.35 -14.12 9.94
CA ALA A 395 48.76 -14.53 9.94
C ALA A 395 49.09 -15.24 11.24
N THR A 396 50.15 -16.06 11.20
CA THR A 396 50.68 -16.75 12.37
C THR A 396 52.18 -16.51 12.48
N ILE A 397 52.66 -16.27 13.70
CA ILE A 397 54.08 -16.19 13.99
C ILE A 397 54.40 -17.18 15.10
N PHE A 398 55.38 -18.04 14.86
CA PHE A 398 55.90 -18.93 15.88
C PHE A 398 57.32 -18.51 16.23
N THR A 399 57.52 -18.10 17.47
CA THR A 399 58.81 -17.72 18.03
C THR A 399 58.65 -17.61 19.53
N THR A 400 59.70 -17.98 20.27
CA THR A 400 59.66 -17.80 21.71
C THR A 400 60.00 -16.38 22.13
N ASP A 401 60.46 -15.53 21.22
CA ASP A 401 60.76 -14.13 21.52
C ASP A 401 59.45 -13.34 21.43
N GLU A 402 58.78 -13.22 22.57
CA GLU A 402 57.45 -12.56 22.61
C GLU A 402 57.55 -11.12 22.11
N THR A 403 58.59 -10.41 22.53
CA THR A 403 58.72 -9.02 22.13
C THR A 403 58.86 -8.90 20.61
N GLN A 404 59.64 -9.78 19.99
CA GLN A 404 59.78 -9.73 18.55
C GLN A 404 58.46 -10.11 17.86
N ALA A 405 57.72 -11.07 18.42
CA ALA A 405 56.42 -11.43 17.86
C ALA A 405 55.45 -10.26 17.90
N ARG A 406 55.44 -9.52 19.01
CA ARG A 406 54.54 -8.37 19.13
C ARG A 406 54.92 -7.25 18.16
N GLN A 407 56.22 -7.06 17.91
CA GLN A 407 56.63 -6.04 16.95
C GLN A 407 56.29 -6.44 15.53
N MET A 408 56.50 -7.71 15.17
CA MET A 408 56.13 -8.17 13.84
C MET A 408 54.62 -8.08 13.63
N ALA A 409 53.83 -8.44 14.65
CA ALA A 409 52.38 -8.35 14.55
C ALA A 409 51.93 -6.94 14.18
N ALA A 410 52.59 -5.93 14.74
CA ALA A 410 52.21 -4.55 14.45
C ALA A 410 52.55 -4.14 13.02
N ARG A 411 53.48 -4.84 12.37
CA ARG A 411 53.89 -4.54 11.02
C ARG A 411 53.33 -5.52 9.99
N LEU A 412 52.58 -6.53 10.43
CA LEU A 412 51.94 -7.46 9.50
C LEU A 412 50.68 -6.83 8.93
N GLU A 413 50.57 -6.80 7.61
CA GLU A 413 49.46 -6.15 6.92
C GLU A 413 48.31 -7.15 6.81
N CYS A 414 47.61 -7.34 7.93
CA CYS A 414 46.48 -8.27 7.98
C CYS A 414 45.61 -7.93 9.18
N GLY A 415 44.40 -8.49 9.16
CA GLY A 415 43.43 -8.20 10.21
C GLY A 415 43.55 -9.07 11.45
N GLY A 416 44.31 -10.16 11.39
CA GLY A 416 44.48 -10.99 12.56
C GLY A 416 45.86 -11.62 12.61
N VAL A 417 46.45 -11.69 13.80
CA VAL A 417 47.78 -12.26 14.00
C VAL A 417 47.70 -13.21 15.18
N PHE A 418 48.07 -14.46 14.95
CA PHE A 418 48.10 -15.47 16.00
C PHE A 418 49.56 -15.75 16.33
N ILE A 419 49.91 -15.58 17.60
CA ILE A 419 51.26 -15.81 18.08
C ILE A 419 51.29 -17.15 18.80
N ASN A 420 52.12 -18.06 18.32
CA ASN A 420 52.31 -19.37 18.94
C ASN A 420 50.98 -20.08 19.19
N GLY A 421 50.13 -20.11 18.17
CA GLY A 421 48.83 -20.72 18.35
C GLY A 421 48.15 -21.07 17.04
N TYR A 422 46.92 -21.56 17.16
CA TYR A 422 46.11 -22.02 16.04
C TYR A 422 45.13 -20.93 15.62
N CYS A 423 45.28 -20.45 14.39
CA CYS A 423 44.37 -19.45 13.86
C CYS A 423 42.94 -19.98 13.72
N ALA A 424 41.97 -19.17 14.13
CA ALA A 424 40.57 -19.56 14.05
C ALA A 424 39.71 -18.31 14.21
N SER A 425 38.46 -18.43 13.76
CA SER A 425 37.48 -17.39 14.02
C SER A 425 36.76 -17.69 15.33
N ASP A 426 36.32 -16.63 16.01
CA ASP A 426 35.74 -16.76 17.33
C ASP A 426 34.83 -15.56 17.57
N ALA A 427 33.65 -15.82 18.16
CA ALA A 427 32.66 -14.76 18.35
C ALA A 427 33.21 -13.59 19.16
N ARG A 428 34.25 -13.80 19.96
CA ARG A 428 34.71 -12.82 20.93
C ARG A 428 35.74 -11.86 20.35
N VAL A 429 36.18 -12.05 19.11
CA VAL A 429 37.21 -11.20 18.50
C VAL A 429 36.79 -10.83 17.09
N ALA A 430 37.38 -9.74 16.59
CA ALA A 430 37.09 -9.25 15.25
C ALA A 430 37.67 -10.20 14.20
N PHE A 431 36.98 -10.26 13.05
CA PHE A 431 37.42 -11.07 11.93
C PHE A 431 37.27 -10.25 10.65
N GLY A 432 38.30 -10.23 9.83
CA GLY A 432 38.29 -9.49 8.59
C GLY A 432 39.70 -9.05 8.22
N GLY A 433 39.88 -8.70 6.96
CA GLY A 433 41.21 -8.44 6.46
C GLY A 433 41.47 -7.06 5.89
N VAL A 434 42.62 -6.88 5.24
CA VAL A 434 43.00 -5.66 4.56
C VAL A 434 43.40 -6.02 3.12
N LYS A 435 43.78 -5.00 2.36
CA LYS A 435 44.18 -5.16 0.97
C LYS A 435 43.10 -5.92 0.19
N LYS A 436 43.48 -6.89 -0.65
CA LYS A 436 42.47 -7.57 -1.50
C LYS A 436 41.65 -8.57 -0.68
N SER A 437 42.00 -8.81 0.58
CA SER A 437 41.13 -9.62 1.42
C SER A 437 39.87 -8.86 1.83
N GLY A 438 39.81 -7.55 1.60
CA GLY A 438 38.57 -6.81 1.72
C GLY A 438 38.65 -5.76 2.81
N PHE A 439 37.50 -5.50 3.43
CA PHE A 439 37.39 -4.48 4.47
C PHE A 439 36.10 -4.74 5.23
N GLY A 440 35.98 -4.10 6.38
CA GLY A 440 34.91 -4.39 7.31
C GLY A 440 35.25 -5.56 8.23
N ARG A 441 34.54 -5.62 9.34
CA ARG A 441 34.87 -6.58 10.40
C ARG A 441 33.60 -7.30 10.83
N GLU A 442 33.73 -8.60 11.07
CA GLU A 442 32.64 -9.43 11.56
C GLU A 442 32.93 -9.91 12.98
N LEU A 443 31.87 -10.41 13.63
CA LEU A 443 31.90 -10.95 14.99
C LEU A 443 32.18 -9.87 16.04
N SER A 444 32.09 -10.25 17.30
CA SER A 444 32.15 -9.35 18.45
C SER A 444 31.13 -8.23 18.23
N HIS A 445 31.40 -7.03 18.76
CA HIS A 445 30.51 -5.92 18.51
C HIS A 445 30.67 -5.36 17.11
N PHE A 446 31.77 -5.72 16.42
CA PHE A 446 32.00 -5.20 15.07
C PHE A 446 30.94 -5.72 14.10
N GLY A 447 30.67 -7.03 14.12
CA GLY A 447 29.66 -7.59 13.24
C GLY A 447 28.25 -7.09 13.56
N LEU A 448 28.01 -6.71 14.82
CA LEU A 448 26.74 -6.13 15.21
C LEU A 448 26.57 -4.73 14.65
N HIS A 449 27.64 -3.93 14.68
CA HIS A 449 27.52 -2.51 14.39
C HIS A 449 27.71 -2.18 12.91
N GLU A 450 28.31 -3.08 12.12
CA GLU A 450 28.58 -2.79 10.72
C GLU A 450 27.32 -2.39 9.98
N PHE A 451 26.19 -3.00 10.30
CA PHE A 451 24.93 -2.73 9.60
C PHE A 451 23.91 -2.08 10.52
N CYS A 452 24.39 -1.25 11.44
CA CYS A 452 23.56 -0.32 12.18
C CYS A 452 23.64 1.07 11.57
N ASN A 453 22.55 1.81 11.68
CA ASN A 453 22.55 3.25 11.51
C ASN A 453 22.97 3.86 12.84
N ILE A 454 24.20 4.32 12.91
CA ILE A 454 24.70 4.98 14.11
C ILE A 454 24.13 6.39 14.11
N GLN A 455 23.29 6.71 15.10
CA GLN A 455 22.45 7.91 15.06
C GLN A 455 22.68 8.78 16.28
N THR A 456 23.14 10.01 16.05
CA THR A 456 23.20 10.98 17.13
C THR A 456 21.79 11.51 17.43
N VAL A 457 21.41 11.51 18.71
CA VAL A 457 20.18 12.14 19.17
C VAL A 457 20.56 13.18 20.20
N TRP A 458 20.30 14.46 19.89
CA TRP A 458 20.80 15.59 20.67
C TRP A 458 19.62 16.48 21.05
N LYS A 459 19.40 16.65 22.36
CA LYS A 459 18.29 17.43 22.87
C LYS A 459 18.75 18.81 23.31
N ASP A 460 17.95 19.83 23.00
CA ASP A 460 18.13 21.20 23.49
C ASP A 460 19.50 21.78 23.13
N ARG A 461 19.95 21.57 21.91
CA ARG A 461 21.21 22.19 21.49
C ARG A 461 20.91 23.64 21.13
N ILE A 462 20.97 24.51 22.13
CA ILE A 462 20.66 25.93 21.94
C ILE A 462 21.74 26.80 22.60
N ILE B 3 43.48 28.30 -21.27
CA ILE B 3 42.66 28.09 -20.07
C ILE B 3 41.28 27.56 -20.43
N THR B 4 40.90 26.46 -19.81
CA THR B 4 39.59 25.86 -20.01
C THR B 4 39.32 24.93 -18.83
N PRO B 5 38.04 24.67 -18.51
CA PRO B 5 37.74 23.70 -17.45
C PRO B 5 38.24 22.30 -17.74
N ALA B 6 38.57 21.98 -18.99
CA ALA B 6 39.13 20.67 -19.32
C ALA B 6 40.61 20.57 -18.96
N THR B 7 41.28 21.70 -18.71
CA THR B 7 42.70 21.70 -18.41
C THR B 7 43.09 22.38 -17.11
N HIS B 8 42.19 23.14 -16.48
CA HIS B 8 42.57 23.94 -15.33
C HIS B 8 41.48 23.93 -14.27
N ALA B 9 41.90 24.05 -13.01
CA ALA B 9 41.02 24.43 -11.92
C ALA B 9 40.97 25.95 -11.88
N ILE B 10 39.77 26.51 -11.79
CA ILE B 10 39.58 27.95 -11.92
C ILE B 10 38.82 28.46 -10.71
N SER B 11 39.35 29.51 -10.09
CA SER B 11 38.68 30.20 -8.99
C SER B 11 38.11 31.51 -9.51
N ILE B 12 36.84 31.77 -9.18
CA ILE B 12 36.15 32.99 -9.56
C ILE B 12 35.46 33.52 -8.32
N ASN B 13 35.61 34.82 -8.06
CA ASN B 13 34.88 35.44 -6.96
C ASN B 13 33.40 35.49 -7.30
N PRO B 14 32.54 34.80 -6.56
CA PRO B 14 31.11 34.81 -6.90
C PRO B 14 30.41 36.12 -6.57
N ALA B 15 31.04 36.99 -5.77
CA ALA B 15 30.45 38.29 -5.48
C ALA B 15 30.64 39.27 -6.64
N THR B 16 31.66 39.06 -7.45
CA THR B 16 32.00 39.99 -8.53
C THR B 16 32.10 39.35 -9.91
N GLY B 17 32.23 38.03 -10.00
CA GLY B 17 32.46 37.38 -11.28
C GLY B 17 33.87 37.48 -11.81
N GLU B 18 34.80 38.02 -11.01
CA GLU B 18 36.18 38.16 -11.46
C GLU B 18 36.96 36.87 -11.26
N GLN B 19 37.79 36.53 -12.25
CA GLN B 19 38.64 35.37 -12.13
C GLN B 19 39.78 35.68 -11.16
N LEU B 20 40.05 34.74 -10.25
CA LEU B 20 41.04 34.93 -9.20
C LEU B 20 42.34 34.19 -9.46
N SER B 21 42.28 32.96 -9.99
CA SER B 21 43.46 32.13 -10.16
C SER B 21 43.11 30.95 -11.04
N VAL B 22 44.15 30.33 -11.59
CA VAL B 22 44.01 29.06 -12.31
C VAL B 22 45.11 28.12 -11.85
N LEU B 23 44.82 26.82 -11.94
CA LEU B 23 45.80 25.81 -11.57
C LEU B 23 45.63 24.61 -12.50
N PRO B 24 46.65 24.23 -13.25
CA PRO B 24 46.51 23.12 -14.19
C PRO B 24 46.38 21.79 -13.45
N TRP B 25 45.68 20.85 -14.07
CA TRP B 25 45.55 19.53 -13.49
C TRP B 25 46.93 18.90 -13.30
N ALA B 26 47.05 18.09 -12.25
CA ALA B 26 48.28 17.33 -12.06
C ALA B 26 48.53 16.41 -13.24
N GLY B 27 49.80 16.32 -13.66
CA GLY B 27 50.17 15.43 -14.72
C GLY B 27 50.55 14.05 -14.21
N ALA B 28 50.91 13.17 -15.15
CA ALA B 28 51.31 11.82 -14.79
C ALA B 28 52.45 11.81 -13.78
N ASP B 29 53.44 12.67 -13.98
CA ASP B 29 54.59 12.71 -13.07
C ASP B 29 54.19 13.26 -11.71
N ASP B 30 53.32 14.29 -11.68
CA ASP B 30 52.85 14.82 -10.41
C ASP B 30 52.14 13.76 -9.59
N ILE B 31 51.30 12.95 -10.24
CA ILE B 31 50.58 11.90 -9.53
C ILE B 31 51.56 10.89 -8.94
N GLU B 32 52.50 10.42 -9.75
CA GLU B 32 53.48 9.45 -9.26
C GLU B 32 54.29 10.01 -8.10
N ASN B 33 54.71 11.28 -8.20
CA ASN B 33 55.49 11.88 -7.13
C ASN B 33 54.66 12.00 -5.85
N ALA B 34 53.39 12.37 -5.98
CA ALA B 34 52.53 12.47 -4.80
C ALA B 34 52.36 11.11 -4.13
N LEU B 35 52.23 10.06 -4.92
CA LEU B 35 52.02 8.73 -4.35
C LEU B 35 53.30 8.18 -3.72
N GLN B 36 54.46 8.47 -4.32
CA GLN B 36 55.72 8.09 -3.70
C GLN B 36 55.90 8.79 -2.37
N LEU B 37 55.63 10.08 -2.33
CA LEU B 37 55.77 10.86 -1.08
C LEU B 37 54.78 10.34 -0.04
N ALA B 38 53.54 10.09 -0.46
CA ALA B 38 52.55 9.58 0.48
C ALA B 38 52.98 8.23 1.05
N ALA B 39 53.48 7.35 0.18
CA ALA B 39 53.90 6.03 0.64
C ALA B 39 55.07 6.13 1.62
N ALA B 40 56.08 6.94 1.27
CA ALA B 40 57.21 7.11 2.17
C ALA B 40 56.79 7.79 3.48
N GLY B 41 55.91 8.78 3.38
CA GLY B 41 55.46 9.46 4.59
C GLY B 41 54.72 8.54 5.54
N PHE B 42 53.81 7.73 5.01
CA PHE B 42 53.07 6.79 5.86
C PHE B 42 54.00 5.76 6.50
N ARG B 43 55.00 5.29 5.74
CA ARG B 43 55.93 4.29 6.27
C ARG B 43 56.57 4.77 7.57
N ASP B 44 56.94 6.04 7.64
CA ASP B 44 57.55 6.57 8.86
C ASP B 44 56.50 7.03 9.88
N TRP B 45 55.41 7.62 9.41
CA TRP B 45 54.41 8.16 10.33
C TRP B 45 53.76 7.05 11.16
N ARG B 46 53.50 5.90 10.54
CA ARG B 46 52.87 4.78 11.24
C ARG B 46 53.71 4.29 12.41
N GLU B 47 55.01 4.57 12.40
CA GLU B 47 55.90 4.13 13.47
C GLU B 47 56.00 5.13 14.63
N THR B 48 55.41 6.31 14.48
CA THR B 48 55.51 7.34 15.52
C THR B 48 54.66 6.97 16.73
N ASN B 49 54.93 7.66 17.83
CA ASN B 49 54.17 7.46 19.07
C ASN B 49 52.86 8.23 19.02
N ILE B 50 51.81 7.65 19.60
CA ILE B 50 50.49 8.29 19.57
C ILE B 50 50.54 9.63 20.29
N ASP B 51 51.27 9.70 21.41
CA ASP B 51 51.39 10.96 22.13
C ASP B 51 52.15 12.01 21.33
N TYR B 52 53.12 11.59 20.51
CA TYR B 52 53.77 12.53 19.61
C TYR B 52 52.79 13.08 18.57
N ARG B 53 51.93 12.22 18.04
CA ARG B 53 50.99 12.67 17.01
C ARG B 53 49.95 13.61 17.59
N ALA B 54 49.51 13.36 18.84
CA ALA B 54 48.60 14.29 19.51
C ALA B 54 49.23 15.67 19.62
N GLU B 55 50.49 15.74 20.04
CA GLU B 55 51.16 17.04 20.14
C GLU B 55 51.25 17.71 18.77
N LYS B 56 51.47 16.92 17.70
CA LYS B 56 51.48 17.52 16.37
C LYS B 56 50.11 18.06 15.98
N LEU B 57 49.03 17.45 16.50
CA LEU B 57 47.70 18.02 16.27
C LEU B 57 47.58 19.40 16.92
N ARG B 58 48.09 19.55 18.14
CA ARG B 58 48.10 20.87 18.77
C ARG B 58 48.89 21.86 17.92
N ASP B 59 49.99 21.41 17.32
CA ASP B 59 50.78 22.28 16.45
C ASP B 59 49.99 22.72 15.23
N ILE B 60 49.17 21.82 14.68
CA ILE B 60 48.29 22.18 13.57
C ILE B 60 47.32 23.27 14.00
N GLY B 61 46.70 23.09 15.17
CA GLY B 61 45.77 24.10 15.66
C GLY B 61 46.42 25.46 15.83
N LYS B 62 47.66 25.48 16.30
CA LYS B 62 48.36 26.75 16.47
C LYS B 62 48.70 27.40 15.13
N ALA B 63 49.19 26.60 14.18
CA ALA B 63 49.52 27.14 12.86
C ALA B 63 48.27 27.68 12.17
N LEU B 64 47.13 27.01 12.36
CA LEU B 64 45.88 27.47 11.74
C LEU B 64 45.44 28.80 12.34
N ARG B 65 45.41 28.90 13.67
CA ARG B 65 45.04 30.16 14.30
C ARG B 65 45.96 31.30 13.87
N ALA B 66 47.25 31.00 13.71
CA ALA B 66 48.21 32.02 13.29
C ALA B 66 47.91 32.57 11.91
N ARG B 67 47.12 31.86 11.10
CA ARG B 67 46.72 32.32 9.78
C ARG B 67 45.21 32.42 9.66
N SER B 68 44.52 32.62 10.80
CA SER B 68 43.07 32.47 10.85
C SER B 68 42.37 33.44 9.91
N GLU B 69 42.80 34.71 9.89
CA GLU B 69 42.14 35.70 9.05
C GLU B 69 42.54 35.57 7.59
N GLU B 70 43.80 35.19 7.32
CA GLU B 70 44.19 34.88 5.95
C GLU B 70 43.35 33.75 5.39
N MET B 71 43.09 32.72 6.20
CA MET B 71 42.25 31.60 5.78
C MET B 71 40.80 32.04 5.58
N ALA B 72 40.25 32.76 6.56
CA ALA B 72 38.85 33.18 6.46
C ALA B 72 38.61 34.04 5.22
N GLN B 73 39.52 34.98 4.94
CA GLN B 73 39.36 35.83 3.76
C GLN B 73 39.46 35.02 2.46
N MET B 74 40.29 33.98 2.44
CA MET B 74 40.39 33.15 1.24
C MET B 74 39.11 32.35 1.03
N ILE B 75 38.53 31.84 2.12
CA ILE B 75 37.26 31.12 2.00
C ILE B 75 36.19 32.03 1.42
N THR B 76 36.05 33.23 2.00
CA THR B 76 35.04 34.18 1.54
C THR B 76 35.28 34.58 0.09
N ARG B 77 36.55 34.83 -0.27
CA ARG B 77 36.87 35.28 -1.61
C ARG B 77 36.53 34.23 -2.67
N GLU B 78 36.83 32.97 -2.40
CA GLU B 78 36.69 31.93 -3.42
C GLU B 78 35.25 31.42 -3.55
N MET B 79 34.49 31.31 -2.46
CA MET B 79 33.16 30.72 -2.56
C MET B 79 32.03 31.54 -1.93
N GLY B 80 32.31 32.76 -1.43
CA GLY B 80 31.26 33.71 -1.13
C GLY B 80 30.70 33.69 0.28
N LYS B 81 31.25 32.88 1.18
CA LYS B 81 30.72 32.76 2.53
C LYS B 81 30.85 34.07 3.30
N PRO B 82 29.81 34.51 4.02
CA PRO B 82 29.95 35.68 4.91
C PRO B 82 31.16 35.55 5.82
N ILE B 83 31.90 36.65 5.96
CA ILE B 83 33.25 36.59 6.52
C ILE B 83 33.23 36.05 7.95
N ASN B 84 32.21 36.43 8.74
CA ASN B 84 32.15 35.93 10.11
C ASN B 84 31.83 34.44 10.16
N GLN B 85 31.13 33.92 9.16
CA GLN B 85 30.95 32.48 9.07
C GLN B 85 32.25 31.78 8.68
N ALA B 86 33.04 32.41 7.82
CA ALA B 86 34.34 31.84 7.49
C ALA B 86 35.26 31.86 8.69
N ARG B 87 35.20 32.92 9.50
CA ARG B 87 36.00 32.96 10.71
C ARG B 87 35.57 31.88 11.70
N ALA B 88 34.25 31.67 11.82
CA ALA B 88 33.76 30.61 12.70
C ALA B 88 34.19 29.23 12.21
N GLU B 89 34.24 29.04 10.89
CA GLU B 89 34.73 27.78 10.35
C GLU B 89 36.19 27.53 10.73
N VAL B 90 37.01 28.59 10.75
CA VAL B 90 38.41 28.44 11.14
C VAL B 90 38.51 28.06 12.62
N ALA B 91 37.77 28.77 13.48
CA ALA B 91 37.85 28.53 14.91
C ALA B 91 37.39 27.12 15.26
N LYS B 92 36.32 26.65 14.61
CA LYS B 92 35.85 25.28 14.84
C LYS B 92 36.87 24.26 14.37
N SER B 93 37.53 24.52 13.23
CA SER B 93 38.55 23.61 12.72
C SER B 93 39.77 23.56 13.64
N ALA B 94 40.20 24.71 14.15
CA ALA B 94 41.35 24.73 15.06
C ALA B 94 41.01 23.99 16.36
N ASN B 95 39.81 24.22 16.91
CA ASN B 95 39.42 23.54 18.14
C ASN B 95 39.33 22.04 17.95
N LEU B 96 38.97 21.60 16.74
CA LEU B 96 38.92 20.16 16.48
C LEU B 96 40.29 19.51 16.65
N CYS B 97 41.35 20.24 16.29
CA CYS B 97 42.71 19.73 16.51
C CYS B 97 42.98 19.50 17.99
N ASP B 98 42.65 20.49 18.81
CA ASP B 98 42.87 20.37 20.25
C ASP B 98 41.99 19.27 20.86
N TRP B 99 40.75 19.15 20.38
CA TRP B 99 39.84 18.16 20.95
C TRP B 99 40.33 16.74 20.70
N TYR B 100 40.74 16.45 19.46
CA TYR B 100 41.28 15.12 19.17
C TYR B 100 42.63 14.91 19.83
N ALA B 101 43.41 15.98 20.00
CA ALA B 101 44.67 15.84 20.74
C ALA B 101 44.42 15.34 22.15
N GLU B 102 43.36 15.84 22.79
CA GLU B 102 43.10 15.47 24.18
C GLU B 102 42.39 14.13 24.29
N HIS B 103 41.36 13.90 23.47
CA HIS B 103 40.52 12.73 23.64
C HIS B 103 40.84 11.60 22.67
N GLY B 104 41.51 11.87 21.56
CA GLY B 104 41.81 10.87 20.55
C GLY B 104 42.67 9.70 21.00
N PRO B 105 43.81 9.96 21.65
CA PRO B 105 44.71 8.86 22.02
C PRO B 105 44.03 7.75 22.81
N ALA B 106 43.15 8.09 23.76
CA ALA B 106 42.49 7.06 24.55
C ALA B 106 41.56 6.20 23.71
N MET B 107 41.00 6.75 22.63
CA MET B 107 40.15 5.97 21.75
C MET B 107 40.91 4.96 20.90
N LEU B 108 42.24 5.08 20.82
CA LEU B 108 43.06 4.17 20.04
C LEU B 108 43.78 3.14 20.91
N LYS B 109 43.48 3.09 22.20
CA LYS B 109 44.09 2.11 23.07
C LYS B 109 43.60 0.70 22.71
N ALA B 110 44.47 -0.28 22.95
CA ALA B 110 44.10 -1.67 22.71
C ALA B 110 42.82 -2.02 23.46
N GLU B 111 42.03 -2.91 22.87
CA GLU B 111 40.75 -3.29 23.43
C GLU B 111 40.84 -4.70 23.98
N PRO B 112 40.50 -4.91 25.25
CA PRO B 112 40.46 -6.28 25.77
C PRO B 112 39.27 -7.03 25.20
N THR B 113 39.34 -8.36 25.28
CA THR B 113 38.27 -9.25 24.84
C THR B 113 37.90 -10.21 25.96
N LEU B 114 36.82 -10.95 25.75
CA LEU B 114 36.36 -11.96 26.69
C LEU B 114 37.11 -13.29 26.54
N VAL B 115 38.12 -13.35 25.68
CA VAL B 115 38.92 -14.57 25.57
C VAL B 115 39.66 -14.84 26.88
N GLU B 116 39.71 -16.12 27.26
CA GLU B 116 40.37 -16.53 28.49
C GLU B 116 41.82 -16.06 28.54
N ASN B 117 42.30 -15.82 29.76
CA ASN B 117 43.71 -15.52 30.06
C ASN B 117 44.20 -14.23 29.41
N GLN B 118 43.27 -13.35 29.02
CA GLN B 118 43.63 -12.08 28.36
C GLN B 118 44.53 -12.33 27.16
N GLN B 119 44.27 -13.44 26.45
CA GLN B 119 45.14 -13.86 25.35
C GLN B 119 44.95 -13.00 24.11
N ALA B 120 43.77 -12.41 23.92
CA ALA B 120 43.42 -11.72 22.69
C ALA B 120 43.05 -10.27 22.99
N VAL B 121 43.60 -9.34 22.22
CA VAL B 121 43.24 -7.93 22.28
C VAL B 121 42.94 -7.46 20.87
N ILE B 122 42.21 -6.35 20.78
CA ILE B 122 41.94 -5.68 19.52
C ILE B 122 42.81 -4.44 19.45
N GLU B 123 43.63 -4.35 18.40
CA GLU B 123 44.47 -3.20 18.17
C GLU B 123 43.91 -2.37 17.01
N TYR B 124 44.02 -1.05 17.13
CA TYR B 124 43.57 -0.12 16.08
C TYR B 124 44.81 0.32 15.32
N ARG B 125 45.10 -0.38 14.22
CA ARG B 125 46.28 -0.12 13.40
C ARG B 125 45.97 0.88 12.30
N PRO B 126 46.97 1.67 11.90
CA PRO B 126 46.80 2.53 10.72
C PRO B 126 46.59 1.68 9.47
N LEU B 127 45.76 2.19 8.55
CA LEU B 127 45.45 1.49 7.32
C LEU B 127 46.42 1.83 6.18
N GLY B 128 46.76 3.11 6.04
CA GLY B 128 47.65 3.56 4.98
C GLY B 128 47.35 5.01 4.64
N THR B 129 47.51 5.34 3.36
CA THR B 129 47.19 6.69 2.88
C THR B 129 45.74 6.71 2.39
N ILE B 130 44.96 7.66 2.91
CA ILE B 130 43.54 7.78 2.61
C ILE B 130 43.37 8.89 1.58
N LEU B 131 42.78 8.56 0.43
CA LEU B 131 42.44 9.57 -0.56
C LEU B 131 41.15 10.25 -0.14
N ALA B 132 41.17 11.58 -0.11
CA ALA B 132 40.05 12.37 0.38
C ALA B 132 39.56 13.29 -0.72
N ILE B 133 38.28 13.20 -1.04
CA ILE B 133 37.63 13.99 -2.09
C ILE B 133 36.63 14.91 -1.41
N MET B 134 36.82 16.21 -1.53
CA MET B 134 36.16 17.19 -0.67
C MET B 134 35.45 18.28 -1.47
N PRO B 135 34.45 18.94 -0.85
CA PRO B 135 33.65 19.94 -1.57
C PRO B 135 33.97 21.38 -1.17
N TRP B 136 33.33 22.35 -1.82
CA TRP B 136 33.67 23.76 -1.63
C TRP B 136 32.89 24.45 -0.51
N ASN B 137 31.84 23.83 0.06
CA ASN B 137 30.95 24.62 0.91
C ASN B 137 31.56 24.96 2.26
N PHE B 138 32.36 24.06 2.83
CA PHE B 138 33.22 24.36 3.98
C PHE B 138 34.63 23.95 3.59
N PRO B 139 35.35 24.81 2.87
CA PRO B 139 36.63 24.39 2.27
C PRO B 139 37.68 23.99 3.30
N LEU B 140 37.59 24.49 4.53
CA LEU B 140 38.53 24.14 5.58
C LEU B 140 37.97 23.05 6.50
N TRP B 141 36.75 23.26 7.02
CA TRP B 141 36.18 22.33 7.99
C TRP B 141 36.04 20.92 7.40
N GLN B 142 35.61 20.83 6.13
CA GLN B 142 35.42 19.49 5.55
C GLN B 142 36.74 18.74 5.49
N VAL B 143 37.83 19.43 5.17
CA VAL B 143 39.15 18.80 5.14
C VAL B 143 39.59 18.41 6.54
N MET B 144 39.46 19.33 7.50
CA MET B 144 39.94 19.05 8.85
C MET B 144 39.10 17.98 9.55
N ARG B 145 37.80 17.92 9.23
CA ARG B 145 36.92 16.94 9.88
C ARG B 145 37.44 15.52 9.71
N GLY B 146 38.02 15.21 8.55
CA GLY B 146 38.61 13.91 8.33
C GLY B 146 40.10 13.87 8.59
N ALA B 147 40.82 14.90 8.12
CA ALA B 147 42.29 14.86 8.17
C ALA B 147 42.80 14.72 9.60
N VAL B 148 42.19 15.39 10.56
CA VAL B 148 42.68 15.38 11.93
C VAL B 148 42.60 13.96 12.52
N PRO B 149 41.44 13.31 12.56
CA PRO B 149 41.44 11.94 13.10
C PRO B 149 42.21 10.96 12.22
N ILE B 150 42.14 11.09 10.90
CA ILE B 150 42.81 10.15 10.02
C ILE B 150 44.31 10.15 10.30
N ILE B 151 44.90 11.34 10.46
CA ILE B 151 46.34 11.43 10.70
C ILE B 151 46.68 11.03 12.13
N LEU B 152 45.80 11.33 13.11
CA LEU B 152 46.06 10.93 14.48
C LEU B 152 46.16 9.42 14.60
N ALA B 153 45.35 8.69 13.83
CA ALA B 153 45.37 7.24 13.83
C ALA B 153 46.61 6.65 13.17
N GLY B 154 47.54 7.47 12.69
CA GLY B 154 48.73 6.98 12.04
C GLY B 154 48.63 6.83 10.54
N ASN B 155 47.51 7.24 9.93
CA ASN B 155 47.35 7.23 8.49
C ASN B 155 47.98 8.46 7.85
N GLY B 156 48.09 8.41 6.52
CA GLY B 156 48.32 9.58 5.72
C GLY B 156 47.02 10.04 5.07
N TYR B 157 47.01 11.32 4.66
CA TYR B 157 45.84 11.97 4.10
C TYR B 157 46.25 12.66 2.81
N LEU B 158 45.59 12.33 1.70
CA LEU B 158 45.90 12.91 0.39
C LEU B 158 44.65 13.60 -0.13
N LEU B 159 44.68 14.93 -0.15
CA LEU B 159 43.49 15.73 -0.42
C LEU B 159 43.32 16.02 -1.90
N LYS B 160 42.13 15.73 -2.43
CA LYS B 160 41.72 16.19 -3.74
C LYS B 160 40.57 17.19 -3.50
N HIS B 161 40.88 18.47 -3.56
CA HIS B 161 39.88 19.45 -3.19
C HIS B 161 39.05 19.87 -4.40
N ALA B 162 37.93 20.54 -4.12
CA ALA B 162 37.05 21.02 -5.19
C ALA B 162 37.78 22.06 -6.05
N PRO B 163 37.58 22.05 -7.36
CA PRO B 163 38.43 22.86 -8.25
C PRO B 163 38.21 24.36 -8.13
N ASN B 164 37.16 24.81 -7.46
CA ASN B 164 36.94 26.25 -7.28
C ASN B 164 37.52 26.78 -5.96
N VAL B 165 38.19 25.95 -5.16
CA VAL B 165 38.77 26.44 -3.91
C VAL B 165 40.22 25.95 -3.77
N MET B 166 40.99 25.99 -4.86
CA MET B 166 42.37 25.55 -4.75
C MET B 166 43.27 26.58 -4.07
N GLY B 167 42.83 27.84 -3.99
CA GLY B 167 43.52 28.77 -3.12
C GLY B 167 43.39 28.39 -1.66
N CYS B 168 42.19 27.92 -1.27
CA CYS B 168 42.02 27.37 0.08
C CYS B 168 42.88 26.13 0.27
N ALA B 169 42.91 25.25 -0.73
CA ALA B 169 43.68 24.01 -0.62
C ALA B 169 45.16 24.29 -0.41
N GLN B 170 45.72 25.22 -1.18
CA GLN B 170 47.14 25.54 -1.02
C GLN B 170 47.42 26.18 0.32
N LEU B 171 46.48 26.98 0.83
CA LEU B 171 46.68 27.60 2.13
C LEU B 171 46.62 26.57 3.25
N ILE B 172 45.73 25.58 3.15
CA ILE B 172 45.69 24.51 4.13
C ILE B 172 47.01 23.75 4.15
N ALA B 173 47.54 23.43 2.97
CA ALA B 173 48.83 22.76 2.89
C ALA B 173 49.92 23.58 3.55
N GLN B 174 49.87 24.91 3.38
CA GLN B 174 50.85 25.78 4.02
C GLN B 174 50.72 25.73 5.55
N VAL B 175 49.49 25.63 6.06
CA VAL B 175 49.28 25.52 7.50
C VAL B 175 49.87 24.21 8.02
N PHE B 176 49.61 23.10 7.32
CA PHE B 176 50.18 21.84 7.76
C PHE B 176 51.70 21.86 7.68
N LYS B 177 52.25 22.54 6.67
CA LYS B 177 53.68 22.74 6.58
C LYS B 177 54.20 23.58 7.75
N ASP B 178 53.50 24.67 8.08
CA ASP B 178 53.87 25.48 9.24
C ASP B 178 53.88 24.67 10.52
N ALA B 179 53.02 23.66 10.63
CA ALA B 179 52.93 22.82 11.81
C ALA B 179 54.00 21.73 11.86
N GLY B 180 54.77 21.55 10.79
CA GLY B 180 55.75 20.50 10.77
C GLY B 180 55.20 19.13 10.45
N ILE B 181 54.00 19.05 9.85
CA ILE B 181 53.47 17.76 9.42
C ILE B 181 54.20 17.36 8.14
N PRO B 182 54.84 16.20 8.09
CA PRO B 182 55.57 15.79 6.89
C PRO B 182 54.68 15.82 5.65
N GLN B 183 55.28 16.14 4.50
CA GLN B 183 54.51 16.31 3.28
C GLN B 183 53.90 15.00 2.77
N GLY B 184 54.45 13.86 3.16
CA GLY B 184 53.78 12.60 2.85
C GLY B 184 52.56 12.37 3.71
N VAL B 185 52.58 12.85 4.95
CA VAL B 185 51.50 12.57 5.89
C VAL B 185 50.27 13.40 5.57
N TYR B 186 50.45 14.71 5.36
CA TYR B 186 49.41 15.54 4.74
C TYR B 186 49.91 15.99 3.38
N GLY B 187 49.21 15.56 2.33
CA GLY B 187 49.53 15.92 0.97
C GLY B 187 48.28 16.26 0.21
N TRP B 188 48.47 16.71 -1.03
CA TRP B 188 47.34 17.12 -1.86
C TRP B 188 47.77 17.12 -3.32
N LEU B 189 46.78 17.03 -4.21
CA LEU B 189 46.99 16.99 -5.65
C LEU B 189 45.82 17.68 -6.33
N ASN B 190 46.11 18.48 -7.35
CA ASN B 190 45.06 19.08 -8.19
C ASN B 190 44.73 18.11 -9.33
N ALA B 191 44.14 16.98 -8.96
CA ALA B 191 43.85 15.90 -9.90
C ALA B 191 42.49 16.11 -10.55
N ASP B 192 42.42 15.82 -11.85
CA ASP B 192 41.12 15.72 -12.48
C ASP B 192 40.50 14.37 -12.12
N ASN B 193 39.29 14.10 -12.66
CA ASN B 193 38.58 12.89 -12.28
C ASN B 193 39.35 11.63 -12.68
N ASP B 194 39.99 11.65 -13.86
CA ASP B 194 40.76 10.48 -14.27
C ASP B 194 41.95 10.25 -13.37
N GLY B 195 42.57 11.34 -12.88
CA GLY B 195 43.64 11.18 -11.92
C GLY B 195 43.17 10.53 -10.63
N VAL B 196 41.99 10.93 -10.15
CA VAL B 196 41.37 10.27 -9.02
C VAL B 196 41.19 8.77 -9.30
N SER B 197 40.71 8.44 -10.49
CA SER B 197 40.53 7.05 -10.87
C SER B 197 41.86 6.30 -10.81
N GLN B 198 42.93 6.90 -11.32
CA GLN B 198 44.23 6.25 -11.30
C GLN B 198 44.69 6.01 -9.87
N MET B 199 44.49 6.99 -8.98
CA MET B 199 44.95 6.84 -7.61
C MET B 199 44.18 5.76 -6.86
N ILE B 200 42.88 5.67 -7.08
CA ILE B 200 42.09 4.63 -6.41
C ILE B 200 42.59 3.24 -6.80
N LYS B 201 43.01 3.08 -8.07
CA LYS B 201 43.56 1.81 -8.53
C LYS B 201 44.98 1.55 -8.08
N ASP B 202 45.64 2.55 -7.49
CA ASP B 202 47.04 2.42 -7.11
C ASP B 202 47.17 1.81 -5.72
N SER B 203 48.12 0.88 -5.58
CA SER B 203 48.30 0.18 -4.31
C SER B 203 48.71 1.11 -3.17
N ARG B 204 49.20 2.30 -3.47
CA ARG B 204 49.60 3.22 -2.42
C ARG B 204 48.43 3.99 -1.81
N ILE B 205 47.22 3.80 -2.33
CA ILE B 205 46.01 4.35 -1.72
C ILE B 205 45.28 3.20 -1.03
N ALA B 206 45.09 3.32 0.28
CA ALA B 206 44.49 2.24 1.05
C ALA B 206 42.96 2.32 1.12
N ALA B 207 42.39 3.52 1.08
CA ALA B 207 40.95 3.71 1.18
C ALA B 207 40.61 5.11 0.70
N VAL B 208 39.32 5.40 0.61
CA VAL B 208 38.83 6.66 0.07
C VAL B 208 37.76 7.24 1.00
N THR B 209 37.77 8.54 1.19
CA THR B 209 36.67 9.20 1.88
C THR B 209 36.16 10.33 1.00
N VAL B 210 34.84 10.41 0.84
CA VAL B 210 34.21 11.33 -0.11
C VAL B 210 33.18 12.16 0.64
N THR B 211 33.28 13.48 0.50
CA THR B 211 32.25 14.42 0.93
C THR B 211 31.82 15.20 -0.30
N GLY B 212 30.58 15.00 -0.74
CA GLY B 212 30.14 15.64 -1.97
C GLY B 212 28.72 15.26 -2.30
N SER B 213 28.37 15.40 -3.58
CA SER B 213 27.03 15.12 -4.03
C SER B 213 26.77 13.62 -4.14
N VAL B 214 25.50 13.28 -4.36
CA VAL B 214 25.11 11.89 -4.55
C VAL B 214 25.79 11.31 -5.80
N ARG B 215 25.82 12.09 -6.88
CA ARG B 215 26.40 11.61 -8.14
C ARG B 215 27.90 11.34 -8.00
N ALA B 216 28.61 12.19 -7.26
CA ALA B 216 30.03 11.95 -7.03
C ALA B 216 30.25 10.71 -6.19
N GLY B 217 29.45 10.54 -5.13
CA GLY B 217 29.58 9.38 -4.28
C GLY B 217 29.38 8.09 -5.03
N ALA B 218 28.39 8.03 -5.92
CA ALA B 218 28.17 6.80 -6.69
C ALA B 218 29.32 6.54 -7.64
N ALA B 219 29.81 7.58 -8.32
CA ALA B 219 30.88 7.40 -9.29
C ALA B 219 32.18 6.96 -8.60
N ILE B 220 32.48 7.55 -7.45
CA ILE B 220 33.71 7.19 -6.74
C ILE B 220 33.52 5.91 -5.94
N GLY B 221 32.35 5.75 -5.31
CA GLY B 221 32.09 4.54 -4.56
C GLY B 221 32.17 3.30 -5.41
N ALA B 222 31.67 3.38 -6.65
CA ALA B 222 31.77 2.24 -7.56
C ALA B 222 33.22 1.88 -7.84
N GLN B 223 34.08 2.89 -7.99
CA GLN B 223 35.49 2.62 -8.30
C GLN B 223 36.21 2.05 -7.08
N ALA B 224 35.92 2.59 -5.89
CA ALA B 224 36.54 2.06 -4.69
C ALA B 224 36.20 0.58 -4.50
N GLY B 225 34.93 0.22 -4.69
CA GLY B 225 34.53 -1.18 -4.58
C GLY B 225 35.22 -2.06 -5.61
N ALA B 226 35.27 -1.58 -6.87
CA ALA B 226 35.94 -2.34 -7.91
C ALA B 226 37.42 -2.54 -7.61
N ALA B 227 38.04 -1.58 -6.92
CA ALA B 227 39.43 -1.71 -6.49
C ALA B 227 39.57 -2.36 -5.11
N LEU B 228 38.47 -2.80 -4.50
CA LEU B 228 38.49 -3.43 -3.18
C LEU B 228 39.06 -2.49 -2.12
N LYS B 229 38.70 -1.20 -2.22
CA LYS B 229 39.11 -0.18 -1.27
C LYS B 229 37.87 0.29 -0.50
N LYS B 230 37.97 0.30 0.82
CA LYS B 230 36.86 0.79 1.63
C LYS B 230 36.66 2.28 1.36
N CYS B 231 35.39 2.71 1.38
CA CYS B 231 35.09 4.12 1.29
C CYS B 231 34.09 4.51 2.36
N VAL B 232 34.14 5.80 2.72
CA VAL B 232 33.09 6.46 3.49
C VAL B 232 32.50 7.51 2.57
N LEU B 233 31.17 7.56 2.50
CA LEU B 233 30.46 8.51 1.62
C LEU B 233 29.57 9.38 2.49
N GLU B 234 29.91 10.68 2.55
CA GLU B 234 29.12 11.70 3.22
C GLU B 234 28.52 12.56 2.11
N LEU B 235 27.26 12.30 1.77
CA LEU B 235 26.70 12.84 0.54
C LEU B 235 25.60 13.87 0.88
N GLY B 236 24.75 14.15 -0.09
CA GLY B 236 23.78 15.22 0.07
C GLY B 236 22.80 14.94 1.20
N GLY B 237 22.02 15.97 1.51
CA GLY B 237 20.93 15.83 2.46
C GLY B 237 19.73 16.66 2.00
N SER B 238 18.57 16.27 2.50
CA SER B 238 17.35 17.04 2.35
C SER B 238 16.61 16.96 3.69
N ASP B 239 17.25 17.50 4.71
CA ASP B 239 16.84 17.25 6.09
C ASP B 239 15.44 17.77 6.35
N PRO B 240 14.56 16.99 6.99
CA PRO B 240 13.28 17.51 7.44
C PRO B 240 13.41 18.24 8.75
N PHE B 241 12.55 19.25 8.91
CA PHE B 241 12.48 20.09 10.12
C PHE B 241 11.02 20.05 10.53
N ILE B 242 10.69 19.24 11.52
CA ILE B 242 9.30 18.97 11.92
C ILE B 242 8.93 19.89 13.06
N VAL B 243 7.80 20.60 12.91
CA VAL B 243 7.25 21.45 13.96
C VAL B 243 5.85 20.97 14.25
N LEU B 244 5.61 20.53 15.49
CA LEU B 244 4.30 20.08 15.89
C LEU B 244 3.54 21.24 16.57
N ASN B 245 2.23 21.03 16.77
CA ASN B 245 1.35 22.09 17.24
C ASN B 245 1.77 22.64 18.60
N ASP B 246 2.41 21.81 19.44
CA ASP B 246 2.78 22.20 20.79
C ASP B 246 4.20 22.72 20.91
N ALA B 247 4.86 23.03 19.79
CA ALA B 247 6.24 23.45 19.83
C ALA B 247 6.38 24.84 20.46
N ASP B 248 7.60 25.11 20.95
CA ASP B 248 8.04 26.48 21.23
C ASP B 248 8.20 27.17 19.88
N LEU B 249 7.18 27.96 19.48
CA LEU B 249 7.14 28.46 18.11
C LEU B 249 8.24 29.48 17.85
N GLU B 250 8.53 30.36 18.82
CA GLU B 250 9.58 31.35 18.62
C GLU B 250 10.94 30.69 18.42
N LEU B 251 11.26 29.70 19.26
CA LEU B 251 12.53 28.98 19.10
C LEU B 251 12.56 28.18 17.81
N ALA B 252 11.42 27.55 17.46
CA ALA B 252 11.37 26.76 16.23
C ALA B 252 11.67 27.62 15.00
N VAL B 253 11.15 28.85 14.97
CA VAL B 253 11.39 29.71 13.81
C VAL B 253 12.83 30.17 13.78
N LYS B 254 13.40 30.52 14.94
CA LYS B 254 14.81 30.89 15.00
C LYS B 254 15.69 29.76 14.49
N ALA B 255 15.46 28.54 14.98
CA ALA B 255 16.24 27.40 14.52
C ALA B 255 15.96 27.06 13.06
N ALA B 256 14.70 27.23 12.63
CA ALA B 256 14.36 26.96 11.24
C ALA B 256 15.12 27.88 10.30
N VAL B 257 15.17 29.18 10.64
CA VAL B 257 15.82 30.16 9.78
C VAL B 257 17.33 29.95 9.77
N ALA B 258 17.92 29.75 10.96
CA ALA B 258 19.35 29.46 11.01
C ALA B 258 19.70 28.20 10.24
N GLY B 259 18.88 27.16 10.37
CA GLY B 259 19.20 25.89 9.75
C GLY B 259 19.11 25.92 8.23
N ARG B 260 18.17 26.69 7.69
CA ARG B 260 18.04 26.75 6.23
C ARG B 260 19.05 27.69 5.59
N TYR B 261 19.28 28.86 6.18
CA TYR B 261 19.97 29.93 5.48
C TYR B 261 21.43 30.10 5.89
N ARG B 262 21.94 29.30 6.83
CA ARG B 262 23.37 29.34 7.12
C ARG B 262 24.16 28.99 5.87
N ASN B 263 25.31 29.66 5.69
CA ASN B 263 26.19 29.48 4.53
C ASN B 263 25.41 29.64 3.22
N THR B 264 24.51 30.63 3.19
CA THR B 264 23.65 30.90 2.05
C THR B 264 22.94 29.62 1.59
N GLY B 265 22.53 28.81 2.56
CA GLY B 265 21.77 27.60 2.30
C GLY B 265 22.60 26.41 1.86
N GLN B 266 23.91 26.58 1.66
CA GLN B 266 24.73 25.54 1.07
C GLN B 266 25.36 24.68 2.18
N VAL B 267 24.48 23.97 2.89
CA VAL B 267 24.89 23.08 3.98
C VAL B 267 24.27 21.70 3.76
N CYS B 268 25.09 20.67 3.95
CA CYS B 268 24.63 19.29 3.76
C CYS B 268 23.48 18.95 4.70
N ALA B 269 23.66 19.23 5.98
CA ALA B 269 22.64 18.99 7.00
C ALA B 269 21.78 20.22 7.27
N ALA B 270 21.56 21.06 6.26
CA ALA B 270 20.66 22.20 6.43
C ALA B 270 19.22 21.72 6.58
N ALA B 271 18.44 22.48 7.33
CA ALA B 271 16.99 22.26 7.32
C ALA B 271 16.48 22.65 5.95
N LYS B 272 16.02 21.66 5.17
CA LYS B 272 15.59 21.94 3.80
C LYS B 272 14.11 21.72 3.56
N ARG B 273 13.47 20.78 4.27
CA ARG B 273 12.06 20.46 4.10
C ARG B 273 11.36 20.73 5.43
N PHE B 274 10.64 21.84 5.50
CA PHE B 274 9.90 22.18 6.71
C PHE B 274 8.55 21.50 6.66
N ILE B 275 8.26 20.72 7.70
CA ILE B 275 7.08 19.85 7.77
C ILE B 275 6.34 20.27 9.03
N ILE B 276 5.23 20.98 8.86
CA ILE B 276 4.57 21.69 9.95
C ILE B 276 3.18 21.11 10.13
N GLU B 277 2.83 20.79 11.38
CA GLU B 277 1.51 20.27 11.66
C GLU B 277 0.47 21.35 11.39
N GLU B 278 -0.71 20.91 10.92
CA GLU B 278 -1.69 21.83 10.34
C GLU B 278 -2.07 22.95 11.29
N GLY B 279 -2.24 22.64 12.58
CA GLY B 279 -2.73 23.64 13.51
C GLY B 279 -1.82 24.85 13.66
N ILE B 280 -0.50 24.63 13.59
CA ILE B 280 0.47 25.69 13.81
C ILE B 280 1.08 26.20 12.51
N ALA B 281 0.63 25.68 11.36
CA ALA B 281 1.31 25.95 10.10
C ALA B 281 1.18 27.41 9.68
N SER B 282 0.01 28.01 9.81
CA SER B 282 -0.16 29.40 9.40
C SER B 282 0.72 30.32 10.23
N ALA B 283 0.76 30.11 11.54
CA ALA B 283 1.59 30.96 12.41
C ALA B 283 3.08 30.74 12.14
N PHE B 284 3.48 29.49 11.91
CA PHE B 284 4.88 29.21 11.57
C PHE B 284 5.26 29.86 10.26
N THR B 285 4.43 29.66 9.23
CA THR B 285 4.75 30.16 7.90
C THR B 285 4.88 31.69 7.89
N GLU B 286 3.95 32.38 8.54
CA GLU B 286 4.02 33.84 8.55
C GLU B 286 5.25 34.33 9.29
N ARG B 287 5.56 33.73 10.46
CA ARG B 287 6.75 34.11 11.19
C ARG B 287 8.02 33.78 10.40
N PHE B 288 8.04 32.62 9.74
CA PHE B 288 9.25 32.20 9.02
C PHE B 288 9.53 33.13 7.85
N VAL B 289 8.48 33.51 7.11
CA VAL B 289 8.66 34.42 5.97
C VAL B 289 9.20 35.77 6.44
N ALA B 290 8.61 36.32 7.50
CA ALA B 290 9.07 37.60 8.02
C ALA B 290 10.52 37.54 8.48
N ALA B 291 10.88 36.47 9.19
CA ALA B 291 12.26 36.33 9.67
C ALA B 291 13.23 36.12 8.51
N ALA B 292 12.87 35.29 7.54
CA ALA B 292 13.74 35.09 6.38
C ALA B 292 13.93 36.40 5.62
N ALA B 293 12.86 37.18 5.48
CA ALA B 293 12.96 38.45 4.76
C ALA B 293 13.87 39.45 5.46
N ALA B 294 14.11 39.29 6.75
CA ALA B 294 14.98 40.24 7.45
C ALA B 294 16.46 39.93 7.28
N LEU B 295 16.80 38.83 6.61
CA LEU B 295 18.20 38.48 6.37
C LEU B 295 18.78 39.39 5.30
N LYS B 296 19.81 40.15 5.65
CA LYS B 296 20.48 41.00 4.68
C LYS B 296 21.44 40.18 3.83
N MET B 297 21.49 40.50 2.53
CA MET B 297 22.34 39.79 1.58
C MET B 297 23.18 40.77 0.78
N GLY B 298 24.46 40.46 0.62
CA GLY B 298 25.34 41.31 -0.17
C GLY B 298 26.78 40.87 -0.06
N ASP B 299 27.68 41.83 -0.23
CA ASP B 299 29.12 41.61 -0.17
C ASP B 299 29.49 40.83 1.10
N PRO B 300 30.03 39.61 0.99
CA PRO B 300 30.32 38.83 2.20
C PRO B 300 31.48 39.36 3.02
N ARG B 301 32.24 40.33 2.52
CA ARG B 301 33.24 41.01 3.34
C ARG B 301 32.61 42.03 4.30
N ASP B 302 31.38 42.44 4.03
CA ASP B 302 30.64 43.33 4.92
C ASP B 302 29.89 42.48 5.94
N GLU B 303 30.23 42.64 7.21
CA GLU B 303 29.69 41.77 8.26
C GLU B 303 28.22 42.02 8.57
N GLU B 304 27.60 43.07 8.00
CA GLU B 304 26.18 43.24 8.20
C GLU B 304 25.35 42.23 7.40
N ASN B 305 25.97 41.53 6.44
CA ASN B 305 25.23 40.63 5.57
C ASN B 305 25.16 39.23 6.17
N ALA B 306 23.94 38.70 6.27
CA ALA B 306 23.75 37.33 6.75
C ALA B 306 23.92 36.29 5.64
N LEU B 307 23.76 36.69 4.38
CA LEU B 307 23.97 35.81 3.24
C LEU B 307 24.91 36.48 2.26
N GLY B 308 25.71 35.66 1.57
CA GLY B 308 26.53 36.14 0.49
C GLY B 308 25.93 35.72 -0.84
N PRO B 309 26.70 35.84 -1.91
CA PRO B 309 26.30 35.18 -3.16
C PRO B 309 26.44 33.68 -3.01
N MET B 310 25.74 32.95 -3.87
CA MET B 310 26.00 31.52 -3.95
C MET B 310 27.37 31.29 -4.59
N ALA B 311 27.96 30.12 -4.32
CA ALA B 311 29.35 29.89 -4.67
C ALA B 311 29.55 29.76 -6.18
N ARG B 312 28.62 29.13 -6.88
CA ARG B 312 28.85 28.74 -8.27
C ARG B 312 27.70 29.24 -9.13
N PHE B 313 28.05 29.96 -10.21
CA PHE B 313 27.03 30.52 -11.09
C PHE B 313 26.15 29.44 -11.70
N ASP B 314 26.75 28.31 -12.10
CA ASP B 314 25.95 27.23 -12.67
C ASP B 314 25.01 26.63 -11.64
N LEU B 315 25.42 26.61 -10.36
CA LEU B 315 24.54 26.04 -9.34
C LEU B 315 23.40 27.00 -8.98
N ARG B 316 23.62 28.31 -9.07
CA ARG B 316 22.48 29.22 -8.93
C ARG B 316 21.49 28.99 -10.06
N ASP B 317 21.98 28.81 -11.29
CA ASP B 317 21.09 28.46 -12.39
C ASP B 317 20.31 27.19 -12.09
N GLU B 318 21.00 26.16 -11.59
CA GLU B 318 20.31 24.92 -11.26
C GLU B 318 19.29 25.11 -10.15
N LEU B 319 19.62 25.90 -9.13
CA LEU B 319 18.68 26.15 -8.04
C LEU B 319 17.45 26.89 -8.56
N HIS B 320 17.66 27.93 -9.37
CA HIS B 320 16.51 28.67 -9.89
C HIS B 320 15.63 27.79 -10.77
N HIS B 321 16.24 26.86 -11.51
CA HIS B 321 15.48 25.91 -12.30
C HIS B 321 14.60 25.03 -11.42
N GLN B 322 15.15 24.56 -10.29
CA GLN B 322 14.35 23.77 -9.36
C GLN B 322 13.19 24.59 -8.81
N VAL B 323 13.45 25.85 -8.47
CA VAL B 323 12.40 26.77 -8.01
C VAL B 323 11.30 26.87 -9.06
N GLU B 324 11.68 27.16 -10.31
CA GLU B 324 10.68 27.35 -11.37
C GLU B 324 9.87 26.09 -11.60
N LYS B 325 10.52 24.92 -11.56
CA LYS B 325 9.79 23.67 -11.73
C LYS B 325 8.81 23.46 -10.57
N THR B 326 9.23 23.76 -9.35
CA THR B 326 8.35 23.60 -8.20
C THR B 326 7.16 24.54 -8.29
N LEU B 327 7.38 25.79 -8.69
CA LEU B 327 6.27 26.70 -8.89
C LEU B 327 5.33 26.20 -9.99
N ALA B 328 5.90 25.70 -11.10
CA ALA B 328 5.06 25.19 -12.17
C ALA B 328 4.26 23.98 -11.73
N GLN B 329 4.76 23.21 -10.76
CA GLN B 329 4.05 22.05 -10.25
C GLN B 329 2.93 22.41 -9.28
N GLY B 330 2.83 23.67 -8.86
CA GLY B 330 1.73 24.11 -8.02
C GLY B 330 2.12 24.73 -6.69
N ALA B 331 3.41 24.84 -6.36
CA ALA B 331 3.78 25.52 -5.12
C ALA B 331 3.49 27.01 -5.24
N ARG B 332 3.46 27.68 -4.09
CA ARG B 332 3.26 29.12 -4.03
C ARG B 332 4.54 29.83 -3.60
N LEU B 333 4.86 30.91 -4.29
CA LEU B 333 6.04 31.72 -3.98
C LEU B 333 5.66 32.76 -2.92
N LEU B 334 6.30 32.68 -1.75
CA LEU B 334 6.05 33.62 -0.66
C LEU B 334 7.17 34.62 -0.45
N LEU B 335 8.35 34.38 -1.01
CA LEU B 335 9.49 35.26 -0.77
C LEU B 335 10.58 34.90 -1.78
N GLY B 336 11.21 35.93 -2.35
CA GLY B 336 12.38 35.70 -3.20
C GLY B 336 12.01 35.05 -4.52
N GLY B 337 12.82 34.09 -4.94
CA GLY B 337 12.50 33.30 -6.11
C GLY B 337 12.90 33.87 -7.45
N GLU B 338 13.90 34.75 -7.49
CA GLU B 338 14.40 35.26 -8.75
C GLU B 338 15.91 35.49 -8.64
N LYS B 339 16.62 35.25 -9.74
CA LYS B 339 18.04 35.57 -9.77
C LYS B 339 18.23 37.06 -9.73
N MET B 340 19.08 37.53 -8.82
CA MET B 340 19.44 38.94 -8.84
C MET B 340 20.22 39.25 -10.10
N ALA B 341 19.83 40.30 -10.81
CA ALA B 341 20.60 40.74 -11.94
C ALA B 341 21.93 41.32 -11.46
N GLY B 342 22.93 41.26 -12.33
CA GLY B 342 24.24 41.82 -12.04
C GLY B 342 25.34 40.80 -12.15
N ALA B 343 26.56 41.25 -11.88
CA ALA B 343 27.74 40.41 -12.01
C ALA B 343 27.86 39.40 -10.87
N GLY B 344 27.19 39.63 -9.76
CA GLY B 344 27.29 38.73 -8.62
C GLY B 344 26.30 37.57 -8.68
N ASN B 345 26.68 36.47 -8.05
CA ASN B 345 25.91 35.23 -8.07
C ASN B 345 24.88 35.18 -6.94
N TYR B 346 24.03 36.21 -6.86
CA TYR B 346 23.14 36.37 -5.72
C TYR B 346 21.78 35.76 -5.98
N TYR B 347 21.27 35.05 -4.97
CA TYR B 347 19.91 34.53 -4.95
C TYR B 347 19.32 34.88 -3.58
N PRO B 348 18.17 35.56 -3.54
CA PRO B 348 17.66 36.06 -2.27
C PRO B 348 17.09 34.93 -1.43
N PRO B 349 16.94 35.13 -0.12
CA PRO B 349 16.15 34.19 0.70
C PRO B 349 14.79 33.96 0.05
N THR B 350 14.44 32.69 -0.08
CA THR B 350 13.28 32.27 -0.86
C THR B 350 12.47 31.28 -0.03
N VAL B 351 11.15 31.38 -0.11
CA VAL B 351 10.24 30.50 0.61
C VAL B 351 9.19 29.99 -0.36
N LEU B 352 9.04 28.67 -0.43
CA LEU B 352 8.03 28.01 -1.24
C LEU B 352 7.05 27.32 -0.31
N ALA B 353 5.75 27.61 -0.49
CA ALA B 353 4.70 26.98 0.29
C ALA B 353 3.87 26.05 -0.59
N ASN B 354 2.99 25.28 0.06
CA ASN B 354 2.20 24.25 -0.62
C ASN B 354 3.11 23.29 -1.40
N VAL B 355 4.25 22.95 -0.82
CA VAL B 355 5.14 21.97 -1.42
C VAL B 355 4.63 20.57 -1.06
N THR B 356 4.30 19.78 -2.07
CA THR B 356 3.83 18.42 -1.87
C THR B 356 4.96 17.44 -2.14
N PRO B 357 4.83 16.18 -1.69
CA PRO B 357 5.91 15.22 -1.91
C PRO B 357 6.22 14.94 -3.36
N GLU B 358 5.34 15.30 -4.29
CA GLU B 358 5.60 15.06 -5.70
C GLU B 358 6.45 16.14 -6.35
N MET B 359 6.75 17.21 -5.63
CA MET B 359 7.36 18.38 -6.23
C MET B 359 8.89 18.34 -6.16
N THR B 360 9.51 19.06 -7.09
CA THR B 360 10.96 19.06 -7.23
C THR B 360 11.67 19.46 -5.93
N ALA B 361 11.19 20.53 -5.29
CA ALA B 361 11.83 21.02 -4.06
C ALA B 361 11.63 20.09 -2.88
N PHE B 362 10.72 19.11 -2.96
CA PHE B 362 10.59 18.11 -1.91
C PHE B 362 11.47 16.88 -2.18
N ARG B 363 11.75 16.58 -3.45
CA ARG B 363 12.43 15.35 -3.82
C ARG B 363 13.90 15.54 -4.14
N GLU B 364 14.36 16.76 -4.43
CA GLU B 364 15.75 17.03 -4.72
C GLU B 364 16.36 17.87 -3.61
N GLU B 365 17.69 17.79 -3.49
CA GLU B 365 18.40 18.65 -2.54
C GLU B 365 18.39 20.08 -3.06
N MET B 366 17.83 21.00 -2.28
CA MET B 366 17.79 22.42 -2.62
C MET B 366 19.00 23.06 -1.95
N PHE B 367 20.11 23.13 -2.69
CA PHE B 367 21.40 23.51 -2.11
C PHE B 367 21.65 25.02 -2.27
N GLY B 368 20.75 25.77 -1.66
CA GLY B 368 20.78 27.22 -1.70
C GLY B 368 19.69 27.74 -0.80
N PRO B 369 19.49 29.06 -0.78
CA PRO B 369 18.60 29.67 0.22
C PRO B 369 17.13 29.56 -0.17
N VAL B 370 16.63 28.33 -0.33
CA VAL B 370 15.24 28.07 -0.72
C VAL B 370 14.61 27.15 0.31
N ALA B 371 13.66 27.67 1.06
CA ALA B 371 12.91 26.87 2.02
C ALA B 371 11.67 26.30 1.36
N ALA B 372 11.39 25.03 1.64
CA ALA B 372 10.15 24.38 1.24
C ALA B 372 9.31 24.10 2.47
N ILE B 373 8.01 24.42 2.41
CA ILE B 373 7.14 24.26 3.55
C ILE B 373 5.98 23.35 3.16
N THR B 374 5.84 22.24 3.90
CA THR B 374 4.81 21.24 3.66
C THR B 374 3.95 21.09 4.91
N ILE B 375 2.63 20.97 4.70
CA ILE B 375 1.67 20.84 5.80
C ILE B 375 1.47 19.37 6.12
N ALA B 376 1.54 19.02 7.41
CA ALA B 376 1.29 17.67 7.87
C ALA B 376 -0.03 17.63 8.66
N LYS B 377 -0.84 16.61 8.39
CA LYS B 377 -2.13 16.49 9.08
C LYS B 377 -1.94 16.25 10.57
N ASP B 378 -0.91 15.49 10.94
CA ASP B 378 -0.61 15.19 12.34
C ASP B 378 0.83 14.69 12.40
N ALA B 379 1.25 14.29 13.61
CA ALA B 379 2.63 13.89 13.83
C ALA B 379 2.98 12.61 13.07
N GLU B 380 2.04 11.66 12.97
CA GLU B 380 2.27 10.47 12.18
C GLU B 380 2.50 10.84 10.71
N HIS B 381 1.66 11.73 10.17
CA HIS B 381 1.88 12.21 8.82
C HIS B 381 3.23 12.92 8.69
N ALA B 382 3.59 13.72 9.72
CA ALA B 382 4.84 14.47 9.67
C ALA B 382 6.04 13.53 9.59
N LEU B 383 5.99 12.41 10.31
CA LEU B 383 7.08 11.44 10.26
C LEU B 383 7.15 10.76 8.90
N GLU B 384 6.00 10.42 8.33
CA GLU B 384 5.98 9.80 7.00
C GLU B 384 6.52 10.75 5.95
N LEU B 385 6.10 12.01 5.98
CA LEU B 385 6.65 13.02 5.08
C LEU B 385 8.16 13.11 5.25
N ALA B 386 8.64 13.14 6.49
CA ALA B 386 10.07 13.29 6.76
C ALA B 386 10.86 12.13 6.15
N ASN B 387 10.39 10.90 6.33
CA ASN B 387 11.11 9.74 5.79
C ASN B 387 10.90 9.54 4.29
N ASP B 388 9.96 10.27 3.68
CA ASP B 388 9.68 10.11 2.24
C ASP B 388 10.69 10.91 1.45
N SER B 389 11.91 10.38 1.38
CA SER B 389 13.03 11.07 0.76
C SER B 389 14.10 10.05 0.42
N GLU B 390 14.80 10.29 -0.68
CA GLU B 390 15.99 9.50 -0.99
C GLU B 390 17.13 9.80 -0.03
N PHE B 391 17.11 10.97 0.61
CA PHE B 391 18.18 11.39 1.51
C PHE B 391 17.86 10.96 2.94
N GLY B 392 18.86 11.06 3.80
CA GLY B 392 18.72 10.65 5.18
C GLY B 392 19.92 11.02 6.02
N LEU B 393 20.27 12.31 6.01
CA LEU B 393 21.44 12.77 6.74
C LEU B 393 21.09 13.12 8.19
N SER B 394 20.22 14.12 8.39
CA SER B 394 19.91 14.61 9.72
C SER B 394 18.45 15.05 9.74
N ALA B 395 17.98 15.47 10.92
CA ALA B 395 16.59 15.88 11.09
C ALA B 395 16.43 16.70 12.36
N THR B 396 15.36 17.50 12.40
CA THR B 396 14.98 18.29 13.56
C THR B 396 13.53 18.04 13.91
N ILE B 397 13.22 17.97 15.21
CA ILE B 397 11.85 17.86 15.70
C ILE B 397 11.65 18.93 16.77
N PHE B 398 10.65 19.78 16.59
CA PHE B 398 10.23 20.72 17.61
C PHE B 398 8.87 20.29 18.16
N THR B 399 8.83 20.01 19.46
CA THR B 399 7.62 19.64 20.19
C THR B 399 7.97 19.64 21.66
N THR B 400 6.99 20.00 22.49
CA THR B 400 7.18 19.96 23.94
C THR B 400 6.87 18.58 24.53
N ASP B 401 6.41 17.64 23.70
CA ASP B 401 6.17 16.26 24.11
C ASP B 401 7.45 15.49 23.84
N GLU B 402 8.34 15.44 24.84
CA GLU B 402 9.64 14.84 24.64
C GLU B 402 9.56 13.32 24.42
N THR B 403 8.59 12.66 25.05
CA THR B 403 8.39 11.24 24.79
C THR B 403 8.10 10.99 23.32
N GLN B 404 7.17 11.77 22.76
CA GLN B 404 6.87 11.64 21.33
C GLN B 404 8.08 11.94 20.47
N ALA B 405 8.83 13.00 20.83
CA ALA B 405 10.04 13.32 20.08
C ALA B 405 11.03 12.17 20.09
N ARG B 406 11.21 11.53 21.25
CA ARG B 406 12.10 10.37 21.33
C ARG B 406 11.61 9.22 20.45
N GLN B 407 10.30 8.96 20.47
CA GLN B 407 9.75 7.88 19.65
C GLN B 407 9.93 8.17 18.17
N MET B 408 9.72 9.42 17.75
CA MET B 408 9.91 9.78 16.36
C MET B 408 11.37 9.66 15.95
N ALA B 409 12.29 10.12 16.81
CA ALA B 409 13.71 10.00 16.53
C ALA B 409 14.08 8.56 16.21
N ALA B 410 13.53 7.60 16.95
CA ALA B 410 13.82 6.19 16.70
C ALA B 410 13.32 5.73 15.33
N ARG B 411 12.31 6.40 14.78
CA ARG B 411 11.74 6.00 13.50
C ARG B 411 12.15 6.91 12.35
N LEU B 412 12.94 7.95 12.62
CA LEU B 412 13.49 8.79 11.56
C LEU B 412 14.66 8.09 10.89
N GLU B 413 14.61 8.00 9.56
CA GLU B 413 15.65 7.31 8.79
C GLU B 413 16.76 8.29 8.43
N CYS B 414 17.59 8.60 9.42
CA CYS B 414 18.71 9.51 9.24
C CYS B 414 19.70 9.27 10.36
N GLY B 415 20.90 9.86 10.20
CA GLY B 415 21.99 9.69 11.12
C GLY B 415 22.04 10.63 12.30
N GLY B 416 21.22 11.68 12.31
CA GLY B 416 21.18 12.59 13.42
C GLY B 416 19.81 13.19 13.62
N VAL B 417 19.40 13.36 14.88
CA VAL B 417 18.10 13.94 15.20
C VAL B 417 18.31 14.97 16.31
N PHE B 418 17.92 16.21 16.04
CA PHE B 418 18.00 17.29 17.01
C PHE B 418 16.60 17.60 17.50
N ILE B 419 16.41 17.49 18.81
CA ILE B 419 15.11 17.72 19.45
C ILE B 419 15.15 19.11 20.07
N ASN B 420 14.32 20.02 19.54
CA ASN B 420 14.19 21.37 20.10
C ASN B 420 15.52 22.11 20.13
N GLY B 421 16.23 22.08 19.01
CA GLY B 421 17.52 22.74 18.98
C GLY B 421 18.05 22.91 17.58
N TYR B 422 19.30 23.39 17.50
CA TYR B 422 19.95 23.75 16.25
C TYR B 422 20.85 22.62 15.80
N CYS B 423 20.53 22.04 14.64
CA CYS B 423 21.37 20.99 14.07
C CYS B 423 22.76 21.53 13.73
N ALA B 424 23.78 20.74 14.04
CA ALA B 424 25.16 21.08 13.73
C ALA B 424 26.00 19.82 13.82
N SER B 425 27.19 19.89 13.25
CA SER B 425 28.19 18.86 13.50
C SER B 425 29.02 19.25 14.71
N ASP B 426 29.62 18.24 15.34
CA ASP B 426 30.33 18.46 16.59
C ASP B 426 31.28 17.28 16.82
N ALA B 427 32.50 17.58 17.24
CA ALA B 427 33.51 16.52 17.40
C ALA B 427 33.05 15.45 18.37
N ARG B 428 32.18 15.79 19.31
CA ARG B 428 31.77 14.86 20.35
C ARG B 428 30.72 13.85 19.90
N VAL B 429 30.16 13.98 18.69
CA VAL B 429 29.06 13.12 18.26
C VAL B 429 29.29 12.65 16.83
N ALA B 430 28.66 11.52 16.49
CA ALA B 430 28.77 10.94 15.17
C ALA B 430 28.07 11.82 14.13
N PHE B 431 28.61 11.81 12.91
CA PHE B 431 28.01 12.51 11.79
C PHE B 431 28.03 11.62 10.55
N GLY B 432 26.93 11.63 9.83
CA GLY B 432 26.77 10.82 8.63
C GLY B 432 25.35 10.27 8.59
N GLY B 433 24.94 9.86 7.39
CA GLY B 433 23.55 9.48 7.19
C GLY B 433 23.30 8.09 6.66
N VAL B 434 22.11 7.90 6.07
CA VAL B 434 21.68 6.64 5.48
C VAL B 434 21.09 6.92 4.10
N LYS B 435 20.69 5.86 3.42
CA LYS B 435 20.06 5.94 2.10
C LYS B 435 21.04 6.66 1.17
N LYS B 436 20.58 7.56 0.29
CA LYS B 436 21.49 8.17 -0.68
C LYS B 436 22.38 9.25 -0.08
N SER B 437 22.18 9.59 1.21
CA SER B 437 23.17 10.41 1.89
C SER B 437 24.46 9.64 2.17
N GLY B 438 24.47 8.32 1.98
CA GLY B 438 25.71 7.56 2.08
C GLY B 438 25.79 6.61 3.26
N PHE B 439 27.01 6.37 3.72
CA PHE B 439 27.28 5.43 4.80
C PHE B 439 28.63 5.76 5.41
N GLY B 440 28.91 5.15 6.55
CA GLY B 440 30.08 5.51 7.32
C GLY B 440 29.81 6.72 8.21
N ARG B 441 30.65 6.87 9.23
CA ARG B 441 30.44 7.89 10.25
C ARG B 441 31.73 8.65 10.50
N GLU B 442 31.60 9.96 10.70
CA GLU B 442 32.75 10.80 11.01
C GLU B 442 32.62 11.39 12.41
N LEU B 443 33.74 11.95 12.89
CA LEU B 443 33.87 12.59 14.19
C LEU B 443 33.73 11.60 15.35
N SER B 444 34.00 12.08 16.56
CA SER B 444 34.10 11.23 17.76
C SER B 444 35.07 10.08 17.48
N HIS B 445 34.83 8.91 18.06
CA HIS B 445 35.71 7.77 17.79
C HIS B 445 35.40 7.12 16.46
N PHE B 446 34.23 7.39 15.88
CA PHE B 446 33.86 6.81 14.60
C PHE B 446 34.81 7.27 13.50
N GLY B 447 35.06 8.57 13.41
CA GLY B 447 36.01 9.08 12.42
C GLY B 447 37.43 8.59 12.64
N LEU B 448 37.80 8.31 13.88
CA LEU B 448 39.12 7.73 14.16
C LEU B 448 39.22 6.29 13.65
N HIS B 449 38.15 5.50 13.83
CA HIS B 449 38.20 4.07 13.58
C HIS B 449 37.85 3.67 12.15
N GLU B 450 37.17 4.54 11.39
CA GLU B 450 36.73 4.15 10.05
C GLU B 450 37.90 3.74 9.17
N PHE B 451 39.06 4.36 9.35
CA PHE B 451 40.21 4.07 8.51
C PHE B 451 41.35 3.46 9.32
N CYS B 452 40.97 2.62 10.28
CA CYS B 452 41.91 1.75 10.97
C CYS B 452 41.76 0.32 10.48
N ASN B 453 42.89 -0.37 10.42
CA ASN B 453 42.90 -1.83 10.35
C ASN B 453 42.61 -2.33 11.76
N ILE B 454 41.40 -2.84 11.98
CA ILE B 454 41.02 -3.36 13.28
C ILE B 454 41.57 -4.78 13.37
N GLN B 455 42.61 -4.97 14.19
CA GLN B 455 43.47 -6.15 14.13
C GLN B 455 43.37 -6.94 15.42
N THR B 456 42.96 -8.21 15.31
CA THR B 456 42.98 -9.14 16.43
C THR B 456 44.40 -9.68 16.60
N VAL B 457 44.94 -9.59 17.80
CA VAL B 457 46.22 -10.21 18.14
C VAL B 457 45.96 -11.19 19.26
N TRP B 458 46.16 -12.49 18.98
CA TRP B 458 45.74 -13.57 19.86
C TRP B 458 46.96 -14.44 20.14
N LYS B 459 47.40 -14.44 21.39
CA LYS B 459 48.58 -15.19 21.83
C LYS B 459 48.17 -16.52 22.46
N ASP B 460 48.92 -17.58 22.15
CA ASP B 460 48.79 -18.88 22.82
C ASP B 460 47.38 -19.47 22.68
N ARG B 461 46.79 -19.37 21.50
CA ARG B 461 45.50 -20.04 21.28
C ARG B 461 45.79 -21.51 20.99
N ILE B 462 45.93 -22.30 22.07
CA ILE B 462 46.27 -23.71 21.94
C ILE B 462 45.36 -24.57 22.80
N ILE C 3 -10.12 -13.30 25.97
CA ILE C 3 -10.76 -12.36 25.05
C ILE C 3 -11.76 -13.08 24.16
N THR C 4 -12.95 -12.52 24.06
CA THR C 4 -14.06 -13.08 23.29
C THR C 4 -14.50 -12.08 22.22
N PRO C 5 -15.28 -12.52 21.22
CA PRO C 5 -15.81 -11.59 20.23
C PRO C 5 -16.79 -10.56 20.79
N ALA C 6 -17.10 -10.61 22.09
CA ALA C 6 -17.92 -9.56 22.69
C ALA C 6 -17.16 -8.25 22.83
N THR C 7 -15.83 -8.30 22.79
CA THR C 7 -15.05 -7.08 23.04
C THR C 7 -14.05 -6.83 21.91
N HIS C 8 -13.72 -7.87 21.15
CA HIS C 8 -12.65 -7.69 20.16
C HIS C 8 -12.83 -8.47 18.86
N ALA C 9 -12.27 -7.93 17.78
CA ALA C 9 -12.20 -8.69 16.53
C ALA C 9 -10.98 -9.60 16.72
N ILE C 10 -11.06 -10.84 16.26
CA ILE C 10 -9.94 -11.79 16.55
C ILE C 10 -9.53 -12.53 15.28
N SER C 11 -8.23 -12.53 15.01
CA SER C 11 -7.70 -13.30 13.90
C SER C 11 -7.03 -14.55 14.43
N ILE C 12 -7.33 -15.69 13.81
CA ILE C 12 -6.72 -16.97 14.14
C ILE C 12 -6.33 -17.66 12.82
N ASN C 13 -5.09 -18.14 12.75
CA ASN C 13 -4.65 -18.89 11.58
C ASN C 13 -5.40 -20.21 11.53
N PRO C 14 -6.28 -20.43 10.55
CA PRO C 14 -7.07 -21.68 10.53
C PRO C 14 -6.24 -22.91 10.22
N ALA C 15 -5.04 -22.77 9.65
CA ALA C 15 -4.19 -23.92 9.37
C ALA C 15 -3.51 -24.47 10.62
N THR C 16 -3.33 -23.64 11.65
CA THR C 16 -2.63 -24.04 12.86
C THR C 16 -3.42 -23.85 14.13
N GLY C 17 -4.44 -23.00 14.13
CA GLY C 17 -5.16 -22.69 15.35
C GLY C 17 -4.55 -21.59 16.19
N GLU C 18 -3.43 -21.00 15.77
CA GLU C 18 -2.75 -20.00 16.59
C GLU C 18 -3.43 -18.65 16.45
N GLN C 19 -3.61 -17.97 17.59
CA GLN C 19 -4.17 -16.63 17.57
C GLN C 19 -3.16 -15.66 16.97
N LEU C 20 -3.63 -14.80 16.07
CA LEU C 20 -2.76 -13.89 15.34
C LEU C 20 -2.84 -12.44 15.84
N SER C 21 -4.03 -11.97 16.20
CA SER C 21 -4.20 -10.57 16.58
C SER C 21 -5.58 -10.39 17.17
N VAL C 22 -5.73 -9.33 17.96
CA VAL C 22 -7.02 -8.91 18.47
C VAL C 22 -7.13 -7.40 18.28
N LEU C 23 -8.36 -6.94 18.05
CA LEU C 23 -8.60 -5.52 17.86
C LEU C 23 -9.93 -5.17 18.53
N PRO C 24 -9.93 -4.29 19.54
CA PRO C 24 -11.17 -3.98 20.23
C PRO C 24 -12.14 -3.22 19.33
N TRP C 25 -13.42 -3.35 19.63
CA TRP C 25 -14.43 -2.64 18.85
C TRP C 25 -14.23 -1.14 18.95
N ALA C 26 -14.51 -0.44 17.85
CA ALA C 26 -14.48 1.01 17.86
C ALA C 26 -15.45 1.57 18.89
N GLY C 27 -15.04 2.62 19.59
CA GLY C 27 -15.87 3.27 20.58
C GLY C 27 -16.65 4.45 19.99
N ALA C 28 -17.43 5.07 20.86
CA ALA C 28 -18.27 6.18 20.43
C ALA C 28 -17.45 7.31 19.80
N ASP C 29 -16.30 7.63 20.41
CA ASP C 29 -15.46 8.68 19.84
C ASP C 29 -14.83 8.23 18.52
N ASP C 30 -14.48 6.95 18.42
CA ASP C 30 -13.93 6.43 17.16
C ASP C 30 -14.94 6.57 16.04
N ILE C 31 -16.20 6.19 16.30
CA ILE C 31 -17.23 6.25 15.27
C ILE C 31 -17.46 7.70 14.83
N GLU C 32 -17.60 8.60 15.81
CA GLU C 32 -17.80 10.01 15.48
C GLU C 32 -16.63 10.55 14.65
N ASN C 33 -15.40 10.21 15.04
CA ASN C 33 -14.24 10.67 14.29
C ASN C 33 -14.23 10.12 12.87
N ALA C 34 -14.53 8.83 12.71
CA ALA C 34 -14.58 8.25 11.37
C ALA C 34 -15.66 8.94 10.52
N LEU C 35 -16.83 9.21 11.11
CA LEU C 35 -17.89 9.84 10.36
C LEU C 35 -17.56 11.29 10.00
N GLN C 36 -16.87 12.02 10.89
CA GLN C 36 -16.47 13.38 10.55
C GLN C 36 -15.50 13.39 9.39
N LEU C 37 -14.52 12.46 9.40
CA LEU C 37 -13.52 12.43 8.35
C LEU C 37 -14.13 12.04 7.01
N ALA C 38 -15.06 11.07 7.01
CA ALA C 38 -15.68 10.66 5.75
C ALA C 38 -16.53 11.78 5.17
N ALA C 39 -17.25 12.51 6.03
CA ALA C 39 -18.05 13.64 5.55
C ALA C 39 -17.17 14.71 4.95
N ALA C 40 -16.08 15.06 5.64
CA ALA C 40 -15.13 16.04 5.09
C ALA C 40 -14.47 15.52 3.82
N GLY C 41 -14.15 14.22 3.78
CA GLY C 41 -13.50 13.66 2.60
C GLY C 41 -14.41 13.68 1.39
N PHE C 42 -15.67 13.27 1.55
CA PHE C 42 -16.59 13.29 0.42
C PHE C 42 -16.83 14.71 -0.07
N ARG C 43 -16.94 15.65 0.86
CA ARG C 43 -17.19 17.05 0.51
C ARG C 43 -16.17 17.56 -0.50
N ASP C 44 -14.88 17.20 -0.32
CA ASP C 44 -13.85 17.61 -1.27
C ASP C 44 -13.75 16.66 -2.46
N TRP C 45 -13.86 15.35 -2.21
CA TRP C 45 -13.70 14.37 -3.29
C TRP C 45 -14.74 14.57 -4.38
N ARG C 46 -15.98 14.89 -4.01
CA ARG C 46 -17.04 15.06 -4.99
C ARG C 46 -16.76 16.21 -5.94
N GLU C 47 -15.87 17.13 -5.58
CA GLU C 47 -15.55 18.26 -6.43
C GLU C 47 -14.37 18.00 -7.36
N THR C 48 -13.82 16.80 -7.38
CA THR C 48 -12.68 16.54 -8.25
C THR C 48 -13.14 16.20 -9.66
N ASN C 49 -12.17 16.22 -10.58
CA ASN C 49 -12.43 15.88 -11.99
C ASN C 49 -12.46 14.37 -12.12
N ILE C 50 -13.30 13.87 -13.02
CA ILE C 50 -13.42 12.43 -13.21
C ILE C 50 -12.09 11.83 -13.67
N ASP C 51 -11.39 12.53 -14.58
CA ASP C 51 -10.11 12.02 -15.06
C ASP C 51 -9.07 11.98 -13.96
N TYR C 52 -9.12 12.90 -13.01
CA TYR C 52 -8.24 12.83 -11.85
C TYR C 52 -8.50 11.56 -11.05
N ARG C 53 -9.77 11.26 -10.80
CA ARG C 53 -10.10 10.05 -10.03
C ARG C 53 -9.71 8.79 -10.78
N ALA C 54 -9.83 8.80 -12.12
CA ALA C 54 -9.38 7.68 -12.92
C ALA C 54 -7.87 7.46 -12.75
N GLU C 55 -7.09 8.54 -12.79
CA GLU C 55 -5.65 8.41 -12.54
C GLU C 55 -5.39 7.88 -11.15
N LYS C 56 -6.18 8.30 -10.16
CA LYS C 56 -5.99 7.80 -8.80
C LYS C 56 -6.30 6.31 -8.71
N LEU C 57 -7.21 5.80 -9.54
CA LEU C 57 -7.45 4.36 -9.60
C LEU C 57 -6.19 3.62 -10.06
N ARG C 58 -5.53 4.14 -11.09
CA ARG C 58 -4.27 3.53 -11.52
C ARG C 58 -3.25 3.54 -10.40
N ASP C 59 -3.22 4.61 -9.61
CA ASP C 59 -2.32 4.66 -8.46
C ASP C 59 -2.65 3.58 -7.44
N ILE C 60 -3.94 3.31 -7.23
CA ILE C 60 -4.33 2.22 -6.35
C ILE C 60 -3.78 0.90 -6.88
N GLY C 61 -3.95 0.66 -8.18
CA GLY C 61 -3.44 -0.57 -8.78
C GLY C 61 -1.93 -0.71 -8.63
N LYS C 62 -1.20 0.39 -8.80
CA LYS C 62 0.25 0.34 -8.63
C LYS C 62 0.62 0.04 -7.19
N ALA C 63 -0.02 0.73 -6.23
CA ALA C 63 0.28 0.52 -4.82
C ALA C 63 -0.06 -0.90 -4.39
N LEU C 64 -1.12 -1.48 -4.96
CA LEU C 64 -1.51 -2.84 -4.60
C LEU C 64 -0.50 -3.86 -5.14
N ARG C 65 -0.12 -3.72 -6.41
CA ARG C 65 0.88 -4.63 -6.97
C ARG C 65 2.21 -4.55 -6.23
N ALA C 66 2.58 -3.35 -5.75
CA ALA C 66 3.82 -3.19 -5.01
C ALA C 66 3.80 -3.91 -3.67
N ARG C 67 2.62 -4.26 -3.16
CA ARG C 67 2.49 -5.05 -1.94
C ARG C 67 1.78 -6.38 -2.20
N SER C 68 1.82 -6.87 -3.44
CA SER C 68 1.00 -8.02 -3.83
C SER C 68 1.30 -9.24 -2.98
N GLU C 69 2.58 -9.52 -2.71
CA GLU C 69 2.92 -10.72 -1.94
C GLU C 69 2.64 -10.53 -0.46
N GLU C 70 2.92 -9.33 0.07
CA GLU C 70 2.52 -9.02 1.43
C GLU C 70 1.02 -9.19 1.63
N MET C 71 0.22 -8.73 0.65
CA MET C 71 -1.23 -8.88 0.73
C MET C 71 -1.65 -10.35 0.66
N ALA C 72 -1.16 -11.09 -0.34
CA ALA C 72 -1.57 -12.48 -0.49
C ALA C 72 -1.23 -13.31 0.75
N GLN C 73 -0.04 -13.08 1.33
CA GLN C 73 0.34 -13.83 2.52
C GLN C 73 -0.59 -13.53 3.68
N MET C 74 -1.02 -12.27 3.80
CA MET C 74 -1.93 -11.91 4.87
C MET C 74 -3.29 -12.56 4.67
N ILE C 75 -3.79 -12.58 3.43
CA ILE C 75 -5.05 -13.27 3.12
C ILE C 75 -4.95 -14.74 3.52
N THR C 76 -3.89 -15.41 3.07
CA THR C 76 -3.72 -16.84 3.37
C THR C 76 -3.59 -17.08 4.87
N ARG C 77 -2.83 -16.23 5.56
CA ARG C 77 -2.60 -16.42 6.99
C ARG C 77 -3.90 -16.28 7.78
N GLU C 78 -4.73 -15.30 7.43
CA GLU C 78 -5.91 -15.03 8.25
C GLU C 78 -7.07 -15.98 7.97
N MET C 79 -7.26 -16.43 6.73
CA MET C 79 -8.45 -17.24 6.45
C MET C 79 -8.20 -18.50 5.63
N GLY C 80 -6.94 -18.87 5.37
CA GLY C 80 -6.61 -20.22 4.93
C GLY C 80 -6.55 -20.45 3.43
N LYS C 81 -6.78 -19.43 2.61
CA LYS C 81 -6.81 -19.59 1.16
C LYS C 81 -5.46 -20.09 0.65
N PRO C 82 -5.44 -21.04 -0.28
CA PRO C 82 -4.17 -21.43 -0.92
C PRO C 82 -3.47 -20.22 -1.53
N ILE C 83 -2.13 -20.18 -1.35
CA ILE C 83 -1.40 -18.94 -1.57
C ILE C 83 -1.52 -18.47 -3.02
N ASN C 84 -1.52 -19.41 -3.98
CA ASN C 84 -1.68 -19.00 -5.37
C ASN C 84 -3.07 -18.46 -5.66
N GLN C 85 -4.08 -18.89 -4.91
CA GLN C 85 -5.41 -18.28 -5.04
C GLN C 85 -5.45 -16.89 -4.42
N ALA C 86 -4.69 -16.67 -3.34
CA ALA C 86 -4.59 -15.33 -2.77
C ALA C 86 -3.84 -14.40 -3.71
N ARG C 87 -2.81 -14.90 -4.39
CA ARG C 87 -2.10 -14.08 -5.37
C ARG C 87 -3.01 -13.73 -6.54
N ALA C 88 -3.81 -14.70 -7.02
CA ALA C 88 -4.76 -14.44 -8.09
C ALA C 88 -5.81 -13.41 -7.65
N GLU C 89 -6.22 -13.45 -6.39
CA GLU C 89 -7.17 -12.45 -5.89
C GLU C 89 -6.55 -11.04 -5.93
N VAL C 90 -5.29 -10.92 -5.55
CA VAL C 90 -4.60 -9.62 -5.64
C VAL C 90 -4.55 -9.16 -7.10
N ALA C 91 -4.13 -10.06 -8.00
CA ALA C 91 -3.98 -9.69 -9.41
C ALA C 91 -5.32 -9.26 -10.00
N LYS C 92 -6.39 -10.01 -9.73
CA LYS C 92 -7.71 -9.63 -10.22
C LYS C 92 -8.12 -8.26 -9.69
N SER C 93 -7.85 -8.00 -8.40
CA SER C 93 -8.22 -6.72 -7.79
C SER C 93 -7.45 -5.55 -8.39
N ALA C 94 -6.15 -5.75 -8.66
CA ALA C 94 -5.34 -4.67 -9.24
C ALA C 94 -5.78 -4.38 -10.67
N ASN C 95 -6.07 -5.41 -11.45
CA ASN C 95 -6.54 -5.21 -12.81
C ASN C 95 -7.89 -4.52 -12.81
N LEU C 96 -8.72 -4.75 -11.80
CA LEU C 96 -10.00 -4.07 -11.71
C LEU C 96 -9.81 -2.56 -11.61
N CYS C 97 -8.76 -2.13 -10.90
CA CYS C 97 -8.44 -0.71 -10.83
C CYS C 97 -8.15 -0.14 -12.20
N ASP C 98 -7.29 -0.83 -12.97
CA ASP C 98 -6.93 -0.36 -14.29
C ASP C 98 -8.13 -0.39 -15.24
N TRP C 99 -8.97 -1.42 -15.13
CA TRP C 99 -10.11 -1.54 -16.04
C TRP C 99 -11.11 -0.41 -15.83
N TYR C 100 -11.41 -0.10 -14.57
CA TYR C 100 -12.33 1.01 -14.32
C TYR C 100 -11.69 2.36 -14.64
N ALA C 101 -10.37 2.49 -14.45
CA ALA C 101 -9.71 3.72 -14.85
C ALA C 101 -9.89 3.98 -16.34
N GLU C 102 -9.81 2.93 -17.14
CA GLU C 102 -9.91 3.08 -18.60
C GLU C 102 -11.35 3.23 -19.06
N HIS C 103 -12.25 2.37 -18.61
CA HIS C 103 -13.60 2.31 -19.15
C HIS C 103 -14.64 3.02 -18.29
N GLY C 104 -14.35 3.29 -17.03
CA GLY C 104 -15.30 3.88 -16.10
C GLY C 104 -15.76 5.30 -16.45
N PRO C 105 -14.83 6.19 -16.78
CA PRO C 105 -15.24 7.58 -17.09
C PRO C 105 -16.31 7.68 -18.17
N ALA C 106 -16.21 6.89 -19.24
CA ALA C 106 -17.23 6.92 -20.29
C ALA C 106 -18.60 6.53 -19.73
N MET C 107 -18.63 5.57 -18.80
CA MET C 107 -19.89 5.13 -18.21
C MET C 107 -20.54 6.19 -17.34
N LEU C 108 -19.80 7.23 -16.95
CA LEU C 108 -20.34 8.28 -16.11
C LEU C 108 -20.62 9.57 -16.87
N LYS C 109 -20.44 9.56 -18.19
CA LYS C 109 -20.76 10.74 -19.00
C LYS C 109 -22.25 11.01 -18.96
N ALA C 110 -22.60 12.29 -19.06
CA ALA C 110 -23.99 12.68 -19.09
C ALA C 110 -24.72 11.99 -20.24
N GLU C 111 -25.98 11.67 -20.01
CA GLU C 111 -26.77 10.86 -20.93
C GLU C 111 -27.78 11.73 -21.66
N PRO C 112 -27.79 11.72 -22.99
CA PRO C 112 -28.83 12.46 -23.72
C PRO C 112 -30.19 11.79 -23.56
N THR C 113 -31.23 12.57 -23.76
CA THR C 113 -32.60 12.07 -23.70
C THR C 113 -33.30 12.35 -25.02
N LEU C 114 -34.52 11.83 -25.14
CA LEU C 114 -35.34 12.05 -26.32
C LEU C 114 -36.05 13.40 -26.32
N VAL C 115 -35.86 14.22 -25.28
CA VAL C 115 -36.51 15.53 -25.23
C VAL C 115 -35.94 16.42 -26.33
N GLU C 116 -36.83 17.15 -27.00
CA GLU C 116 -36.46 18.00 -28.12
C GLU C 116 -35.43 19.06 -27.71
N ASN C 117 -34.63 19.48 -28.69
CA ASN C 117 -33.67 20.58 -28.56
C ASN C 117 -32.56 20.28 -27.56
N GLN C 118 -32.33 19.01 -27.23
CA GLN C 118 -31.29 18.63 -26.27
C GLN C 118 -31.48 19.35 -24.94
N GLN C 119 -32.74 19.57 -24.55
CA GLN C 119 -33.04 20.32 -23.34
C GLN C 119 -32.70 19.54 -22.08
N ALA C 120 -32.75 18.21 -22.13
CA ALA C 120 -32.68 17.38 -20.94
C ALA C 120 -31.56 16.36 -21.09
N VAL C 121 -30.72 16.24 -20.06
CA VAL C 121 -29.70 15.22 -19.98
C VAL C 121 -29.77 14.57 -18.61
N ILE C 122 -29.24 13.36 -18.52
CA ILE C 122 -29.17 12.60 -17.27
C ILE C 122 -27.73 12.65 -16.77
N GLU C 123 -27.54 13.13 -15.56
CA GLU C 123 -26.21 13.26 -14.96
C GLU C 123 -26.04 12.24 -13.84
N TYR C 124 -24.84 11.68 -13.73
CA TYR C 124 -24.51 10.70 -12.68
C TYR C 124 -23.73 11.44 -11.59
N ARG C 125 -24.43 11.84 -10.55
CA ARG C 125 -23.85 12.54 -9.42
C ARG C 125 -23.52 11.58 -8.30
N PRO C 126 -22.46 11.86 -7.53
CA PRO C 126 -22.18 11.04 -6.35
C PRO C 126 -23.31 11.17 -5.34
N LEU C 127 -23.43 10.15 -4.50
CA LEU C 127 -24.46 10.10 -3.48
C LEU C 127 -23.95 10.54 -2.11
N GLY C 128 -22.72 10.18 -1.77
CA GLY C 128 -22.15 10.49 -0.47
C GLY C 128 -21.20 9.37 -0.03
N THR C 129 -21.12 9.19 1.28
CA THR C 129 -20.32 8.12 1.85
C THR C 129 -21.14 6.84 1.92
N ILE C 130 -20.64 5.77 1.32
CA ILE C 130 -21.30 4.48 1.30
C ILE C 130 -20.69 3.60 2.39
N LEU C 131 -21.53 3.12 3.30
CA LEU C 131 -21.10 2.16 4.31
C LEU C 131 -21.07 0.78 3.67
N ALA C 132 -19.94 0.10 3.76
CA ALA C 132 -19.76 -1.20 3.14
C ALA C 132 -19.48 -2.26 4.20
N ILE C 133 -20.28 -3.33 4.17
CA ILE C 133 -20.19 -4.43 5.12
C ILE C 133 -19.78 -5.65 4.32
N MET C 134 -18.61 -6.22 4.65
CA MET C 134 -17.94 -7.18 3.78
C MET C 134 -17.60 -8.47 4.51
N PRO C 135 -17.39 -9.57 3.75
CA PRO C 135 -17.11 -10.88 4.36
C PRO C 135 -15.65 -11.31 4.19
N TRP C 136 -15.28 -12.44 4.79
CA TRP C 136 -13.89 -12.88 4.87
C TRP C 136 -13.44 -13.77 3.70
N ASN C 137 -14.35 -14.24 2.83
CA ASN C 137 -13.93 -15.29 1.89
C ASN C 137 -13.03 -14.75 0.80
N PHE C 138 -13.24 -13.51 0.36
CA PHE C 138 -12.30 -12.78 -0.50
C PHE C 138 -12.03 -11.45 0.19
N PRO C 139 -11.12 -11.43 1.16
CA PRO C 139 -10.97 -10.23 2.01
C PRO C 139 -10.54 -8.98 1.26
N LEU C 140 -9.88 -9.15 0.11
CA LEU C 140 -9.48 -8.02 -0.73
C LEU C 140 -10.46 -7.80 -1.87
N TRP C 141 -10.75 -8.84 -2.66
CA TRP C 141 -11.57 -8.66 -3.85
C TRP C 141 -12.96 -8.17 -3.51
N GLN C 142 -13.56 -8.65 -2.41
CA GLN C 142 -14.90 -8.17 -2.05
C GLN C 142 -14.90 -6.67 -1.75
N VAL C 143 -13.84 -6.18 -1.10
CA VAL C 143 -13.72 -4.75 -0.84
C VAL C 143 -13.53 -3.98 -2.15
N MET C 144 -12.59 -4.43 -2.98
CA MET C 144 -12.24 -3.69 -4.18
C MET C 144 -13.37 -3.70 -5.20
N ARG C 145 -14.12 -4.81 -5.27
CA ARG C 145 -15.20 -4.95 -6.25
C ARG C 145 -16.19 -3.80 -6.14
N GLY C 146 -16.45 -3.32 -4.93
CA GLY C 146 -17.29 -2.16 -4.73
C GLY C 146 -16.54 -0.86 -4.58
N ALA C 147 -15.42 -0.86 -3.83
CA ALA C 147 -14.71 0.37 -3.52
C ALA C 147 -14.26 1.10 -4.79
N VAL C 148 -13.72 0.37 -5.75
CA VAL C 148 -13.19 0.97 -6.97
C VAL C 148 -14.27 1.75 -7.74
N PRO C 149 -15.40 1.15 -8.13
CA PRO C 149 -16.40 1.98 -8.83
C PRO C 149 -17.06 3.02 -7.95
N ILE C 150 -17.31 2.71 -6.68
CA ILE C 150 -17.96 3.67 -5.79
C ILE C 150 -17.14 4.95 -5.68
N ILE C 151 -15.83 4.81 -5.52
CA ILE C 151 -14.94 5.96 -5.38
C ILE C 151 -14.78 6.68 -6.71
N LEU C 152 -14.72 5.93 -7.83
CA LEU C 152 -14.59 6.58 -9.13
C LEU C 152 -15.80 7.47 -9.42
N ALA C 153 -16.98 7.05 -8.97
CA ALA C 153 -18.19 7.84 -9.16
C ALA C 153 -18.21 9.09 -8.28
N GLY C 154 -17.19 9.32 -7.46
CA GLY C 154 -17.15 10.49 -6.61
C GLY C 154 -17.66 10.28 -5.20
N ASN C 155 -18.01 9.05 -4.83
CA ASN C 155 -18.48 8.75 -3.48
C ASN C 155 -17.30 8.51 -2.55
N GLY C 156 -17.60 8.48 -1.25
CA GLY C 156 -16.71 7.91 -0.27
C GLY C 156 -17.09 6.48 0.06
N TYR C 157 -16.14 5.74 0.60
CA TYR C 157 -16.31 4.32 0.92
C TYR C 157 -15.81 4.11 2.35
N LEU C 158 -16.67 3.56 3.20
CA LEU C 158 -16.35 3.35 4.61
C LEU C 158 -16.52 1.87 4.91
N LEU C 159 -15.40 1.16 5.08
CA LEU C 159 -15.38 -0.28 5.18
C LEU C 159 -15.61 -0.76 6.62
N LYS C 160 -16.55 -1.67 6.79
CA LYS C 160 -16.70 -2.44 8.03
C LYS C 160 -16.40 -3.87 7.63
N HIS C 161 -15.17 -4.33 7.87
CA HIS C 161 -14.78 -5.64 7.39
C HIS C 161 -15.12 -6.75 8.38
N ALA C 162 -15.07 -7.97 7.90
CA ALA C 162 -15.36 -9.13 8.74
C ALA C 162 -14.36 -9.20 9.89
N PRO C 163 -14.79 -9.57 11.10
CA PRO C 163 -13.92 -9.47 12.28
C PRO C 163 -12.74 -10.42 12.30
N ASN C 164 -12.68 -11.41 11.39
CA ASN C 164 -11.55 -12.34 11.37
C ASN C 164 -10.51 -11.97 10.31
N VAL C 165 -10.67 -10.84 9.62
CA VAL C 165 -9.68 -10.43 8.62
C VAL C 165 -9.31 -8.96 8.78
N MET C 166 -9.21 -8.48 10.02
CA MET C 166 -8.82 -7.09 10.25
C MET C 166 -7.35 -6.84 9.95
N GLY C 167 -6.51 -7.87 9.91
CA GLY C 167 -5.18 -7.69 9.36
C GLY C 167 -5.23 -7.33 7.88
N CYS C 168 -6.07 -8.03 7.13
CA CYS C 168 -6.29 -7.67 5.74
C CYS C 168 -6.87 -6.27 5.61
N ALA C 169 -7.81 -5.93 6.48
CA ALA C 169 -8.44 -4.60 6.41
C ALA C 169 -7.41 -3.52 6.65
N GLN C 170 -6.52 -3.72 7.62
CA GLN C 170 -5.51 -2.69 7.91
C GLN C 170 -4.52 -2.58 6.77
N LEU C 171 -4.19 -3.70 6.12
CA LEU C 171 -3.28 -3.66 4.99
C LEU C 171 -3.92 -2.99 3.78
N ILE C 172 -5.20 -3.25 3.55
CA ILE C 172 -5.90 -2.57 2.45
C ILE C 172 -5.84 -1.07 2.64
N ALA C 173 -6.08 -0.61 3.88
CA ALA C 173 -6.02 0.82 4.15
C ALA C 173 -4.64 1.39 3.84
N GLN C 174 -3.59 0.62 4.14
CA GLN C 174 -2.23 1.07 3.87
C GLN C 174 -1.99 1.20 2.37
N VAL C 175 -2.55 0.29 1.58
CA VAL C 175 -2.44 0.38 0.12
C VAL C 175 -3.11 1.65 -0.38
N PHE C 176 -4.32 1.93 0.10
CA PHE C 176 -5.02 3.14 -0.33
C PHE C 176 -4.25 4.38 0.09
N LYS C 177 -3.63 4.34 1.27
CA LYS C 177 -2.79 5.44 1.72
C LYS C 177 -1.57 5.58 0.82
N ASP C 178 -0.92 4.46 0.50
CA ASP C 178 0.20 4.47 -0.45
C ASP C 178 -0.18 5.15 -1.76
N ALA C 179 -1.42 4.96 -2.19
CA ALA C 179 -1.89 5.46 -3.48
C ALA C 179 -2.31 6.92 -3.43
N GLY C 180 -2.33 7.54 -2.25
CA GLY C 180 -2.73 8.92 -2.15
C GLY C 180 -4.22 9.15 -2.08
N ILE C 181 -4.99 8.13 -1.75
CA ILE C 181 -6.43 8.29 -1.56
C ILE C 181 -6.69 8.88 -0.17
N PRO C 182 -7.41 9.99 -0.06
CA PRO C 182 -7.64 10.58 1.27
C PRO C 182 -8.28 9.61 2.24
N GLN C 183 -7.98 9.77 3.53
CA GLN C 183 -8.56 8.86 4.57
C GLN C 183 -10.06 9.10 4.68
N GLY C 184 -10.53 10.29 4.28
CA GLY C 184 -11.95 10.54 4.28
C GLY C 184 -12.68 10.05 3.05
N VAL C 185 -11.97 9.46 2.09
CA VAL C 185 -12.55 8.90 0.87
C VAL C 185 -12.56 7.38 0.91
N TYR C 186 -11.43 6.78 1.28
CA TYR C 186 -11.38 5.39 1.70
C TYR C 186 -11.05 5.36 3.18
N GLY C 187 -12.02 4.94 4.00
CA GLY C 187 -11.82 4.77 5.41
C GLY C 187 -12.36 3.41 5.86
N TRP C 188 -12.15 3.12 7.14
CA TRP C 188 -12.60 1.86 7.69
C TRP C 188 -12.78 2.00 9.20
N LEU C 189 -13.55 1.09 9.77
CA LEU C 189 -13.88 1.11 11.19
C LEU C 189 -14.06 -0.32 11.67
N ASN C 190 -13.51 -0.61 12.85
CA ASN C 190 -13.75 -1.90 13.52
C ASN C 190 -14.99 -1.82 14.41
N ALA C 191 -16.12 -1.57 13.77
CA ALA C 191 -17.38 -1.40 14.48
C ALA C 191 -18.03 -2.74 14.80
N ASP C 192 -18.66 -2.83 15.96
CA ASP C 192 -19.51 -3.99 16.22
C ASP C 192 -20.87 -3.76 15.57
N ASN C 193 -21.79 -4.70 15.78
CA ASN C 193 -23.10 -4.63 15.12
C ASN C 193 -23.85 -3.37 15.54
N ASP C 194 -23.75 -3.00 16.82
CA ASP C 194 -24.41 -1.77 17.27
C ASP C 194 -23.78 -0.53 16.64
N GLY C 195 -22.47 -0.55 16.41
CA GLY C 195 -21.84 0.57 15.73
C GLY C 195 -22.30 0.71 14.29
N VAL C 196 -22.50 -0.42 13.60
CA VAL C 196 -23.09 -0.38 12.26
C VAL C 196 -24.50 0.22 12.32
N SER C 197 -25.29 -0.20 13.29
CA SER C 197 -26.64 0.34 13.46
C SER C 197 -26.61 1.85 13.66
N GLN C 198 -25.68 2.32 14.49
CA GLN C 198 -25.53 3.76 14.70
C GLN C 198 -25.18 4.47 13.40
N MET C 199 -24.30 3.87 12.59
CA MET C 199 -23.83 4.56 11.40
C MET C 199 -24.91 4.64 10.33
N ILE C 200 -25.69 3.56 10.17
CA ILE C 200 -26.78 3.57 9.20
C ILE C 200 -27.75 4.72 9.50
N LYS C 201 -28.01 4.98 10.78
CA LYS C 201 -28.90 6.06 11.19
C LYS C 201 -28.27 7.44 11.07
N ASP C 202 -26.95 7.54 10.90
CA ASP C 202 -26.27 8.82 10.89
C ASP C 202 -26.43 9.51 9.54
N SER C 203 -26.66 10.83 9.57
CA SER C 203 -26.89 11.59 8.34
C SER C 203 -25.69 11.58 7.40
N ARG C 204 -24.50 11.26 7.89
CA ARG C 204 -23.30 11.29 7.07
C ARG C 204 -23.06 9.98 6.31
N ILE C 205 -23.91 8.97 6.50
CA ILE C 205 -23.90 7.77 5.67
C ILE C 205 -25.05 7.87 4.68
N ALA C 206 -24.73 7.90 3.38
CA ALA C 206 -25.75 8.11 2.36
C ALA C 206 -26.45 6.82 1.95
N ALA C 207 -25.74 5.69 1.92
CA ALA C 207 -26.31 4.42 1.49
C ALA C 207 -25.42 3.31 2.02
N VAL C 208 -25.87 2.06 1.84
CA VAL C 208 -25.23 0.90 2.43
C VAL C 208 -25.08 -0.18 1.36
N THR C 209 -23.97 -0.89 1.39
CA THR C 209 -23.82 -2.09 0.56
C THR C 209 -23.33 -3.23 1.43
N VAL C 210 -23.88 -4.42 1.21
CA VAL C 210 -23.64 -5.57 2.06
C VAL C 210 -23.29 -6.77 1.18
N THR C 211 -22.17 -7.41 1.48
CA THR C 211 -21.83 -8.72 0.94
C THR C 211 -21.68 -9.66 2.12
N GLY C 212 -22.58 -10.63 2.22
CA GLY C 212 -22.59 -11.47 3.41
C GLY C 212 -23.68 -12.50 3.35
N SER C 213 -24.02 -13.03 4.52
CA SER C 213 -25.04 -14.06 4.59
C SER C 213 -26.44 -13.48 4.44
N VAL C 214 -27.40 -14.38 4.21
CA VAL C 214 -28.81 -13.98 4.11
C VAL C 214 -29.26 -13.32 5.42
N ARG C 215 -28.86 -13.89 6.56
CA ARG C 215 -29.24 -13.33 7.84
C ARG C 215 -28.69 -11.92 8.03
N ALA C 216 -27.43 -11.69 7.65
CA ALA C 216 -26.86 -10.35 7.74
C ALA C 216 -27.58 -9.39 6.81
N GLY C 217 -27.92 -9.83 5.60
CA GLY C 217 -28.62 -8.97 4.67
C GLY C 217 -29.97 -8.53 5.18
N ALA C 218 -30.72 -9.45 5.80
CA ALA C 218 -32.03 -9.08 6.33
C ALA C 218 -31.92 -8.10 7.48
N ALA C 219 -30.91 -8.28 8.35
CA ALA C 219 -30.78 -7.39 9.50
C ALA C 219 -30.34 -6.00 9.08
N ILE C 220 -29.42 -5.91 8.13
CA ILE C 220 -28.93 -4.59 7.70
C ILE C 220 -29.90 -3.95 6.72
N GLY C 221 -30.52 -4.75 5.84
CA GLY C 221 -31.45 -4.17 4.89
C GLY C 221 -32.66 -3.54 5.56
N ALA C 222 -33.16 -4.17 6.64
CA ALA C 222 -34.26 -3.60 7.39
C ALA C 222 -33.88 -2.26 8.00
N GLN C 223 -32.63 -2.14 8.46
CA GLN C 223 -32.18 -0.89 9.05
C GLN C 223 -31.97 0.19 8.00
N ALA C 224 -31.41 -0.18 6.84
CA ALA C 224 -31.26 0.78 5.76
C ALA C 224 -32.62 1.31 5.32
N GLY C 225 -33.58 0.42 5.10
CA GLY C 225 -34.92 0.86 4.72
C GLY C 225 -35.55 1.76 5.77
N ALA C 226 -35.39 1.41 7.05
CA ALA C 226 -35.95 2.25 8.11
C ALA C 226 -35.34 3.64 8.11
N ALA C 227 -34.06 3.76 7.76
CA ALA C 227 -33.37 5.05 7.70
C ALA C 227 -33.50 5.72 6.33
N LEU C 228 -34.28 5.14 5.42
CA LEU C 228 -34.45 5.68 4.07
C LEU C 228 -33.11 5.80 3.35
N LYS C 229 -32.27 4.79 3.50
CA LYS C 229 -31.00 4.67 2.79
C LYS C 229 -31.09 3.52 1.81
N LYS C 230 -30.73 3.78 0.56
CA LYS C 230 -30.69 2.69 -0.42
C LYS C 230 -29.64 1.68 0.00
N CYS C 231 -29.91 0.41 -0.30
CA CYS C 231 -28.91 -0.63 -0.08
C CYS C 231 -28.81 -1.55 -1.29
N VAL C 232 -27.65 -2.18 -1.42
CA VAL C 232 -27.43 -3.30 -2.33
C VAL C 232 -27.05 -4.50 -1.47
N LEU C 233 -27.71 -5.63 -1.69
CA LEU C 233 -27.48 -6.83 -0.91
C LEU C 233 -26.98 -7.93 -1.84
N GLU C 234 -25.75 -8.37 -1.61
CA GLU C 234 -25.14 -9.49 -2.35
C GLU C 234 -24.96 -10.61 -1.35
N LEU C 235 -25.89 -11.55 -1.33
CA LEU C 235 -25.98 -12.48 -0.23
C LEU C 235 -25.58 -13.90 -0.69
N GLY C 236 -26.02 -14.91 0.03
CA GLY C 236 -25.58 -16.26 -0.24
C GLY C 236 -26.01 -16.76 -1.61
N GLY C 237 -25.45 -17.90 -1.97
CA GLY C 237 -25.87 -18.60 -3.17
C GLY C 237 -25.91 -20.09 -2.91
N SER C 238 -26.77 -20.77 -3.65
CA SER C 238 -26.73 -22.24 -3.73
C SER C 238 -26.86 -22.60 -5.22
N ASP C 239 -25.84 -22.20 -5.99
CA ASP C 239 -25.97 -22.18 -7.43
C ASP C 239 -26.18 -23.58 -7.98
N PRO C 240 -27.11 -23.77 -8.91
CA PRO C 240 -27.23 -25.06 -9.60
C PRO C 240 -26.22 -25.16 -10.74
N PHE C 241 -25.82 -26.40 -11.02
CA PHE C 241 -24.88 -26.74 -12.07
C PHE C 241 -25.53 -27.90 -12.84
N ILE C 242 -26.13 -27.59 -13.98
CA ILE C 242 -26.96 -28.53 -14.72
C ILE C 242 -26.14 -29.18 -15.83
N VAL C 243 -26.15 -30.51 -15.88
CA VAL C 243 -25.51 -31.27 -16.95
C VAL C 243 -26.57 -32.13 -17.63
N LEU C 244 -26.78 -31.90 -18.92
CA LEU C 244 -27.73 -32.68 -19.69
C LEU C 244 -27.02 -33.84 -20.40
N ASN C 245 -27.81 -34.77 -20.94
CA ASN C 245 -27.27 -36.00 -21.51
C ASN C 245 -26.31 -35.75 -22.66
N ASP C 246 -26.47 -34.63 -23.38
CA ASP C 246 -25.65 -34.35 -24.56
C ASP C 246 -24.47 -33.43 -24.26
N ALA C 247 -24.08 -33.32 -22.99
CA ALA C 247 -23.06 -32.37 -22.60
C ALA C 247 -21.65 -32.87 -22.94
N ASP C 248 -20.74 -31.92 -23.12
CA ASP C 248 -19.30 -32.19 -23.10
C ASP C 248 -18.93 -32.64 -21.70
N LEU C 249 -18.91 -33.95 -21.47
CA LEU C 249 -18.84 -34.47 -20.10
C LEU C 249 -17.52 -34.12 -19.43
N GLU C 250 -16.40 -34.25 -20.15
CA GLU C 250 -15.11 -34.00 -19.52
C GLU C 250 -14.95 -32.54 -19.13
N LEU C 251 -15.41 -31.62 -19.98
CA LEU C 251 -15.38 -30.20 -19.62
C LEU C 251 -16.34 -29.90 -18.49
N ALA C 252 -17.52 -30.53 -18.50
CA ALA C 252 -18.48 -30.35 -17.41
C ALA C 252 -17.87 -30.76 -16.08
N VAL C 253 -17.16 -31.88 -16.04
CA VAL C 253 -16.55 -32.33 -14.78
C VAL C 253 -15.45 -31.39 -14.34
N LYS C 254 -14.63 -30.90 -15.28
CA LYS C 254 -13.59 -29.94 -14.93
C LYS C 254 -14.19 -28.67 -14.35
N ALA C 255 -15.20 -28.12 -15.03
CA ALA C 255 -15.84 -26.90 -14.52
C ALA C 255 -16.60 -27.17 -13.24
N ALA C 256 -17.16 -28.38 -13.09
CA ALA C 256 -17.88 -28.71 -11.86
C ALA C 256 -16.92 -28.71 -10.67
N VAL C 257 -15.77 -29.36 -10.84
CA VAL C 257 -14.79 -29.46 -9.75
C VAL C 257 -14.23 -28.08 -9.42
N ALA C 258 -13.86 -27.31 -10.45
CA ALA C 258 -13.36 -25.96 -10.21
C ALA C 258 -14.43 -25.09 -9.54
N GLY C 259 -15.68 -25.23 -9.98
CA GLY C 259 -16.73 -24.38 -9.44
C GLY C 259 -17.07 -24.69 -7.99
N ARG C 260 -17.03 -25.97 -7.62
CA ARG C 260 -17.37 -26.33 -6.24
C ARG C 260 -16.22 -26.06 -5.27
N TYR C 261 -14.99 -26.38 -5.67
CA TYR C 261 -13.90 -26.49 -4.71
C TYR C 261 -12.94 -25.32 -4.70
N ARG C 262 -13.11 -24.33 -5.59
CA ARG C 262 -12.28 -23.13 -5.49
C ARG C 262 -12.48 -22.47 -4.13
N ASN C 263 -11.40 -21.87 -3.61
CA ASN C 263 -11.38 -21.25 -2.27
C ASN C 263 -11.93 -22.19 -1.20
N THR C 264 -11.56 -23.47 -1.30
CA THR C 264 -12.01 -24.49 -0.35
C THR C 264 -13.54 -24.48 -0.22
N GLY C 265 -14.22 -24.25 -1.34
CA GLY C 265 -15.67 -24.26 -1.39
C GLY C 265 -16.34 -23.00 -0.90
N GLN C 266 -15.59 -22.04 -0.37
CA GLN C 266 -16.16 -20.86 0.27
C GLN C 266 -16.32 -19.73 -0.75
N VAL C 267 -17.24 -19.95 -1.70
CA VAL C 267 -17.51 -19.00 -2.76
C VAL C 267 -19.02 -18.79 -2.89
N CYS C 268 -19.44 -17.53 -2.95
CA CYS C 268 -20.87 -17.21 -3.06
C CYS C 268 -21.50 -17.85 -4.29
N ALA C 269 -20.88 -17.64 -5.46
CA ALA C 269 -21.36 -18.21 -6.71
C ALA C 269 -20.72 -19.55 -7.04
N ALA C 270 -20.31 -20.30 -6.03
CA ALA C 270 -19.79 -21.64 -6.28
C ALA C 270 -20.88 -22.54 -6.83
N ALA C 271 -20.49 -23.51 -7.65
CA ALA C 271 -21.42 -24.58 -8.03
C ALA C 271 -21.67 -25.42 -6.79
N LYS C 272 -22.89 -25.39 -6.26
CA LYS C 272 -23.20 -26.11 -5.03
C LYS C 272 -24.19 -27.26 -5.21
N ARG C 273 -25.15 -27.15 -6.13
CA ARG C 273 -26.15 -28.17 -6.37
C ARG C 273 -25.95 -28.71 -7.78
N PHE C 274 -25.36 -29.90 -7.90
CA PHE C 274 -25.18 -30.51 -9.20
C PHE C 274 -26.44 -31.28 -9.57
N ILE C 275 -27.02 -30.92 -10.71
CA ILE C 275 -28.31 -31.43 -11.17
C ILE C 275 -28.06 -32.08 -12.52
N ILE C 276 -28.08 -33.42 -12.55
CA ILE C 276 -27.56 -34.20 -13.66
C ILE C 276 -28.69 -35.01 -14.28
N GLU C 277 -28.84 -34.92 -15.59
CA GLU C 277 -29.87 -35.70 -16.27
C GLU C 277 -29.55 -37.18 -16.11
N GLU C 278 -30.62 -37.97 -15.95
CA GLU C 278 -30.47 -39.35 -15.50
C GLU C 278 -29.57 -40.17 -16.42
N GLY C 279 -29.66 -39.94 -17.74
CA GLY C 279 -28.90 -40.75 -18.67
C GLY C 279 -27.40 -40.62 -18.51
N ILE C 280 -26.93 -39.47 -18.03
CA ILE C 280 -25.50 -39.20 -17.89
C ILE C 280 -25.05 -39.15 -16.44
N ALA C 281 -25.95 -39.44 -15.49
CA ALA C 281 -25.67 -39.17 -14.09
C ALA C 281 -24.59 -40.09 -13.53
N SER C 282 -24.64 -41.38 -13.86
CA SER C 282 -23.62 -42.30 -13.38
C SER C 282 -22.25 -41.94 -13.96
N ALA C 283 -22.20 -41.62 -15.26
CA ALA C 283 -20.93 -41.25 -15.87
C ALA C 283 -20.39 -39.96 -15.27
N PHE C 284 -21.25 -38.96 -15.05
CA PHE C 284 -20.81 -37.72 -14.42
C PHE C 284 -20.34 -37.98 -13.00
N THR C 285 -21.14 -38.73 -12.23
CA THR C 285 -20.87 -38.89 -10.81
C THR C 285 -19.55 -39.61 -10.57
N GLU C 286 -19.29 -40.68 -11.31
CA GLU C 286 -18.02 -41.39 -11.13
C GLU C 286 -16.84 -40.51 -11.51
N ARG C 287 -16.96 -39.75 -12.61
CA ARG C 287 -15.85 -38.89 -13.02
C ARG C 287 -15.66 -37.73 -12.05
N PHE C 288 -16.76 -37.19 -11.53
CA PHE C 288 -16.64 -36.07 -10.59
C PHE C 288 -15.97 -36.51 -9.31
N VAL C 289 -16.31 -37.70 -8.80
CA VAL C 289 -15.69 -38.20 -7.58
C VAL C 289 -14.19 -38.40 -7.79
N ALA C 290 -13.82 -39.05 -8.90
CA ALA C 290 -12.40 -39.27 -9.17
C ALA C 290 -11.64 -37.95 -9.29
N ALA C 291 -12.26 -36.95 -9.91
CA ALA C 291 -11.60 -35.66 -10.08
C ALA C 291 -11.48 -34.92 -8.75
N ALA C 292 -12.56 -34.89 -7.96
CA ALA C 292 -12.48 -34.25 -6.65
C ALA C 292 -11.47 -34.94 -5.74
N ALA C 293 -11.33 -36.26 -5.88
CA ALA C 293 -10.39 -37.01 -5.05
C ALA C 293 -8.95 -36.65 -5.35
N ALA C 294 -8.66 -36.15 -6.55
CA ALA C 294 -7.31 -35.78 -6.93
C ALA C 294 -6.87 -34.42 -6.40
N LEU C 295 -7.74 -33.73 -5.66
CA LEU C 295 -7.40 -32.42 -5.11
C LEU C 295 -6.60 -32.60 -3.83
N LYS C 296 -5.39 -32.04 -3.81
CA LYS C 296 -4.55 -32.09 -2.61
C LYS C 296 -4.98 -31.01 -1.62
N MET C 297 -4.92 -31.36 -0.34
CA MET C 297 -5.31 -30.44 0.73
C MET C 297 -4.25 -30.42 1.80
N GLY C 298 -3.92 -29.22 2.28
CA GLY C 298 -2.94 -29.08 3.34
C GLY C 298 -2.57 -27.62 3.55
N ASP C 299 -1.37 -27.42 4.10
CA ASP C 299 -0.81 -26.10 4.36
C ASP C 299 -1.00 -25.18 3.14
N PRO C 300 -1.75 -24.08 3.26
CA PRO C 300 -2.00 -23.24 2.08
C PRO C 300 -0.80 -22.43 1.62
N ARG C 301 0.30 -22.41 2.39
CA ARG C 301 1.54 -21.81 1.92
C ARG C 301 2.31 -22.72 0.98
N ASP C 302 1.96 -24.01 0.94
CA ASP C 302 2.53 -24.96 -0.01
C ASP C 302 1.67 -24.94 -1.27
N GLU C 303 2.27 -24.57 -2.40
CA GLU C 303 1.53 -24.41 -3.64
C GLU C 303 1.07 -25.72 -4.26
N GLU C 304 1.50 -26.87 -3.75
CA GLU C 304 0.94 -28.14 -4.23
C GLU C 304 -0.52 -28.30 -3.85
N ASN C 305 -0.99 -27.59 -2.83
CA ASN C 305 -2.29 -27.85 -2.25
C ASN C 305 -3.36 -27.03 -2.98
N ALA C 306 -4.38 -27.73 -3.49
CA ALA C 306 -5.51 -27.08 -4.14
C ALA C 306 -6.54 -26.56 -3.14
N LEU C 307 -6.60 -27.14 -1.94
CA LEU C 307 -7.47 -26.68 -0.88
C LEU C 307 -6.65 -26.44 0.38
N GLY C 308 -7.08 -25.46 1.16
CA GLY C 308 -6.50 -25.23 2.46
C GLY C 308 -7.48 -25.65 3.54
N PRO C 309 -7.26 -25.19 4.77
CA PRO C 309 -8.28 -25.33 5.79
C PRO C 309 -9.45 -24.41 5.50
N MET C 310 -10.61 -24.74 6.07
CA MET C 310 -11.70 -23.79 6.09
C MET C 310 -11.36 -22.61 7.00
N ALA C 311 -11.99 -21.45 6.73
CA ALA C 311 -11.58 -20.23 7.42
C ALA C 311 -11.93 -20.25 8.91
N ARG C 312 -13.11 -20.77 9.26
CA ARG C 312 -13.63 -20.62 10.62
C ARG C 312 -13.95 -21.98 11.22
N PHE C 313 -13.45 -22.23 12.44
CA PHE C 313 -13.66 -23.51 13.08
C PHE C 313 -15.14 -23.78 13.31
N ASP C 314 -15.89 -22.75 13.73
CA ASP C 314 -17.32 -22.95 13.97
C ASP C 314 -18.07 -23.24 12.69
N LEU C 315 -17.61 -22.70 11.55
CA LEU C 315 -18.28 -22.94 10.29
C LEU C 315 -17.95 -24.32 9.72
N ARG C 316 -16.75 -24.86 9.99
CA ARG C 316 -16.52 -26.26 9.68
C ARG C 316 -17.44 -27.15 10.49
N ASP C 317 -17.66 -26.81 11.76
CA ASP C 317 -18.61 -27.54 12.58
C ASP C 317 -20.00 -27.48 11.98
N GLU C 318 -20.44 -26.29 11.56
CA GLU C 318 -21.75 -26.14 10.94
C GLU C 318 -21.84 -26.97 9.67
N LEU C 319 -20.81 -26.88 8.82
CA LEU C 319 -20.81 -27.64 7.57
C LEU C 319 -20.89 -29.14 7.83
N HIS C 320 -20.10 -29.65 8.78
CA HIS C 320 -20.14 -31.09 9.05
C HIS C 320 -21.50 -31.51 9.61
N HIS C 321 -22.12 -30.64 10.41
CA HIS C 321 -23.48 -30.92 10.87
C HIS C 321 -24.44 -31.01 9.70
N GLN C 322 -24.30 -30.12 8.72
CA GLN C 322 -25.13 -30.18 7.52
C GLN C 322 -24.91 -31.50 6.77
N VAL C 323 -23.65 -31.96 6.72
CA VAL C 323 -23.36 -33.24 6.07
C VAL C 323 -24.03 -34.39 6.81
N GLU C 324 -23.88 -34.41 8.14
CA GLU C 324 -24.50 -35.47 8.94
C GLU C 324 -26.01 -35.48 8.77
N LYS C 325 -26.65 -34.30 8.81
CA LYS C 325 -28.10 -34.26 8.64
C LYS C 325 -28.50 -34.79 7.27
N THR C 326 -27.78 -34.39 6.22
CA THR C 326 -28.12 -34.86 4.88
C THR C 326 -27.95 -36.37 4.76
N LEU C 327 -26.89 -36.91 5.34
CA LEU C 327 -26.72 -38.36 5.36
C LEU C 327 -27.86 -39.04 6.12
N ALA C 328 -28.23 -38.48 7.28
CA ALA C 328 -29.32 -39.06 8.05
C ALA C 328 -30.64 -39.02 7.29
N GLN C 329 -30.81 -38.06 6.39
CA GLN C 329 -32.04 -37.94 5.60
C GLN C 329 -32.08 -38.87 4.40
N GLY C 330 -30.97 -39.53 4.05
CA GLY C 330 -31.02 -40.52 3.00
C GLY C 330 -29.97 -40.40 1.91
N ALA C 331 -29.14 -39.35 1.97
CA ALA C 331 -28.07 -39.21 0.99
C ALA C 331 -26.99 -40.25 1.21
N ARG C 332 -26.20 -40.49 0.15
CA ARG C 332 -25.06 -41.40 0.19
C ARG C 332 -23.75 -40.62 0.17
N LEU C 333 -22.81 -41.05 1.00
CA LEU C 333 -21.48 -40.44 1.05
C LEU C 333 -20.59 -41.12 0.01
N LEU C 334 -20.03 -40.33 -0.91
CA LEU C 334 -19.16 -40.89 -1.93
C LEU C 334 -17.70 -40.48 -1.77
N LEU C 335 -17.40 -39.53 -0.88
CA LEU C 335 -16.06 -38.99 -0.73
C LEU C 335 -16.03 -38.09 0.50
N GLY C 336 -14.97 -38.22 1.29
CA GLY C 336 -14.74 -37.27 2.39
C GLY C 336 -15.78 -37.41 3.48
N GLY C 337 -16.32 -36.26 3.93
CA GLY C 337 -17.40 -36.28 4.90
C GLY C 337 -17.02 -36.52 6.35
N GLU C 338 -15.80 -36.18 6.74
CA GLU C 338 -15.40 -36.23 8.14
C GLU C 338 -14.40 -35.10 8.40
N LYS C 339 -14.47 -34.53 9.60
CA LYS C 339 -13.47 -33.53 9.97
C LYS C 339 -12.11 -34.19 10.11
N MET C 340 -11.09 -33.53 9.55
CA MET C 340 -9.72 -34.02 9.73
C MET C 340 -9.27 -33.77 11.16
N ALA C 341 -8.67 -34.78 11.78
CA ALA C 341 -8.05 -34.61 13.08
C ALA C 341 -6.86 -33.67 12.96
N GLY C 342 -6.55 -32.99 14.05
CA GLY C 342 -5.41 -32.09 14.11
C GLY C 342 -5.81 -30.68 14.50
N ALA C 343 -4.79 -29.85 14.67
CA ALA C 343 -5.01 -28.47 15.10
C ALA C 343 -5.57 -27.59 13.99
N GLY C 344 -5.46 -28.01 12.72
CA GLY C 344 -5.96 -27.23 11.62
C GLY C 344 -7.43 -27.49 11.32
N ASN C 345 -8.06 -26.52 10.68
CA ASN C 345 -9.50 -26.53 10.44
C ASN C 345 -9.81 -27.15 9.07
N TYR C 346 -9.38 -28.39 8.88
CA TYR C 346 -9.43 -29.02 7.56
C TYR C 346 -10.69 -29.87 7.39
N TYR C 347 -11.31 -29.74 6.22
CA TYR C 347 -12.43 -30.59 5.81
C TYR C 347 -12.14 -31.05 4.38
N PRO C 348 -12.15 -32.35 4.12
CA PRO C 348 -11.70 -32.86 2.81
C PRO C 348 -12.74 -32.60 1.73
N PRO C 349 -12.34 -32.65 0.47
CA PRO C 349 -13.33 -32.65 -0.61
C PRO C 349 -14.36 -33.74 -0.39
N THR C 350 -15.63 -33.36 -0.43
CA THR C 350 -16.72 -34.23 -0.02
C THR C 350 -17.76 -34.24 -1.12
N VAL C 351 -18.39 -35.40 -1.32
CA VAL C 351 -19.40 -35.60 -2.35
C VAL C 351 -20.55 -36.37 -1.73
N LEU C 352 -21.76 -35.81 -1.81
CA LEU C 352 -22.99 -36.44 -1.37
C LEU C 352 -23.86 -36.72 -2.57
N ALA C 353 -24.33 -37.97 -2.70
CA ALA C 353 -25.23 -38.35 -3.77
C ALA C 353 -26.61 -38.68 -3.20
N ASN C 354 -27.57 -38.88 -4.11
CA ASN C 354 -28.97 -39.11 -3.76
C ASN C 354 -29.51 -37.97 -2.91
N VAL C 355 -29.13 -36.75 -3.27
CA VAL C 355 -29.61 -35.55 -2.57
C VAL C 355 -30.94 -35.14 -3.20
N THR C 356 -31.99 -35.17 -2.42
CA THR C 356 -33.33 -34.80 -2.87
C THR C 356 -33.66 -33.38 -2.42
N PRO C 357 -34.70 -32.77 -3.01
CA PRO C 357 -35.03 -31.37 -2.64
C PRO C 357 -35.42 -31.20 -1.18
N GLU C 358 -35.74 -32.27 -0.45
CA GLU C 358 -36.10 -32.11 0.96
C GLU C 358 -34.91 -32.07 1.90
N MET C 359 -33.71 -32.33 1.40
CA MET C 359 -32.54 -32.54 2.25
C MET C 359 -31.79 -31.25 2.53
N THR C 360 -31.03 -31.28 3.64
CA THR C 360 -30.34 -30.08 4.12
C THR C 360 -29.39 -29.53 3.07
N ALA C 361 -28.60 -30.41 2.44
CA ALA C 361 -27.61 -29.94 1.48
C ALA C 361 -28.22 -29.42 0.18
N PHE C 362 -29.51 -29.64 -0.05
CA PHE C 362 -30.19 -29.04 -1.18
C PHE C 362 -30.83 -27.70 -0.84
N ARG C 363 -31.23 -27.51 0.42
CA ARG C 363 -32.00 -26.34 0.81
C ARG C 363 -31.17 -25.25 1.49
N GLU C 364 -30.02 -25.59 2.05
CA GLU C 364 -29.15 -24.61 2.69
C GLU C 364 -27.88 -24.41 1.86
N GLU C 365 -27.26 -23.25 2.04
CA GLU C 365 -25.97 -22.98 1.41
C GLU C 365 -24.89 -23.84 2.07
N MET C 366 -24.21 -24.65 1.26
CA MET C 366 -23.10 -25.47 1.74
C MET C 366 -21.82 -24.69 1.46
N PHE C 367 -21.38 -23.93 2.46
CA PHE C 367 -20.27 -22.99 2.28
C PHE C 367 -18.94 -23.64 2.68
N GLY C 368 -18.64 -24.73 1.99
CA GLY C 368 -17.41 -25.47 2.16
C GLY C 368 -17.31 -26.51 1.07
N PRO C 369 -16.32 -27.41 1.15
CA PRO C 369 -16.03 -28.33 0.04
C PRO C 369 -16.93 -29.56 0.06
N VAL C 370 -18.25 -29.34 -0.04
CA VAL C 370 -19.23 -30.42 -0.06
C VAL C 370 -20.10 -30.24 -1.30
N ALA C 371 -20.00 -31.18 -2.24
CA ALA C 371 -20.83 -31.18 -3.43
C ALA C 371 -22.07 -32.04 -3.20
N ALA C 372 -23.23 -31.54 -3.63
CA ALA C 372 -24.48 -32.29 -3.62
C ALA C 372 -24.86 -32.65 -5.05
N ILE C 373 -25.25 -33.90 -5.28
CA ILE C 373 -25.59 -34.37 -6.62
C ILE C 373 -27.02 -34.88 -6.61
N THR C 374 -27.86 -34.30 -7.47
CA THR C 374 -29.26 -34.64 -7.61
C THR C 374 -29.56 -35.08 -9.05
N ILE C 375 -30.35 -36.14 -9.20
CA ILE C 375 -30.70 -36.68 -10.51
C ILE C 375 -31.95 -36.00 -11.03
N ALA C 376 -31.92 -35.57 -12.29
CA ALA C 376 -33.08 -35.00 -12.97
C ALA C 376 -33.60 -35.94 -14.04
N LYS C 377 -34.92 -36.02 -14.15
CA LYS C 377 -35.54 -36.94 -15.11
C LYS C 377 -35.30 -36.50 -16.54
N ASP C 378 -35.25 -35.19 -16.77
CA ASP C 378 -35.10 -34.60 -18.10
C ASP C 378 -34.74 -33.13 -17.89
N ALA C 379 -34.58 -32.41 -19.00
CA ALA C 379 -34.16 -31.01 -18.90
C ALA C 379 -35.21 -30.15 -18.20
N GLU C 380 -36.50 -30.49 -18.33
CA GLU C 380 -37.51 -29.70 -17.64
C GLU C 380 -37.44 -29.91 -16.14
N HIS C 381 -37.30 -31.16 -15.70
CA HIS C 381 -37.12 -31.44 -14.27
C HIS C 381 -35.87 -30.74 -13.74
N ALA C 382 -34.79 -30.70 -14.55
CA ALA C 382 -33.55 -30.06 -14.12
C ALA C 382 -33.74 -28.57 -13.86
N LEU C 383 -34.49 -27.90 -14.73
CA LEU C 383 -34.79 -26.48 -14.52
C LEU C 383 -35.63 -26.27 -13.27
N GLU C 384 -36.63 -27.13 -13.05
CA GLU C 384 -37.45 -27.04 -11.84
C GLU C 384 -36.60 -27.23 -10.60
N LEU C 385 -35.75 -28.27 -10.58
CA LEU C 385 -34.84 -28.48 -9.46
C LEU C 385 -33.92 -27.28 -9.27
N ALA C 386 -33.41 -26.73 -10.38
CA ALA C 386 -32.51 -25.58 -10.29
C ALA C 386 -33.19 -24.40 -9.62
N ASN C 387 -34.45 -24.12 -9.98
CA ASN C 387 -35.16 -22.97 -9.44
C ASN C 387 -35.78 -23.23 -8.06
N ASP C 388 -35.85 -24.49 -7.63
CA ASP C 388 -36.40 -24.84 -6.32
C ASP C 388 -35.38 -24.53 -5.23
N SER C 389 -35.21 -23.23 -4.98
CA SER C 389 -34.22 -22.77 -4.01
C SER C 389 -34.61 -21.37 -3.54
N GLU C 390 -34.30 -21.08 -2.28
CA GLU C 390 -34.46 -19.72 -1.78
C GLU C 390 -33.41 -18.79 -2.37
N PHE C 391 -32.29 -19.32 -2.86
CA PHE C 391 -31.21 -18.54 -3.44
C PHE C 391 -31.40 -18.40 -4.94
N GLY C 392 -30.67 -17.45 -5.51
CA GLY C 392 -30.73 -17.20 -6.94
C GLY C 392 -29.60 -16.31 -7.42
N LEU C 393 -28.36 -16.75 -7.19
CA LEU C 393 -27.21 -15.92 -7.52
C LEU C 393 -26.73 -16.16 -8.95
N SER C 394 -26.31 -17.39 -9.24
CA SER C 394 -25.76 -17.71 -10.54
C SER C 394 -26.09 -19.17 -10.87
N ALA C 395 -25.70 -19.62 -12.06
CA ALA C 395 -26.00 -20.97 -12.50
C ALA C 395 -25.09 -21.37 -13.67
N THR C 396 -25.01 -22.67 -13.91
CA THR C 396 -24.28 -23.22 -15.05
C THR C 396 -25.16 -24.24 -15.77
N ILE C 397 -25.11 -24.24 -17.10
CA ILE C 397 -25.75 -25.27 -17.91
C ILE C 397 -24.72 -25.85 -18.86
N PHE C 398 -24.58 -27.17 -18.85
CA PHE C 398 -23.75 -27.87 -19.84
C PHE C 398 -24.66 -28.68 -20.75
N THR C 399 -24.67 -28.31 -22.02
CA THR C 399 -25.42 -29.00 -23.07
C THR C 399 -24.94 -28.48 -24.41
N THR C 400 -24.88 -29.36 -25.41
CA THR C 400 -24.51 -28.94 -26.76
C THR C 400 -25.69 -28.41 -27.55
N ASP C 401 -26.91 -28.52 -27.01
CA ASP C 401 -28.09 -27.93 -27.62
C ASP C 401 -28.13 -26.46 -27.17
N GLU C 402 -27.50 -25.59 -27.97
CA GLU C 402 -27.40 -24.18 -27.58
C GLU C 402 -28.76 -23.51 -27.54
N THR C 403 -29.68 -23.88 -28.44
CA THR C 403 -31.04 -23.36 -28.37
C THR C 403 -31.68 -23.67 -27.02
N GLN C 404 -31.53 -24.91 -26.57
CA GLN C 404 -32.10 -25.28 -25.27
C GLN C 404 -31.38 -24.57 -24.14
N ALA C 405 -30.06 -24.38 -24.25
CA ALA C 405 -29.35 -23.62 -23.23
C ALA C 405 -29.89 -22.21 -23.11
N ARG C 406 -30.22 -21.58 -24.25
CA ARG C 406 -30.73 -20.21 -24.23
C ARG C 406 -32.13 -20.16 -23.61
N GLN C 407 -32.99 -21.14 -23.94
CA GLN C 407 -34.33 -21.14 -23.35
C GLN C 407 -34.28 -21.38 -21.86
N MET C 408 -33.38 -22.26 -21.39
CA MET C 408 -33.27 -22.51 -19.97
C MET C 408 -32.71 -21.30 -19.23
N ALA C 409 -31.70 -20.64 -19.80
CA ALA C 409 -31.16 -19.43 -19.18
C ALA C 409 -32.25 -18.39 -18.98
N ALA C 410 -33.12 -18.21 -19.98
CA ALA C 410 -34.21 -17.24 -19.86
C ALA C 410 -35.18 -17.57 -18.73
N ARG C 411 -35.23 -18.84 -18.31
CA ARG C 411 -36.15 -19.25 -17.26
C ARG C 411 -35.46 -19.57 -15.94
N LEU C 412 -34.14 -19.41 -15.86
CA LEU C 412 -33.44 -19.61 -14.61
C LEU C 412 -33.58 -18.38 -13.73
N GLU C 413 -34.00 -18.59 -12.48
CA GLU C 413 -34.21 -17.50 -11.52
C GLU C 413 -32.90 -17.17 -10.81
N CYS C 414 -32.01 -16.52 -11.55
CA CYS C 414 -30.72 -16.09 -11.00
C CYS C 414 -30.15 -15.01 -11.91
N GLY C 415 -29.13 -14.33 -11.39
CA GLY C 415 -28.55 -13.17 -12.06
C GLY C 415 -27.43 -13.47 -13.04
N GLY C 416 -26.97 -14.71 -13.11
CA GLY C 416 -25.93 -15.05 -14.07
C GLY C 416 -26.08 -16.49 -14.51
N VAL C 417 -25.89 -16.76 -15.80
CA VAL C 417 -25.96 -18.11 -16.34
C VAL C 417 -24.74 -18.33 -17.21
N PHE C 418 -23.97 -19.36 -16.90
CA PHE C 418 -22.80 -19.74 -17.68
C PHE C 418 -23.12 -21.00 -18.45
N ILE C 419 -23.04 -20.92 -19.78
CA ILE C 419 -23.30 -22.04 -20.67
C ILE C 419 -21.97 -22.64 -21.09
N ASN C 420 -21.75 -23.90 -20.76
CA ASN C 420 -20.56 -24.66 -21.17
C ASN C 420 -19.27 -23.92 -20.79
N GLY C 421 -19.20 -23.45 -19.55
CA GLY C 421 -18.01 -22.75 -19.12
C GLY C 421 -17.91 -22.66 -17.62
N TYR C 422 -16.92 -21.90 -17.18
CA TYR C 422 -16.59 -21.73 -15.76
C TYR C 422 -17.21 -20.43 -15.25
N CYS C 423 -18.10 -20.55 -14.27
CA CYS C 423 -18.70 -19.38 -13.64
C CYS C 423 -17.64 -18.55 -12.90
N ALA C 424 -17.75 -17.23 -13.03
CA ALA C 424 -16.80 -16.33 -12.37
C ALA C 424 -17.35 -14.90 -12.41
N SER C 425 -16.87 -14.08 -11.47
CA SER C 425 -17.16 -12.65 -11.53
C SER C 425 -16.13 -11.99 -12.43
N ASP C 426 -16.54 -10.90 -13.07
CA ASP C 426 -15.69 -10.24 -14.05
C ASP C 426 -16.15 -8.79 -14.19
N ALA C 427 -15.18 -7.88 -14.25
CA ALA C 427 -15.48 -6.44 -14.34
C ALA C 427 -16.39 -6.11 -15.51
N ARG C 428 -16.34 -6.90 -16.57
CA ARG C 428 -17.06 -6.57 -17.79
C ARG C 428 -18.54 -6.96 -17.75
N VAL C 429 -18.99 -7.70 -16.73
CA VAL C 429 -20.36 -8.20 -16.71
C VAL C 429 -20.99 -7.91 -15.36
N ALA C 430 -22.32 -7.95 -15.34
CA ALA C 430 -23.09 -7.72 -14.12
C ALA C 430 -22.95 -8.89 -13.15
N PHE C 431 -23.02 -8.58 -11.86
CA PHE C 431 -22.97 -9.60 -10.83
C PHE C 431 -24.01 -9.29 -9.76
N GLY C 432 -24.73 -10.31 -9.32
CA GLY C 432 -25.74 -10.17 -8.30
C GLY C 432 -26.94 -11.04 -8.61
N GLY C 433 -27.74 -11.30 -7.59
CA GLY C 433 -28.79 -12.29 -7.74
C GLY C 433 -30.22 -11.82 -7.50
N VAL C 434 -31.11 -12.79 -7.29
CA VAL C 434 -32.51 -12.56 -7.00
C VAL C 434 -32.88 -13.39 -5.77
N LYS C 435 -34.15 -13.30 -5.39
CA LYS C 435 -34.67 -13.99 -4.22
C LYS C 435 -33.80 -13.70 -3.00
N LYS C 436 -33.52 -14.71 -2.17
CA LYS C 436 -32.79 -14.42 -0.94
C LYS C 436 -31.30 -14.17 -1.19
N SER C 437 -30.81 -14.35 -2.42
CA SER C 437 -29.47 -13.88 -2.74
C SER C 437 -29.38 -12.36 -2.80
N GLY C 438 -30.51 -11.66 -2.79
CA GLY C 438 -30.50 -10.21 -2.66
C GLY C 438 -31.00 -9.47 -3.88
N PHE C 439 -30.48 -8.26 -4.06
CA PHE C 439 -30.87 -7.40 -5.17
C PHE C 439 -29.78 -6.35 -5.34
N GLY C 440 -29.86 -5.62 -6.44
CA GLY C 440 -28.79 -4.74 -6.85
C GLY C 440 -27.72 -5.50 -7.61
N ARG C 441 -26.92 -4.74 -8.38
CA ARG C 441 -25.95 -5.34 -9.29
C ARG C 441 -24.61 -4.66 -9.15
N GLU C 442 -23.54 -5.45 -9.21
CA GLU C 442 -22.19 -4.91 -9.10
C GLU C 442 -21.43 -5.12 -10.41
N LEU C 443 -20.29 -4.43 -10.51
CA LEU C 443 -19.38 -4.50 -11.65
C LEU C 443 -20.01 -3.94 -12.93
N SER C 444 -19.23 -3.90 -14.01
CA SER C 444 -19.57 -3.16 -15.22
C SER C 444 -20.08 -1.76 -14.86
N HIS C 445 -21.02 -1.23 -15.66
CA HIS C 445 -21.58 0.08 -15.33
C HIS C 445 -22.57 0.02 -14.18
N PHE C 446 -23.05 -1.18 -13.82
CA PHE C 446 -24.03 -1.32 -12.75
C PHE C 446 -23.44 -0.94 -11.40
N GLY C 447 -22.22 -1.41 -11.11
CA GLY C 447 -21.59 -1.04 -9.86
C GLY C 447 -21.26 0.43 -9.75
N LEU C 448 -21.06 1.11 -10.90
CA LEU C 448 -20.83 2.55 -10.89
C LEU C 448 -22.12 3.32 -10.61
N HIS C 449 -23.24 2.85 -11.16
CA HIS C 449 -24.49 3.61 -11.12
C HIS C 449 -25.34 3.34 -9.88
N GLU C 450 -25.13 2.20 -9.20
CA GLU C 450 -25.98 1.85 -8.07
C GLU C 450 -25.96 2.91 -6.99
N PHE C 451 -24.81 3.54 -6.79
CA PHE C 451 -24.65 4.53 -5.73
C PHE C 451 -24.39 5.92 -6.31
N CYS C 452 -25.07 6.20 -7.42
CA CYS C 452 -25.16 7.55 -7.98
C CYS C 452 -26.56 8.11 -7.76
N ASN C 453 -26.60 9.43 -7.56
CA ASN C 453 -27.83 10.20 -7.76
C ASN C 453 -27.99 10.38 -9.26
N ILE C 454 -28.94 9.66 -9.85
CA ILE C 454 -29.23 9.79 -11.27
C ILE C 454 -30.12 11.02 -11.43
N GLN C 455 -29.53 12.12 -11.91
CA GLN C 455 -30.13 13.44 -11.80
C GLN C 455 -30.50 13.97 -13.17
N THR C 456 -31.79 14.24 -13.37
CA THR C 456 -32.26 14.89 -14.59
C THR C 456 -31.97 16.38 -14.50
N VAL C 457 -31.35 16.93 -15.54
CA VAL C 457 -31.14 18.36 -15.66
C VAL C 457 -31.80 18.81 -16.95
N TRP C 458 -32.80 19.68 -16.84
CA TRP C 458 -33.69 20.01 -17.94
C TRP C 458 -33.78 21.53 -18.06
N LYS C 459 -33.30 22.06 -19.17
CA LYS C 459 -33.27 23.51 -19.41
C LYS C 459 -34.41 23.92 -20.33
N ASP C 460 -35.00 25.08 -20.04
CA ASP C 460 -35.93 25.76 -20.95
C ASP C 460 -37.15 24.90 -21.28
N ARG C 461 -37.66 24.15 -20.29
CA ARG C 461 -38.91 23.43 -20.51
C ARG C 461 -40.06 24.43 -20.39
N ILE C 462 -40.36 25.10 -21.50
CA ILE C 462 -41.44 26.07 -21.54
C ILE C 462 -42.33 25.82 -22.76
N ILE D 3 -70.23 2.84 9.61
CA ILE D 3 -69.02 2.63 8.83
C ILE D 3 -67.92 3.57 9.31
N THR D 4 -66.76 3.00 9.63
CA THR D 4 -65.65 3.73 10.19
C THR D 4 -64.37 3.39 9.45
N PRO D 5 -63.43 4.34 9.35
CA PRO D 5 -62.13 4.02 8.73
C PRO D 5 -61.37 2.88 9.39
N ALA D 6 -61.77 2.47 10.60
CA ALA D 6 -61.17 1.29 11.23
C ALA D 6 -61.54 0.01 10.50
N THR D 7 -62.68 0.01 9.81
CA THR D 7 -63.16 -1.22 9.15
C THR D 7 -63.24 -1.05 7.63
N HIS D 8 -63.20 0.20 7.14
CA HIS D 8 -63.45 0.38 5.70
C HIS D 8 -62.69 1.52 5.02
N ALA D 9 -62.45 1.36 3.73
CA ALA D 9 -61.91 2.47 2.92
C ALA D 9 -63.12 3.35 2.60
N ILE D 10 -62.97 4.65 2.72
CA ILE D 10 -64.15 5.54 2.52
C ILE D 10 -63.83 6.67 1.54
N SER D 11 -64.65 6.81 0.51
CA SER D 11 -64.56 7.95 -0.39
C SER D 11 -65.56 9.01 0.04
N ILE D 12 -65.08 10.26 0.11
CA ILE D 12 -65.92 11.42 0.39
C ILE D 12 -65.58 12.48 -0.65
N ASN D 13 -66.61 13.06 -1.26
CA ASN D 13 -66.39 14.13 -2.22
C ASN D 13 -65.89 15.36 -1.47
N PRO D 14 -64.67 15.81 -1.71
CA PRO D 14 -64.15 16.96 -0.94
C PRO D 14 -64.84 18.28 -1.28
N ALA D 15 -65.54 18.36 -2.41
CA ALA D 15 -66.24 19.59 -2.76
C ALA D 15 -67.55 19.74 -2.00
N THR D 16 -68.14 18.63 -1.56
CA THR D 16 -69.44 18.64 -0.91
C THR D 16 -69.47 17.99 0.46
N GLY D 17 -68.49 17.15 0.80
CA GLY D 17 -68.48 16.48 2.08
C GLY D 17 -69.38 15.27 2.16
N GLU D 18 -69.99 14.86 1.06
CA GLU D 18 -70.90 13.72 1.05
C GLU D 18 -70.12 12.43 0.81
N GLN D 19 -70.59 11.36 1.45
CA GLN D 19 -69.94 10.06 1.36
C GLN D 19 -70.32 9.39 0.05
N LEU D 20 -69.31 8.95 -0.71
CA LEU D 20 -69.51 8.39 -2.04
C LEU D 20 -69.57 6.87 -2.02
N SER D 21 -68.76 6.22 -1.22
CA SER D 21 -68.65 4.76 -1.26
C SER D 21 -67.85 4.29 -0.05
N VAL D 22 -68.02 3.01 0.28
CA VAL D 22 -67.24 2.37 1.34
C VAL D 22 -66.82 1.00 0.84
N LEU D 23 -65.71 0.50 1.40
CA LEU D 23 -65.18 -0.80 1.00
C LEU D 23 -64.43 -1.43 2.16
N PRO D 24 -64.88 -2.59 2.66
CA PRO D 24 -64.18 -3.22 3.78
C PRO D 24 -62.77 -3.63 3.38
N TRP D 25 -61.88 -3.66 4.37
CA TRP D 25 -60.52 -4.10 4.11
C TRP D 25 -60.53 -5.56 3.66
N ALA D 26 -59.52 -5.92 2.87
CA ALA D 26 -59.39 -7.29 2.41
C ALA D 26 -59.14 -8.22 3.59
N GLY D 27 -59.86 -9.34 3.61
CA GLY D 27 -59.64 -10.35 4.63
C GLY D 27 -58.50 -11.28 4.26
N ALA D 28 -58.23 -12.22 5.16
CA ALA D 28 -57.14 -13.17 4.94
C ALA D 28 -57.35 -13.98 3.67
N ASP D 29 -58.60 -14.33 3.36
CA ASP D 29 -58.88 -15.07 2.13
C ASP D 29 -58.64 -14.20 0.91
N ASP D 30 -59.08 -12.94 0.95
CA ASP D 30 -58.87 -12.03 -0.18
C ASP D 30 -57.39 -11.87 -0.49
N ILE D 31 -56.55 -11.76 0.55
CA ILE D 31 -55.12 -11.60 0.33
C ILE D 31 -54.53 -12.86 -0.30
N GLU D 32 -54.80 -14.02 0.30
CA GLU D 32 -54.30 -15.28 -0.24
C GLU D 32 -54.77 -15.48 -1.68
N ASN D 33 -56.05 -15.22 -1.95
CA ASN D 33 -56.57 -15.35 -3.30
C ASN D 33 -55.80 -14.48 -4.29
N ALA D 34 -55.59 -13.21 -3.94
CA ALA D 34 -54.89 -12.31 -4.85
C ALA D 34 -53.45 -12.76 -5.08
N LEU D 35 -52.77 -13.22 -4.04
CA LEU D 35 -51.39 -13.68 -4.19
C LEU D 35 -51.33 -14.91 -5.11
N GLN D 36 -52.25 -15.87 -4.94
CA GLN D 36 -52.26 -17.05 -5.81
C GLN D 36 -52.44 -16.66 -7.27
N LEU D 37 -53.38 -15.75 -7.55
CA LEU D 37 -53.66 -15.40 -8.94
C LEU D 37 -52.55 -14.54 -9.52
N ALA D 38 -51.91 -13.71 -8.69
CA ALA D 38 -50.75 -12.95 -9.17
C ALA D 38 -49.62 -13.89 -9.56
N ALA D 39 -49.37 -14.92 -8.74
CA ALA D 39 -48.29 -15.85 -9.03
C ALA D 39 -48.58 -16.67 -10.28
N ALA D 40 -49.83 -17.11 -10.45
CA ALA D 40 -50.20 -17.83 -11.66
C ALA D 40 -50.16 -16.92 -12.87
N GLY D 41 -50.61 -15.67 -12.70
CA GLY D 41 -50.58 -14.73 -13.80
C GLY D 41 -49.17 -14.42 -14.26
N PHE D 42 -48.27 -14.17 -13.30
CA PHE D 42 -46.88 -13.90 -13.65
C PHE D 42 -46.25 -15.10 -14.36
N ARG D 43 -46.51 -16.31 -13.84
CA ARG D 43 -45.96 -17.52 -14.45
C ARG D 43 -46.22 -17.57 -15.94
N ASP D 44 -47.43 -17.22 -16.37
CA ASP D 44 -47.77 -17.26 -17.79
C ASP D 44 -47.30 -16.02 -18.53
N TRP D 45 -47.40 -14.85 -17.89
CA TRP D 45 -47.10 -13.59 -18.57
C TRP D 45 -45.62 -13.48 -18.90
N ARG D 46 -44.74 -13.96 -18.02
CA ARG D 46 -43.31 -13.88 -18.25
C ARG D 46 -42.86 -14.68 -19.49
N GLU D 47 -43.70 -15.58 -19.98
CA GLU D 47 -43.36 -16.39 -21.15
C GLU D 47 -43.83 -15.76 -22.46
N THR D 48 -44.57 -14.67 -22.41
CA THR D 48 -45.03 -14.01 -23.62
C THR D 48 -43.87 -13.29 -24.32
N ASN D 49 -44.07 -13.02 -25.60
CA ASN D 49 -43.11 -12.26 -26.39
C ASN D 49 -43.24 -10.77 -26.11
N ILE D 50 -42.09 -10.07 -26.17
CA ILE D 50 -42.07 -8.64 -25.85
C ILE D 50 -42.97 -7.84 -26.77
N ASP D 51 -43.03 -8.21 -28.05
CA ASP D 51 -43.87 -7.47 -28.99
C ASP D 51 -45.35 -7.71 -28.72
N TYR D 52 -45.72 -8.90 -28.25
CA TYR D 52 -47.10 -9.11 -27.82
C TYR D 52 -47.46 -8.19 -26.67
N ARG D 53 -46.55 -8.06 -25.71
CA ARG D 53 -46.84 -7.20 -24.55
C ARG D 53 -46.87 -5.73 -24.93
N ALA D 54 -46.06 -5.31 -25.90
CA ALA D 54 -46.10 -3.93 -26.37
C ALA D 54 -47.45 -3.62 -27.03
N GLU D 55 -47.99 -4.60 -27.77
CA GLU D 55 -49.31 -4.42 -28.37
C GLU D 55 -50.40 -4.34 -27.29
N LYS D 56 -50.25 -5.12 -26.22
CA LYS D 56 -51.21 -5.04 -25.12
C LYS D 56 -51.15 -3.69 -24.42
N LEU D 57 -49.97 -3.07 -24.36
CA LEU D 57 -49.87 -1.70 -23.85
C LEU D 57 -50.68 -0.75 -24.71
N ARG D 58 -50.65 -0.91 -26.04
CA ARG D 58 -51.49 -0.11 -26.91
C ARG D 58 -52.96 -0.40 -26.66
N ASP D 59 -53.30 -1.64 -26.30
CA ASP D 59 -54.68 -1.97 -25.98
C ASP D 59 -55.12 -1.30 -24.67
N ILE D 60 -54.21 -1.25 -23.68
CA ILE D 60 -54.52 -0.52 -22.45
C ILE D 60 -54.79 0.94 -22.75
N GLY D 61 -53.94 1.54 -23.59
CA GLY D 61 -54.15 2.93 -23.97
C GLY D 61 -55.49 3.15 -24.64
N LYS D 62 -55.92 2.22 -25.49
CA LYS D 62 -57.21 2.38 -26.17
C LYS D 62 -58.36 2.24 -25.19
N ALA D 63 -58.29 1.26 -24.29
CA ALA D 63 -59.35 1.09 -23.31
C ALA D 63 -59.42 2.27 -22.35
N LEU D 64 -58.28 2.89 -22.04
CA LEU D 64 -58.29 4.06 -21.16
C LEU D 64 -58.93 5.26 -21.86
N ARG D 65 -58.54 5.52 -23.11
CA ARG D 65 -59.16 6.62 -23.84
C ARG D 65 -60.65 6.39 -24.06
N ALA D 66 -61.07 5.13 -24.18
CA ALA D 66 -62.48 4.82 -24.37
C ALA D 66 -63.32 5.18 -23.15
N ARG D 67 -62.71 5.19 -21.96
CA ARG D 67 -63.39 5.60 -20.74
C ARG D 67 -62.83 6.90 -20.17
N SER D 68 -62.28 7.76 -21.05
CA SER D 68 -61.49 8.90 -20.61
C SER D 68 -62.30 9.85 -19.74
N GLU D 69 -63.50 10.25 -20.20
CA GLU D 69 -64.28 11.20 -19.42
C GLU D 69 -64.79 10.57 -18.12
N GLU D 70 -65.21 9.30 -18.18
CA GLU D 70 -65.64 8.61 -16.97
C GLU D 70 -64.51 8.55 -15.95
N MET D 71 -63.29 8.27 -16.40
CA MET D 71 -62.14 8.25 -15.51
C MET D 71 -61.86 9.64 -14.94
N ALA D 72 -61.87 10.66 -15.79
CA ALA D 72 -61.60 12.02 -15.32
C ALA D 72 -62.62 12.47 -14.27
N GLN D 73 -63.92 12.22 -14.53
CA GLN D 73 -64.94 12.60 -13.57
C GLN D 73 -64.78 11.86 -12.25
N MET D 74 -64.31 10.60 -12.29
CA MET D 74 -64.09 9.86 -11.04
C MET D 74 -62.94 10.47 -10.25
N ILE D 75 -61.85 10.83 -10.93
CA ILE D 75 -60.73 11.49 -10.25
C ILE D 75 -61.21 12.75 -9.56
N THR D 76 -61.91 13.61 -10.30
CA THR D 76 -62.38 14.87 -9.73
C THR D 76 -63.34 14.63 -8.56
N ARG D 77 -64.25 13.67 -8.70
CA ARG D 77 -65.26 13.46 -7.68
C ARG D 77 -64.64 12.96 -6.37
N GLU D 78 -63.64 12.09 -6.47
CA GLU D 78 -63.09 11.46 -5.26
C GLU D 78 -62.06 12.32 -4.55
N MET D 79 -61.24 13.10 -5.27
CA MET D 79 -60.18 13.85 -4.61
C MET D 79 -60.11 15.33 -5.00
N GLY D 80 -61.04 15.84 -5.81
CA GLY D 80 -61.27 17.26 -5.92
C GLY D 80 -60.49 17.99 -7.00
N LYS D 81 -59.76 17.28 -7.84
CA LYS D 81 -58.91 17.91 -8.84
C LYS D 81 -59.75 18.59 -9.91
N PRO D 82 -59.38 19.80 -10.34
CA PRO D 82 -60.10 20.47 -11.43
C PRO D 82 -60.23 19.57 -12.65
N ILE D 83 -61.42 19.56 -13.25
CA ILE D 83 -61.77 18.52 -14.21
C ILE D 83 -60.82 18.52 -15.39
N ASN D 84 -60.34 19.69 -15.83
CA ASN D 84 -59.42 19.71 -16.96
C ASN D 84 -58.04 19.16 -16.58
N GLN D 85 -57.64 19.26 -15.31
CA GLN D 85 -56.41 18.61 -14.88
C GLN D 85 -56.61 17.10 -14.81
N ALA D 86 -57.82 16.66 -14.44
CA ALA D 86 -58.14 15.24 -14.46
C ALA D 86 -58.12 14.69 -15.89
N ARG D 87 -58.63 15.48 -16.85
CA ARG D 87 -58.58 15.04 -18.25
C ARG D 87 -57.15 15.00 -18.78
N ALA D 88 -56.30 15.93 -18.33
CA ALA D 88 -54.90 15.91 -18.73
C ALA D 88 -54.17 14.70 -18.13
N GLU D 89 -54.53 14.33 -16.89
CA GLU D 89 -53.95 13.14 -16.28
C GLU D 89 -54.28 11.90 -17.09
N VAL D 90 -55.54 11.76 -17.51
CA VAL D 90 -55.94 10.62 -18.31
C VAL D 90 -55.18 10.61 -19.64
N ALA D 91 -55.10 11.78 -20.29
CA ALA D 91 -54.41 11.85 -21.58
C ALA D 91 -52.92 11.56 -21.44
N LYS D 92 -52.29 12.07 -20.37
CA LYS D 92 -50.88 11.76 -20.15
C LYS D 92 -50.68 10.27 -19.87
N SER D 93 -51.62 9.65 -19.15
CA SER D 93 -51.49 8.23 -18.82
C SER D 93 -51.65 7.35 -20.06
N ALA D 94 -52.63 7.67 -20.91
CA ALA D 94 -52.82 6.90 -22.13
C ALA D 94 -51.63 7.04 -23.08
N ASN D 95 -51.07 8.26 -23.17
CA ASN D 95 -49.89 8.46 -24.01
C ASN D 95 -48.68 7.70 -23.48
N LEU D 96 -48.59 7.51 -22.16
CA LEU D 96 -47.50 6.72 -21.60
C LEU D 96 -47.55 5.28 -22.09
N CYS D 97 -48.76 4.72 -22.21
CA CYS D 97 -48.91 3.38 -22.78
C CYS D 97 -48.31 3.31 -24.17
N ASP D 98 -48.65 4.27 -25.03
CA ASP D 98 -48.14 4.27 -26.40
C ASP D 98 -46.63 4.53 -26.42
N TRP D 99 -46.13 5.38 -25.53
CA TRP D 99 -44.71 5.70 -25.54
C TRP D 99 -43.87 4.48 -25.17
N TYR D 100 -44.25 3.76 -24.10
CA TYR D 100 -43.49 2.57 -23.73
C TYR D 100 -43.70 1.44 -24.74
N ALA D 101 -44.87 1.38 -25.37
CA ALA D 101 -45.08 0.40 -26.43
C ALA D 101 -44.10 0.61 -27.57
N GLU D 102 -43.79 1.88 -27.87
CA GLU D 102 -42.91 2.19 -28.99
C GLU D 102 -41.44 2.06 -28.62
N HIS D 103 -41.05 2.58 -27.45
CA HIS D 103 -39.65 2.68 -27.08
C HIS D 103 -39.20 1.62 -26.09
N GLY D 104 -40.11 0.99 -25.37
CA GLY D 104 -39.78 0.02 -24.35
C GLY D 104 -39.05 -1.22 -24.84
N PRO D 105 -39.59 -1.88 -25.89
CA PRO D 105 -38.94 -3.12 -26.36
C PRO D 105 -37.44 -2.98 -26.62
N ALA D 106 -37.01 -1.88 -27.25
CA ALA D 106 -35.59 -1.69 -27.51
C ALA D 106 -34.79 -1.57 -26.22
N MET D 107 -35.39 -1.03 -25.17
CA MET D 107 -34.70 -0.92 -23.88
C MET D 107 -34.51 -2.26 -23.19
N LEU D 108 -35.21 -3.30 -23.63
CA LEU D 108 -35.10 -4.63 -23.03
C LEU D 108 -34.29 -5.61 -23.87
N LYS D 109 -33.74 -5.15 -25.00
CA LYS D 109 -32.95 -6.04 -25.83
C LYS D 109 -31.63 -6.37 -25.15
N ALA D 110 -31.06 -7.52 -25.53
CA ALA D 110 -29.79 -7.95 -24.95
C ALA D 110 -28.72 -6.91 -25.21
N GLU D 111 -27.86 -6.71 -24.22
CA GLU D 111 -26.86 -5.68 -24.21
C GLU D 111 -25.48 -6.31 -24.40
N PRO D 112 -24.68 -5.83 -25.36
CA PRO D 112 -23.34 -6.39 -25.55
C PRO D 112 -22.42 -6.03 -24.39
N THR D 113 -21.32 -6.77 -24.29
CA THR D 113 -20.29 -6.52 -23.28
C THR D 113 -18.93 -6.47 -23.97
N LEU D 114 -17.92 -6.08 -23.20
CA LEU D 114 -16.55 -6.03 -23.70
C LEU D 114 -15.87 -7.39 -23.70
N VAL D 115 -16.58 -8.47 -23.37
CA VAL D 115 -15.96 -9.78 -23.39
C VAL D 115 -15.63 -10.17 -24.83
N GLU D 116 -14.46 -10.76 -25.03
CA GLU D 116 -14.00 -11.12 -26.36
C GLU D 116 -14.99 -12.04 -27.06
N ASN D 117 -15.00 -11.96 -28.40
CA ASN D 117 -15.71 -12.89 -29.27
C ASN D 117 -17.21 -12.95 -29.01
N GLN D 118 -17.78 -11.89 -28.43
CA GLN D 118 -19.23 -11.80 -28.19
C GLN D 118 -19.74 -13.00 -27.41
N GLN D 119 -19.02 -13.35 -26.35
CA GLN D 119 -19.40 -14.50 -25.53
C GLN D 119 -20.43 -14.16 -24.46
N ALA D 120 -20.52 -12.90 -24.05
CA ALA D 120 -21.34 -12.52 -22.90
C ALA D 120 -22.24 -11.35 -23.25
N VAL D 121 -23.53 -11.47 -22.91
CA VAL D 121 -24.48 -10.38 -23.02
C VAL D 121 -25.18 -10.20 -21.69
N ILE D 122 -25.78 -9.03 -21.51
CA ILE D 122 -26.64 -8.75 -20.37
C ILE D 122 -28.09 -8.85 -20.84
N GLU D 123 -28.89 -9.64 -20.13
CA GLU D 123 -30.31 -9.76 -20.43
C GLU D 123 -31.15 -9.12 -19.32
N TYR D 124 -32.33 -8.64 -19.70
CA TYR D 124 -33.26 -7.99 -18.77
C TYR D 124 -34.48 -8.90 -18.64
N ARG D 125 -34.50 -9.69 -17.56
CA ARG D 125 -35.54 -10.68 -17.30
C ARG D 125 -36.60 -10.13 -16.35
N PRO D 126 -37.83 -10.62 -16.46
CA PRO D 126 -38.85 -10.27 -15.47
C PRO D 126 -38.42 -10.72 -14.09
N LEU D 127 -38.84 -9.96 -13.07
CA LEU D 127 -38.52 -10.30 -11.70
C LEU D 127 -39.66 -11.06 -11.01
N GLY D 128 -40.89 -10.62 -11.18
CA GLY D 128 -42.01 -11.29 -10.52
C GLY D 128 -43.18 -10.33 -10.39
N THR D 129 -44.00 -10.56 -9.36
CA THR D 129 -45.09 -9.66 -9.04
C THR D 129 -44.58 -8.53 -8.16
N ILE D 130 -44.82 -7.30 -8.58
CA ILE D 130 -44.39 -6.12 -7.85
C ILE D 130 -45.58 -5.57 -7.08
N LEU D 131 -45.41 -5.45 -5.76
CA LEU D 131 -46.42 -4.81 -4.91
C LEU D 131 -46.26 -3.30 -5.00
N ALA D 132 -47.35 -2.60 -5.30
CA ALA D 132 -47.32 -1.17 -5.54
C ALA D 132 -48.24 -0.44 -4.58
N ILE D 133 -47.69 0.46 -3.79
CA ILE D 133 -48.41 1.24 -2.78
C ILE D 133 -48.47 2.68 -3.27
N MET D 134 -49.67 3.20 -3.49
CA MET D 134 -49.86 4.42 -4.27
C MET D 134 -50.71 5.47 -3.54
N PRO D 135 -50.55 6.77 -3.93
CA PRO D 135 -51.26 7.84 -3.24
C PRO D 135 -52.44 8.40 -4.04
N TRP D 136 -53.17 9.35 -3.45
CA TRP D 136 -54.41 9.85 -4.03
C TRP D 136 -54.24 11.07 -4.93
N ASN D 137 -53.06 11.71 -4.96
CA ASN D 137 -53.00 13.02 -5.61
C ASN D 137 -53.08 12.91 -7.13
N PHE D 138 -52.51 11.85 -7.70
CA PHE D 138 -52.67 11.51 -9.12
C PHE D 138 -53.14 10.06 -9.17
N PRO D 139 -54.42 9.82 -8.91
CA PRO D 139 -54.88 8.43 -8.67
C PRO D 139 -54.73 7.53 -9.87
N LEU D 140 -54.66 8.08 -11.09
CA LEU D 140 -54.42 7.29 -12.28
C LEU D 140 -52.96 7.32 -12.69
N TRP D 141 -52.37 8.51 -12.79
CA TRP D 141 -51.00 8.63 -13.29
C TRP D 141 -50.00 7.88 -12.42
N GLN D 142 -50.13 7.98 -11.09
CA GLN D 142 -49.18 7.29 -10.22
C GLN D 142 -49.22 5.78 -10.44
N VAL D 143 -50.40 5.23 -10.70
CA VAL D 143 -50.51 3.81 -10.99
C VAL D 143 -49.86 3.50 -12.33
N MET D 144 -50.24 4.25 -13.38
CA MET D 144 -49.74 3.94 -14.71
C MET D 144 -48.25 4.17 -14.84
N ARG D 145 -47.70 5.16 -14.13
CA ARG D 145 -46.27 5.47 -14.20
C ARG D 145 -45.42 4.23 -13.95
N GLY D 146 -45.84 3.39 -13.02
CA GLY D 146 -45.14 2.15 -12.76
C GLY D 146 -45.74 0.94 -13.45
N ALA D 147 -47.07 0.86 -13.49
CA ALA D 147 -47.70 -0.37 -13.98
C ALA D 147 -47.35 -0.64 -15.44
N VAL D 148 -47.27 0.40 -16.26
CA VAL D 148 -47.01 0.23 -17.69
C VAL D 148 -45.61 -0.34 -17.93
N PRO D 149 -44.52 0.28 -17.43
CA PRO D 149 -43.21 -0.35 -17.66
C PRO D 149 -43.03 -1.66 -16.90
N ILE D 150 -43.60 -1.79 -15.70
CA ILE D 150 -43.45 -3.02 -14.94
C ILE D 150 -44.05 -4.21 -15.70
N ILE D 151 -45.24 -4.01 -16.26
CA ILE D 151 -45.92 -5.09 -16.99
C ILE D 151 -45.24 -5.36 -18.32
N LEU D 152 -44.76 -4.30 -18.99
CA LEU D 152 -44.05 -4.50 -20.26
C LEU D 152 -42.82 -5.38 -20.08
N ALA D 153 -42.09 -5.20 -18.96
CA ALA D 153 -40.90 -6.01 -18.69
C ALA D 153 -41.21 -7.46 -18.36
N GLY D 154 -42.48 -7.86 -18.35
CA GLY D 154 -42.85 -9.23 -18.04
C GLY D 154 -43.24 -9.48 -16.60
N ASN D 155 -43.28 -8.45 -15.77
CA ASN D 155 -43.69 -8.57 -14.39
C ASN D 155 -45.21 -8.54 -14.24
N GLY D 156 -45.69 -9.00 -13.09
CA GLY D 156 -47.02 -8.67 -12.64
C GLY D 156 -47.02 -7.45 -11.73
N TYR D 157 -48.21 -6.87 -11.53
CA TYR D 157 -48.39 -5.62 -10.79
C TYR D 157 -49.61 -5.78 -9.88
N LEU D 158 -49.42 -5.60 -8.58
CA LEU D 158 -50.49 -5.75 -7.59
C LEU D 158 -50.65 -4.43 -6.84
N LEU D 159 -51.76 -3.74 -7.09
CA LEU D 159 -51.95 -2.38 -6.60
C LEU D 159 -52.61 -2.36 -5.24
N LYS D 160 -52.01 -1.65 -4.28
CA LYS D 160 -52.67 -1.25 -3.05
C LYS D 160 -52.79 0.28 -3.10
N HIS D 161 -53.96 0.77 -3.51
CA HIS D 161 -54.18 2.19 -3.71
C HIS D 161 -54.60 2.86 -2.40
N ALA D 162 -54.57 4.19 -2.41
CA ALA D 162 -54.95 4.96 -1.23
C ALA D 162 -56.44 4.78 -0.95
N PRO D 163 -56.83 4.74 0.34
CA PRO D 163 -58.20 4.31 0.68
C PRO D 163 -59.28 5.32 0.34
N ASN D 164 -58.95 6.54 -0.08
CA ASN D 164 -59.96 7.51 -0.50
C ASN D 164 -60.17 7.55 -2.01
N VAL D 165 -59.50 6.68 -2.77
CA VAL D 165 -59.67 6.67 -4.22
C VAL D 165 -59.94 5.26 -4.74
N MET D 166 -60.72 4.47 -3.99
CA MET D 166 -60.96 3.12 -4.44
C MET D 166 -61.95 3.07 -5.59
N GLY D 167 -62.74 4.13 -5.78
CA GLY D 167 -63.50 4.25 -7.01
C GLY D 167 -62.60 4.34 -8.23
N CYS D 168 -61.56 5.17 -8.14
CA CYS D 168 -60.56 5.21 -9.21
C CYS D 168 -59.91 3.85 -9.41
N ALA D 169 -59.53 3.18 -8.31
CA ALA D 169 -58.86 1.89 -8.41
C ALA D 169 -59.73 0.86 -9.13
N GLN D 170 -61.02 0.82 -8.80
CA GLN D 170 -61.91 -0.13 -9.47
C GLN D 170 -62.08 0.22 -10.94
N LEU D 171 -62.14 1.51 -11.27
CA LEU D 171 -62.27 1.90 -12.67
C LEU D 171 -61.00 1.59 -13.44
N ILE D 172 -59.83 1.74 -12.81
CA ILE D 172 -58.58 1.37 -13.47
C ILE D 172 -58.56 -0.12 -13.75
N ALA D 173 -59.06 -0.94 -12.82
CA ALA D 173 -59.10 -2.38 -13.05
C ALA D 173 -60.03 -2.70 -14.21
N GLN D 174 -61.14 -1.98 -14.34
CA GLN D 174 -62.03 -2.18 -15.48
C GLN D 174 -61.33 -1.87 -16.79
N VAL D 175 -60.51 -0.81 -16.82
CA VAL D 175 -59.76 -0.48 -18.03
C VAL D 175 -58.79 -1.60 -18.40
N PHE D 176 -58.10 -2.18 -17.41
CA PHE D 176 -57.20 -3.27 -17.70
C PHE D 176 -57.97 -4.52 -18.13
N LYS D 177 -59.12 -4.76 -17.50
CA LYS D 177 -59.97 -5.88 -17.92
C LYS D 177 -60.51 -5.66 -19.33
N ASP D 178 -60.90 -4.42 -19.65
CA ASP D 178 -61.34 -4.09 -21.01
C ASP D 178 -60.24 -4.36 -22.02
N ALA D 179 -58.99 -4.10 -21.65
CA ALA D 179 -57.85 -4.27 -22.55
C ALA D 179 -57.44 -5.72 -22.71
N GLY D 180 -58.04 -6.64 -21.96
CA GLY D 180 -57.67 -8.03 -22.05
C GLY D 180 -56.37 -8.38 -21.38
N ILE D 181 -55.95 -7.60 -20.39
CA ILE D 181 -54.77 -7.95 -19.59
C ILE D 181 -55.12 -9.15 -18.74
N PRO D 182 -54.36 -10.24 -18.81
CA PRO D 182 -54.75 -11.48 -18.15
C PRO D 182 -54.98 -11.33 -16.66
N GLN D 183 -55.68 -12.34 -16.13
CA GLN D 183 -55.94 -12.43 -14.70
C GLN D 183 -54.63 -12.56 -13.92
N GLY D 184 -54.43 -11.67 -12.96
CA GLY D 184 -53.23 -11.72 -12.14
C GLY D 184 -52.05 -10.94 -12.66
N VAL D 185 -52.06 -10.50 -13.92
CA VAL D 185 -50.99 -9.63 -14.40
C VAL D 185 -51.18 -8.22 -13.86
N TYR D 186 -52.42 -7.72 -13.89
CA TYR D 186 -52.79 -6.53 -13.15
C TYR D 186 -53.85 -6.93 -12.12
N GLY D 187 -53.55 -6.69 -10.85
CA GLY D 187 -54.52 -6.95 -9.80
C GLY D 187 -54.48 -5.84 -8.76
N TRP D 188 -55.42 -5.92 -7.83
CA TRP D 188 -55.51 -4.89 -6.81
C TRP D 188 -56.21 -5.47 -5.58
N LEU D 189 -55.96 -4.84 -4.44
CA LEU D 189 -56.41 -5.33 -3.15
C LEU D 189 -56.66 -4.15 -2.23
N ASN D 190 -57.80 -4.16 -1.53
CA ASN D 190 -58.09 -3.14 -0.52
C ASN D 190 -57.52 -3.56 0.85
N ALA D 191 -56.20 -3.71 0.90
CA ALA D 191 -55.54 -4.19 2.10
C ALA D 191 -55.31 -3.05 3.09
N ASP D 192 -55.45 -3.35 4.37
CA ASP D 192 -55.01 -2.41 5.38
C ASP D 192 -53.49 -2.54 5.57
N ASN D 193 -52.95 -1.78 6.52
CA ASN D 193 -51.50 -1.76 6.69
C ASN D 193 -50.95 -3.14 7.07
N ASP D 194 -51.71 -3.89 7.88
CA ASP D 194 -51.29 -5.25 8.22
C ASP D 194 -51.28 -6.16 7.00
N GLY D 195 -52.24 -5.98 6.10
CA GLY D 195 -52.28 -6.79 4.90
C GLY D 195 -51.07 -6.54 4.01
N VAL D 196 -50.68 -5.27 3.88
CA VAL D 196 -49.45 -4.93 3.17
C VAL D 196 -48.26 -5.62 3.80
N SER D 197 -48.20 -5.63 5.14
CA SER D 197 -47.11 -6.30 5.83
C SER D 197 -47.08 -7.78 5.51
N GLN D 198 -48.25 -8.40 5.48
CA GLN D 198 -48.34 -9.82 5.16
C GLN D 198 -47.84 -10.10 3.74
N MET D 199 -48.19 -9.24 2.79
CA MET D 199 -47.80 -9.47 1.41
C MET D 199 -46.31 -9.29 1.20
N ILE D 200 -45.72 -8.28 1.85
CA ILE D 200 -44.28 -8.05 1.71
C ILE D 200 -43.50 -9.29 2.17
N LYS D 201 -43.95 -9.94 3.24
CA LYS D 201 -43.30 -11.14 3.74
C LYS D 201 -43.57 -12.38 2.90
N ASP D 202 -44.50 -12.31 1.96
CA ASP D 202 -44.92 -13.50 1.20
C ASP D 202 -44.02 -13.71 -0.01
N SER D 203 -43.64 -14.97 -0.25
CA SER D 203 -42.68 -15.27 -1.30
C SER D 203 -43.20 -14.91 -2.69
N ARG D 204 -44.51 -14.73 -2.85
CA ARG D 204 -45.10 -14.45 -4.15
C ARG D 204 -45.05 -12.96 -4.51
N ILE D 205 -44.57 -12.11 -3.62
CA ILE D 205 -44.24 -10.73 -3.93
C ILE D 205 -42.73 -10.65 -4.13
N ALA D 206 -42.31 -10.24 -5.32
CA ALA D 206 -40.89 -10.20 -5.65
C ALA D 206 -40.21 -8.91 -5.19
N ALA D 207 -40.92 -7.79 -5.25
CA ALA D 207 -40.37 -6.48 -4.89
C ALA D 207 -41.54 -5.53 -4.60
N VAL D 208 -41.19 -4.32 -4.15
CA VAL D 208 -42.17 -3.34 -3.68
C VAL D 208 -41.83 -1.98 -4.28
N THR D 209 -42.86 -1.25 -4.70
CA THR D 209 -42.65 0.14 -5.11
C THR D 209 -43.66 1.02 -4.38
N VAL D 210 -43.19 2.14 -3.85
CA VAL D 210 -43.98 2.98 -2.95
C VAL D 210 -43.90 4.42 -3.43
N THR D 211 -45.07 5.04 -3.60
CA THR D 211 -45.18 6.47 -3.81
C THR D 211 -46.07 7.00 -2.69
N GLY D 212 -45.52 7.87 -1.86
CA GLY D 212 -46.27 8.33 -0.71
C GLY D 212 -45.43 9.22 0.18
N SER D 213 -45.86 9.34 1.43
CA SER D 213 -45.17 10.19 2.39
C SER D 213 -43.85 9.56 2.83
N VAL D 214 -42.99 10.41 3.40
CA VAL D 214 -41.74 9.95 4.01
C VAL D 214 -42.03 8.90 5.08
N ARG D 215 -43.07 9.14 5.90
CA ARG D 215 -43.42 8.20 6.96
C ARG D 215 -43.78 6.84 6.39
N ALA D 216 -44.55 6.81 5.29
CA ALA D 216 -44.92 5.54 4.69
C ALA D 216 -43.72 4.84 4.09
N GLY D 217 -42.82 5.60 3.45
CA GLY D 217 -41.64 5.00 2.86
C GLY D 217 -40.73 4.33 3.89
N ALA D 218 -40.55 4.98 5.04
CA ALA D 218 -39.72 4.38 6.08
C ALA D 218 -40.37 3.13 6.65
N ALA D 219 -41.68 3.16 6.86
CA ALA D 219 -42.37 1.99 7.40
C ALA D 219 -42.34 0.82 6.42
N ILE D 220 -42.55 1.09 5.13
CA ILE D 220 -42.59 0.02 4.15
C ILE D 220 -41.18 -0.41 3.74
N GLY D 221 -40.26 0.55 3.62
CA GLY D 221 -38.89 0.20 3.23
C GLY D 221 -38.22 -0.71 4.24
N ALA D 222 -38.41 -0.44 5.54
CA ALA D 222 -37.91 -1.32 6.57
C ALA D 222 -38.40 -2.75 6.39
N GLN D 223 -39.69 -2.91 6.09
CA GLN D 223 -40.26 -4.24 5.91
C GLN D 223 -39.72 -4.91 4.66
N ALA D 224 -39.57 -4.16 3.57
CA ALA D 224 -39.00 -4.75 2.36
C ALA D 224 -37.58 -5.25 2.62
N GLY D 225 -36.77 -4.43 3.30
CA GLY D 225 -35.41 -4.86 3.62
C GLY D 225 -35.38 -6.10 4.50
N ALA D 226 -36.24 -6.14 5.53
CA ALA D 226 -36.30 -7.29 6.42
C ALA D 226 -36.68 -8.56 5.68
N ALA D 227 -37.52 -8.43 4.65
CA ALA D 227 -37.97 -9.56 3.84
C ALA D 227 -37.08 -9.82 2.63
N LEU D 228 -35.99 -9.06 2.49
CA LEU D 228 -35.06 -9.19 1.37
C LEU D 228 -35.73 -8.90 0.03
N LYS D 229 -36.63 -7.92 0.03
CA LYS D 229 -37.32 -7.46 -1.17
C LYS D 229 -36.77 -6.10 -1.56
N LYS D 230 -36.33 -5.97 -2.81
CA LYS D 230 -35.94 -4.66 -3.30
C LYS D 230 -37.14 -3.72 -3.29
N CYS D 231 -36.89 -2.44 -3.04
CA CYS D 231 -37.96 -1.47 -3.07
C CYS D 231 -37.49 -0.20 -3.76
N VAL D 232 -38.44 0.49 -4.39
CA VAL D 232 -38.24 1.84 -4.89
C VAL D 232 -39.15 2.74 -4.08
N LEU D 233 -38.58 3.80 -3.50
CA LEU D 233 -39.32 4.74 -2.67
C LEU D 233 -39.31 6.10 -3.33
N GLU D 234 -40.49 6.57 -3.72
CA GLU D 234 -40.70 7.91 -4.27
C GLU D 234 -41.53 8.66 -3.25
N LEU D 235 -40.87 9.46 -2.42
CA LEU D 235 -41.53 9.98 -1.25
C LEU D 235 -41.82 11.48 -1.41
N GLY D 236 -42.00 12.17 -0.30
CA GLY D 236 -42.39 13.57 -0.36
C GLY D 236 -41.28 14.44 -0.92
N GLY D 237 -41.65 15.67 -1.21
CA GLY D 237 -40.68 16.66 -1.68
C GLY D 237 -40.97 17.99 -1.01
N SER D 238 -39.90 18.78 -0.86
CA SER D 238 -40.02 20.17 -0.45
C SER D 238 -39.14 21.00 -1.38
N ASP D 239 -39.49 20.97 -2.66
CA ASP D 239 -38.58 21.41 -3.71
C ASP D 239 -38.26 22.90 -3.57
N PRO D 240 -37.00 23.29 -3.69
CA PRO D 240 -36.67 24.72 -3.77
C PRO D 240 -36.90 25.26 -5.17
N PHE D 241 -37.18 26.55 -5.22
CA PHE D 241 -37.40 27.30 -6.45
C PHE D 241 -36.57 28.57 -6.29
N ILE D 242 -35.39 28.57 -6.90
CA ILE D 242 -34.40 29.64 -6.70
C ILE D 242 -34.53 30.66 -7.81
N VAL D 243 -34.61 31.94 -7.44
CA VAL D 243 -34.66 33.04 -8.40
C VAL D 243 -33.53 34.02 -8.07
N LEU D 244 -32.64 34.22 -9.03
CA LEU D 244 -31.50 35.11 -8.85
C LEU D 244 -31.78 36.45 -9.50
N ASN D 245 -30.94 37.44 -9.18
CA ASN D 245 -31.21 38.83 -9.57
C ASN D 245 -31.33 38.99 -11.07
N ASP D 246 -30.66 38.14 -11.85
CA ASP D 246 -30.63 38.31 -13.31
C ASP D 246 -31.68 37.45 -14.02
N ALA D 247 -32.67 36.95 -13.30
CA ALA D 247 -33.64 36.06 -13.89
C ALA D 247 -34.63 36.81 -14.79
N ASP D 248 -35.17 36.09 -15.77
CA ASP D 248 -36.37 36.52 -16.47
C ASP D 248 -37.51 36.54 -15.44
N LEU D 249 -37.83 37.73 -14.92
CA LEU D 249 -38.73 37.81 -13.78
C LEU D 249 -40.15 37.37 -14.15
N GLU D 250 -40.64 37.78 -15.33
CA GLU D 250 -42.00 37.40 -15.72
C GLU D 250 -42.14 35.90 -15.89
N LEU D 251 -41.15 35.27 -16.55
CA LEU D 251 -41.20 33.81 -16.69
C LEU D 251 -41.07 33.14 -15.33
N ALA D 252 -40.17 33.64 -14.48
CA ALA D 252 -39.97 33.03 -13.17
C ALA D 252 -41.26 33.01 -12.37
N VAL D 253 -42.03 34.10 -12.44
CA VAL D 253 -43.28 34.18 -11.69
C VAL D 253 -44.32 33.23 -12.26
N LYS D 254 -44.38 33.11 -13.58
CA LYS D 254 -45.38 32.21 -14.19
C LYS D 254 -45.06 30.77 -13.79
N ALA D 255 -43.79 30.37 -13.93
CA ALA D 255 -43.39 29.02 -13.54
C ALA D 255 -43.56 28.81 -12.04
N ALA D 256 -43.32 29.85 -11.23
CA ALA D 256 -43.50 29.73 -9.79
C ALA D 256 -44.96 29.45 -9.44
N VAL D 257 -45.88 30.20 -10.04
CA VAL D 257 -47.30 30.01 -9.71
C VAL D 257 -47.79 28.66 -10.20
N ALA D 258 -47.39 28.26 -11.41
CA ALA D 258 -47.80 26.95 -11.93
C ALA D 258 -47.18 25.83 -11.11
N GLY D 259 -45.95 26.02 -10.63
CA GLY D 259 -45.28 24.96 -9.89
C GLY D 259 -45.86 24.74 -8.51
N ARG D 260 -46.27 25.82 -7.85
CA ARG D 260 -46.79 25.70 -6.48
C ARG D 260 -48.25 25.26 -6.48
N TYR D 261 -49.08 25.78 -7.38
CA TYR D 261 -50.53 25.67 -7.25
C TYR D 261 -51.19 24.64 -8.16
N ARG D 262 -50.42 23.95 -9.01
CA ARG D 262 -51.03 22.88 -9.80
C ARG D 262 -51.56 21.78 -8.88
N ASN D 263 -52.68 21.17 -9.29
CA ASN D 263 -53.37 20.15 -8.49
C ASN D 263 -53.64 20.65 -7.07
N THR D 264 -54.04 21.92 -6.98
CA THR D 264 -54.30 22.58 -5.69
C THR D 264 -53.12 22.39 -4.73
N GLY D 265 -51.90 22.45 -5.29
CA GLY D 265 -50.67 22.36 -4.52
C GLY D 265 -50.28 20.97 -4.09
N GLN D 266 -51.08 19.95 -4.40
CA GLN D 266 -50.85 18.59 -3.92
C GLN D 266 -49.99 17.81 -4.94
N VAL D 267 -48.73 18.27 -5.08
CA VAL D 267 -47.78 17.68 -6.01
C VAL D 267 -46.48 17.38 -5.26
N CYS D 268 -45.96 16.16 -5.45
CA CYS D 268 -44.69 15.80 -4.83
C CYS D 268 -43.57 16.73 -5.24
N ALA D 269 -43.41 16.95 -6.54
CA ALA D 269 -42.38 17.83 -7.07
C ALA D 269 -42.90 19.24 -7.30
N ALA D 270 -43.81 19.72 -6.45
CA ALA D 270 -44.24 21.11 -6.54
C ALA D 270 -43.12 22.04 -6.09
N ALA D 271 -43.12 23.25 -6.64
CA ALA D 271 -42.27 24.31 -6.10
C ALA D 271 -42.85 24.71 -4.73
N LYS D 272 -42.14 24.35 -3.66
CA LYS D 272 -42.67 24.60 -2.32
C LYS D 272 -41.90 25.65 -1.54
N ARG D 273 -40.58 25.74 -1.72
CA ARG D 273 -39.77 26.74 -1.02
C ARG D 273 -39.18 27.71 -2.04
N PHE D 274 -39.74 28.92 -2.09
CA PHE D 274 -39.21 29.96 -2.97
C PHE D 274 -38.06 30.66 -2.29
N ILE D 275 -36.91 30.67 -2.94
CA ILE D 275 -35.65 31.15 -2.39
C ILE D 275 -35.16 32.21 -3.36
N ILE D 276 -35.29 33.48 -2.97
CA ILE D 276 -35.18 34.60 -3.88
C ILE D 276 -34.02 35.49 -3.46
N GLU D 277 -33.13 35.80 -4.40
CA GLU D 277 -32.01 36.67 -4.10
C GLU D 277 -32.51 38.05 -3.68
N GLU D 278 -31.78 38.67 -2.76
CA GLU D 278 -32.28 39.85 -2.05
C GLU D 278 -32.63 40.99 -3.01
N GLY D 279 -31.86 41.15 -4.08
CA GLY D 279 -32.07 42.29 -4.97
C GLY D 279 -33.38 42.24 -5.74
N ILE D 280 -33.88 41.04 -6.03
CA ILE D 280 -35.10 40.87 -6.81
C ILE D 280 -36.26 40.37 -5.96
N ALA D 281 -36.06 40.24 -4.65
CA ALA D 281 -37.05 39.60 -3.79
C ALA D 281 -38.34 40.40 -3.71
N SER D 282 -38.22 41.72 -3.59
CA SER D 282 -39.43 42.54 -3.48
C SER D 282 -40.26 42.47 -4.76
N ALA D 283 -39.61 42.57 -5.92
CA ALA D 283 -40.34 42.54 -7.18
C ALA D 283 -40.96 41.17 -7.43
N PHE D 284 -40.20 40.10 -7.20
CA PHE D 284 -40.75 38.75 -7.35
C PHE D 284 -41.96 38.55 -6.45
N THR D 285 -41.84 38.94 -5.18
CA THR D 285 -42.88 38.67 -4.21
C THR D 285 -44.18 39.39 -4.57
N GLU D 286 -44.09 40.66 -4.97
CA GLU D 286 -45.29 41.41 -5.33
C GLU D 286 -45.95 40.83 -6.58
N ARG D 287 -45.15 40.48 -7.59
CA ARG D 287 -45.71 39.85 -8.78
C ARG D 287 -46.27 38.47 -8.48
N PHE D 288 -45.60 37.72 -7.61
CA PHE D 288 -46.09 36.38 -7.28
C PHE D 288 -47.42 36.43 -6.56
N VAL D 289 -47.56 37.35 -5.60
CA VAL D 289 -48.81 37.51 -4.86
C VAL D 289 -49.94 37.90 -5.82
N ALA D 290 -49.66 38.84 -6.72
CA ALA D 290 -50.69 39.25 -7.68
C ALA D 290 -51.10 38.10 -8.60
N ALA D 291 -50.13 37.30 -9.05
CA ALA D 291 -50.43 36.19 -9.94
C ALA D 291 -51.16 35.07 -9.22
N ALA D 292 -50.75 34.72 -8.00
CA ALA D 292 -51.48 33.71 -7.24
C ALA D 292 -52.89 34.17 -6.91
N ALA D 293 -53.07 35.47 -6.66
CA ALA D 293 -54.39 35.99 -6.32
C ALA D 293 -55.37 35.90 -7.50
N ALA D 294 -54.87 35.87 -8.74
CA ALA D 294 -55.73 35.79 -9.91
C ALA D 294 -56.24 34.38 -10.19
N LEU D 295 -55.85 33.39 -9.38
CA LEU D 295 -56.32 32.02 -9.59
C LEU D 295 -57.73 31.85 -9.03
N LYS D 296 -58.63 31.30 -9.84
CA LYS D 296 -59.99 31.02 -9.41
C LYS D 296 -60.07 29.68 -8.70
N MET D 297 -60.84 29.64 -7.62
CA MET D 297 -61.03 28.42 -6.86
C MET D 297 -62.52 28.16 -6.67
N GLY D 298 -62.92 26.90 -6.85
CA GLY D 298 -64.32 26.55 -6.64
C GLY D 298 -64.60 25.14 -7.12
N ASP D 299 -65.87 24.90 -7.45
CA ASP D 299 -66.37 23.61 -7.93
C ASP D 299 -65.45 23.04 -9.00
N PRO D 300 -64.77 21.92 -8.74
CA PRO D 300 -63.81 21.41 -9.73
C PRO D 300 -64.46 20.88 -11.01
N ARG D 301 -65.78 20.70 -11.04
CA ARG D 301 -66.45 20.37 -12.30
C ARG D 301 -66.58 21.57 -13.22
N ASP D 302 -66.39 22.78 -12.68
CA ASP D 302 -66.44 24.01 -13.47
C ASP D 302 -65.04 24.31 -13.99
N GLU D 303 -64.92 24.37 -15.33
CA GLU D 303 -63.61 24.53 -15.96
C GLU D 303 -63.02 25.93 -15.81
N GLU D 304 -63.77 26.88 -15.25
CA GLU D 304 -63.17 28.19 -15.00
C GLU D 304 -62.25 28.16 -13.79
N ASN D 305 -62.33 27.13 -12.96
CA ASN D 305 -61.60 27.11 -11.70
C ASN D 305 -60.24 26.44 -11.86
N ALA D 306 -59.20 27.15 -11.43
CA ALA D 306 -57.84 26.64 -11.49
C ALA D 306 -57.49 25.80 -10.27
N LEU D 307 -58.16 26.04 -9.14
CA LEU D 307 -58.01 25.24 -7.94
C LEU D 307 -59.36 24.65 -7.55
N GLY D 308 -59.32 23.42 -7.04
CA GLY D 308 -60.49 22.83 -6.41
C GLY D 308 -60.31 22.84 -4.91
N PRO D 309 -61.14 22.09 -4.20
CA PRO D 309 -60.87 21.85 -2.79
C PRO D 309 -59.67 20.94 -2.64
N MET D 310 -59.07 20.94 -1.44
CA MET D 310 -58.09 19.92 -1.14
C MET D 310 -58.78 18.57 -0.99
N ALA D 311 -57.99 17.51 -1.11
CA ALA D 311 -58.56 16.17 -1.23
C ALA D 311 -59.14 15.67 0.09
N ARG D 312 -58.46 15.93 1.21
CA ARG D 312 -58.81 15.31 2.48
C ARG D 312 -59.03 16.39 3.53
N PHE D 313 -60.15 16.30 4.25
CA PHE D 313 -60.47 17.32 5.25
C PHE D 313 -59.42 17.35 6.36
N ASP D 314 -58.91 16.19 6.75
CA ASP D 314 -57.91 16.16 7.81
C ASP D 314 -56.60 16.77 7.35
N LEU D 315 -56.29 16.70 6.06
CA LEU D 315 -55.05 17.27 5.57
C LEU D 315 -55.16 18.77 5.36
N ARG D 316 -56.36 19.29 5.06
CA ARG D 316 -56.53 20.74 5.12
C ARG D 316 -56.32 21.23 6.54
N ASP D 317 -56.84 20.49 7.53
CA ASP D 317 -56.61 20.86 8.92
C ASP D 317 -55.13 20.89 9.23
N GLU D 318 -54.40 19.88 8.76
CA GLU D 318 -52.96 19.81 9.01
C GLU D 318 -52.24 20.96 8.35
N LEU D 319 -52.59 21.27 7.10
CA LEU D 319 -51.93 22.36 6.38
C LEU D 319 -52.19 23.71 7.05
N HIS D 320 -53.42 23.94 7.50
CA HIS D 320 -53.70 25.22 8.17
C HIS D 320 -52.97 25.31 9.50
N HIS D 321 -52.82 24.19 10.20
CA HIS D 321 -52.01 24.16 11.40
C HIS D 321 -50.55 24.53 11.10
N GLN D 322 -50.02 24.01 9.98
CA GLN D 322 -48.66 24.39 9.57
C GLN D 322 -48.58 25.88 9.26
N VAL D 323 -49.61 26.44 8.63
CA VAL D 323 -49.63 27.87 8.36
C VAL D 323 -49.62 28.66 9.66
N GLU D 324 -50.50 28.28 10.60
CA GLU D 324 -50.60 29.02 11.85
C GLU D 324 -49.30 28.94 12.64
N LYS D 325 -48.67 27.76 12.66
CA LYS D 325 -47.39 27.63 13.34
C LYS D 325 -46.34 28.52 12.70
N THR D 326 -46.30 28.56 11.37
CA THR D 326 -45.29 29.36 10.69
C THR D 326 -45.52 30.85 10.93
N LEU D 327 -46.77 31.28 10.96
CA LEU D 327 -47.05 32.68 11.28
C LEU D 327 -46.68 33.00 12.73
N ALA D 328 -47.00 32.09 13.65
CA ALA D 328 -46.63 32.30 15.05
C ALA D 328 -45.13 32.34 15.23
N GLN D 329 -44.37 31.65 14.37
CA GLN D 329 -42.92 31.65 14.43
C GLN D 329 -42.30 32.91 13.85
N GLY D 330 -43.08 33.77 13.21
CA GLY D 330 -42.58 35.05 12.71
C GLY D 330 -42.78 35.31 11.23
N ALA D 331 -43.34 34.38 10.45
CA ALA D 331 -43.58 34.67 9.04
C ALA D 331 -44.71 35.71 8.90
N ARG D 332 -44.80 36.28 7.70
CA ARG D 332 -45.84 37.24 7.38
C ARG D 332 -46.82 36.65 6.37
N LEU D 333 -48.11 36.92 6.58
CA LEU D 333 -49.14 36.43 5.68
C LEU D 333 -49.39 37.46 4.59
N LEU D 334 -49.15 37.07 3.33
CA LEU D 334 -49.39 37.95 2.19
C LEU D 334 -50.62 37.59 1.40
N LEU D 335 -51.19 36.41 1.58
CA LEU D 335 -52.34 35.99 0.78
C LEU D 335 -52.95 34.73 1.40
N GLY D 336 -54.27 34.64 1.40
CA GLY D 336 -54.95 33.43 1.84
C GLY D 336 -54.74 33.18 3.33
N GLY D 337 -54.46 31.93 3.68
CA GLY D 337 -54.15 31.59 5.06
C GLY D 337 -55.35 31.40 5.97
N GLU D 338 -56.50 31.03 5.43
CA GLU D 338 -57.63 30.67 6.28
C GLU D 338 -58.49 29.63 5.57
N LYS D 339 -59.00 28.67 6.34
CA LYS D 339 -59.93 27.70 5.78
C LYS D 339 -61.19 28.41 5.31
N MET D 340 -61.66 28.05 4.11
CA MET D 340 -62.92 28.59 3.64
C MET D 340 -64.06 27.93 4.40
N ALA D 341 -65.01 28.74 4.87
CA ALA D 341 -66.19 28.21 5.52
C ALA D 341 -67.03 27.44 4.50
N GLY D 342 -67.81 26.48 4.99
CA GLY D 342 -68.73 25.74 4.17
C GLY D 342 -68.44 24.25 4.19
N ALA D 343 -69.25 23.52 3.41
CA ALA D 343 -69.14 22.06 3.38
C ALA D 343 -67.95 21.58 2.56
N GLY D 344 -67.42 22.41 1.66
CA GLY D 344 -66.29 22.02 0.85
C GLY D 344 -64.97 22.21 1.56
N ASN D 345 -63.99 21.42 1.12
CA ASN D 345 -62.66 21.39 1.74
C ASN D 345 -61.71 22.39 1.09
N TYR D 346 -62.13 23.64 1.01
CA TYR D 346 -61.42 24.65 0.23
C TYR D 346 -60.40 25.39 1.08
N TYR D 347 -59.20 25.56 0.52
CA TYR D 347 -58.15 26.39 1.09
C TYR D 347 -57.64 27.30 -0.01
N PRO D 348 -57.60 28.61 0.19
CA PRO D 348 -57.29 29.53 -0.91
C PRO D 348 -55.80 29.54 -1.20
N PRO D 349 -55.40 30.01 -2.38
CA PRO D 349 -53.97 30.23 -2.63
C PRO D 349 -53.39 31.13 -1.55
N THR D 350 -52.26 30.70 -0.99
CA THR D 350 -51.72 31.28 0.22
C THR D 350 -50.24 31.56 0.01
N VAL D 351 -49.75 32.69 0.53
CA VAL D 351 -48.35 33.07 0.42
C VAL D 351 -47.85 33.49 1.80
N LEU D 352 -46.71 32.93 2.20
CA LEU D 352 -46.05 33.29 3.45
C LEU D 352 -44.68 33.86 3.14
N ALA D 353 -44.37 35.03 3.68
CA ALA D 353 -43.08 35.66 3.51
C ALA D 353 -42.33 35.67 4.82
N ASN D 354 -41.05 36.04 4.76
CA ASN D 354 -40.17 36.01 5.94
C ASN D 354 -40.11 34.60 6.52
N VAL D 355 -40.12 33.60 5.65
CA VAL D 355 -39.97 32.22 6.10
C VAL D 355 -38.48 31.94 6.26
N THR D 356 -38.07 31.65 7.49
CA THR D 356 -36.69 31.33 7.83
C THR D 356 -36.51 29.81 7.96
N PRO D 357 -35.27 29.32 7.87
CA PRO D 357 -35.06 27.86 7.90
C PRO D 357 -35.53 27.17 9.16
N GLU D 358 -35.76 27.91 10.24
CA GLU D 358 -36.23 27.30 11.48
C GLU D 358 -37.74 27.07 11.50
N MET D 359 -38.45 27.54 10.48
CA MET D 359 -39.91 27.59 10.53
C MET D 359 -40.54 26.34 9.93
N THR D 360 -41.77 26.06 10.37
CA THR D 360 -42.49 24.86 9.98
C THR D 360 -42.61 24.75 8.47
N ALA D 361 -43.00 25.84 7.80
CA ALA D 361 -43.22 25.81 6.35
C ALA D 361 -41.93 25.64 5.56
N PHE D 362 -40.77 25.81 6.19
CA PHE D 362 -39.49 25.55 5.53
C PHE D 362 -39.00 24.12 5.75
N ARG D 363 -39.34 23.51 6.89
CA ARG D 363 -38.80 22.20 7.22
C ARG D 363 -39.75 21.05 6.92
N GLU D 364 -41.05 21.30 6.82
CA GLU D 364 -42.01 20.24 6.53
C GLU D 364 -42.59 20.42 5.13
N GLU D 365 -43.06 19.30 4.55
CA GLU D 365 -43.74 19.37 3.26
C GLU D 365 -45.08 20.06 3.43
N MET D 366 -45.30 21.12 2.65
CA MET D 366 -46.55 21.86 2.65
C MET D 366 -47.36 21.36 1.45
N PHE D 367 -48.22 20.37 1.70
CA PHE D 367 -48.86 19.63 0.61
C PHE D 367 -50.23 20.21 0.30
N GLY D 368 -50.20 21.51 -0.04
CA GLY D 368 -51.38 22.28 -0.34
C GLY D 368 -50.94 23.60 -0.94
N PRO D 369 -51.89 24.50 -1.20
CA PRO D 369 -51.59 25.74 -1.94
C PRO D 369 -51.02 26.83 -1.05
N VAL D 370 -49.83 26.58 -0.48
CA VAL D 370 -49.17 27.52 0.42
C VAL D 370 -47.75 27.72 -0.07
N ALA D 371 -47.44 28.92 -0.55
CA ALA D 371 -46.09 29.26 -0.97
C ALA D 371 -45.32 29.87 0.21
N ALA D 372 -44.10 29.37 0.43
CA ALA D 372 -43.17 29.93 1.39
C ALA D 372 -42.07 30.67 0.65
N ILE D 373 -41.80 31.90 1.03
CA ILE D 373 -40.78 32.72 0.39
C ILE D 373 -39.69 33.04 1.40
N THR D 374 -38.45 32.71 1.03
CA THR D 374 -37.26 32.92 1.84
C THR D 374 -36.30 33.79 1.05
N ILE D 375 -35.70 34.79 1.70
CA ILE D 375 -34.75 35.68 1.07
C ILE D 375 -33.35 35.08 1.17
N ALA D 376 -32.64 35.06 0.03
CA ALA D 376 -31.26 34.61 -0.02
C ALA D 376 -30.33 35.81 -0.17
N LYS D 377 -29.19 35.79 0.52
CA LYS D 377 -28.27 36.93 0.45
C LYS D 377 -27.57 36.98 -0.91
N ASP D 378 -27.26 35.82 -1.47
CA ASP D 378 -26.62 35.70 -2.78
C ASP D 378 -26.82 34.27 -3.26
N ALA D 379 -26.20 33.93 -4.39
CA ALA D 379 -26.39 32.62 -4.99
C ALA D 379 -25.89 31.51 -4.09
N GLU D 380 -24.77 31.73 -3.41
CA GLU D 380 -24.24 30.70 -2.52
C GLU D 380 -25.18 30.45 -1.34
N HIS D 381 -25.77 31.52 -0.80
CA HIS D 381 -26.76 31.36 0.27
C HIS D 381 -28.00 30.67 -0.25
N ALA D 382 -28.39 30.93 -1.51
CA ALA D 382 -29.57 30.29 -2.08
C ALA D 382 -29.37 28.78 -2.20
N LEU D 383 -28.17 28.35 -2.62
CA LEU D 383 -27.88 26.92 -2.71
C LEU D 383 -27.87 26.28 -1.33
N GLU D 384 -27.27 26.97 -0.35
CA GLU D 384 -27.26 26.46 1.01
C GLU D 384 -28.67 26.30 1.55
N LEU D 385 -29.51 27.32 1.35
CA LEU D 385 -30.91 27.24 1.78
C LEU D 385 -31.64 26.10 1.09
N ALA D 386 -31.43 25.95 -0.22
CA ALA D 386 -32.11 24.90 -0.97
C ALA D 386 -31.76 23.51 -0.44
N ASN D 387 -30.49 23.28 -0.11
CA ASN D 387 -30.05 21.97 0.37
C ASN D 387 -30.34 21.75 1.84
N ASP D 388 -30.72 22.79 2.58
CA ASP D 388 -31.02 22.66 4.01
C ASP D 388 -32.44 22.11 4.18
N SER D 389 -32.59 20.83 3.88
CA SER D 389 -33.88 20.17 3.90
C SER D 389 -33.67 18.67 4.01
N GLU D 390 -34.56 17.97 4.71
CA GLU D 390 -34.52 16.51 4.70
C GLU D 390 -34.93 15.94 3.35
N PHE D 391 -35.66 16.71 2.55
CA PHE D 391 -36.16 16.29 1.25
C PHE D 391 -35.13 16.56 0.16
N GLY D 392 -35.36 15.95 -0.99
CA GLY D 392 -34.47 16.14 -2.13
C GLY D 392 -35.02 15.52 -3.39
N LEU D 393 -36.21 15.95 -3.81
CA LEU D 393 -36.82 15.37 -5.00
C LEU D 393 -36.39 16.11 -6.26
N SER D 394 -36.70 17.40 -6.34
CA SER D 394 -36.45 18.17 -7.55
C SER D 394 -36.17 19.61 -7.15
N ALA D 395 -35.88 20.45 -8.15
CA ALA D 395 -35.53 21.84 -7.88
C ALA D 395 -35.65 22.65 -9.16
N THR D 396 -35.81 23.97 -9.00
CA THR D 396 -35.83 24.91 -10.11
C THR D 396 -34.82 26.01 -9.85
N ILE D 397 -34.13 26.46 -10.89
CA ILE D 397 -33.26 27.63 -10.82
C ILE D 397 -33.63 28.56 -11.97
N PHE D 398 -33.92 29.81 -11.64
CA PHE D 398 -34.14 30.85 -12.64
C PHE D 398 -32.98 31.84 -12.57
N THR D 399 -32.22 31.93 -13.66
CA THR D 399 -31.11 32.85 -13.82
C THR D 399 -30.72 32.87 -15.29
N THR D 400 -30.31 34.04 -15.77
CA THR D 400 -29.83 34.11 -17.13
C THR D 400 -28.38 33.67 -17.26
N ASP D 401 -27.67 33.45 -16.14
CA ASP D 401 -26.30 32.95 -16.17
C ASP D 401 -26.37 31.43 -16.18
N GLU D 402 -26.33 30.85 -17.39
CA GLU D 402 -26.46 29.40 -17.51
C GLU D 402 -25.28 28.68 -16.88
N THR D 403 -24.06 29.21 -17.03
CA THR D 403 -22.91 28.58 -16.40
C THR D 403 -23.11 28.45 -14.90
N GLN D 404 -23.63 29.50 -14.26
CA GLN D 404 -23.90 29.42 -12.83
C GLN D 404 -25.03 28.44 -12.52
N ALA D 405 -26.05 28.40 -13.37
CA ALA D 405 -27.16 27.47 -13.15
C ALA D 405 -26.69 26.03 -13.20
N ARG D 406 -25.79 25.70 -14.14
CA ARG D 406 -25.29 24.34 -14.24
C ARG D 406 -24.40 23.98 -13.05
N GLN D 407 -23.58 24.93 -12.59
CA GLN D 407 -22.74 24.69 -11.42
C GLN D 407 -23.60 24.44 -10.18
N MET D 408 -24.65 25.25 -10.00
CA MET D 408 -25.56 25.05 -8.89
C MET D 408 -26.28 23.71 -9.01
N ALA D 409 -26.70 23.36 -10.22
CA ALA D 409 -27.42 22.09 -10.42
C ALA D 409 -26.58 20.91 -9.95
N ALA D 410 -25.27 20.92 -10.25
CA ALA D 410 -24.40 19.84 -9.83
C ALA D 410 -24.27 19.76 -8.32
N ARG D 411 -24.53 20.85 -7.60
CA ARG D 411 -24.41 20.88 -6.15
C ARG D 411 -25.76 20.79 -5.43
N LEU D 412 -26.86 20.75 -6.17
CA LEU D 412 -28.17 20.57 -5.56
C LEU D 412 -28.39 19.10 -5.23
N GLU D 413 -28.78 18.83 -3.99
CA GLU D 413 -29.00 17.46 -3.52
C GLU D 413 -30.43 17.04 -3.83
N CYS D 414 -30.68 16.77 -5.11
CA CYS D 414 -31.99 16.33 -5.56
C CYS D 414 -31.84 15.60 -6.89
N GLY D 415 -32.88 14.84 -7.26
CA GLY D 415 -32.85 14.03 -8.46
C GLY D 415 -33.23 14.72 -9.74
N GLY D 416 -33.75 15.94 -9.67
CA GLY D 416 -34.09 16.70 -10.86
C GLY D 416 -33.86 18.17 -10.66
N VAL D 417 -33.38 18.86 -11.69
CA VAL D 417 -33.16 20.30 -11.65
C VAL D 417 -33.66 20.88 -12.96
N PHE D 418 -34.59 21.83 -12.87
CA PHE D 418 -35.13 22.53 -14.02
C PHE D 418 -34.56 23.94 -14.06
N ILE D 419 -33.97 24.31 -15.19
CA ILE D 419 -33.34 25.60 -15.38
C ILE D 419 -34.25 26.44 -16.26
N ASN D 420 -34.75 27.54 -15.71
CA ASN D 420 -35.56 28.50 -16.45
C ASN D 420 -36.75 27.82 -17.11
N GLY D 421 -37.46 26.99 -16.37
CA GLY D 421 -38.61 26.32 -16.96
C GLY D 421 -39.52 25.70 -15.92
N TYR D 422 -40.48 24.94 -16.42
CA TYR D 422 -41.56 24.36 -15.64
C TYR D 422 -41.23 22.92 -15.27
N CYS D 423 -41.14 22.65 -13.97
CA CYS D 423 -40.92 21.29 -13.49
C CYS D 423 -42.09 20.38 -13.84
N ALA D 424 -41.78 19.16 -14.26
CA ALA D 424 -42.81 18.18 -14.58
C ALA D 424 -42.15 16.81 -14.69
N SER D 425 -42.97 15.77 -14.59
CA SER D 425 -42.53 14.43 -14.92
C SER D 425 -42.83 14.14 -16.38
N ASP D 426 -42.00 13.29 -16.98
CA ASP D 426 -42.07 13.01 -18.41
C ASP D 426 -41.47 11.64 -18.67
N ALA D 427 -42.14 10.87 -19.54
CA ALA D 427 -41.70 9.51 -19.81
C ALA D 427 -40.25 9.44 -20.26
N ARG D 428 -39.73 10.53 -20.82
CA ARG D 428 -38.41 10.50 -21.45
C ARG D 428 -37.26 10.77 -20.50
N VAL D 429 -37.53 11.15 -19.24
CA VAL D 429 -36.44 11.46 -18.30
C VAL D 429 -36.65 10.71 -17.00
N ALA D 430 -35.56 10.53 -16.27
CA ALA D 430 -35.61 9.89 -14.96
C ALA D 430 -36.35 10.78 -13.96
N PHE D 431 -37.06 10.12 -13.04
CA PHE D 431 -37.78 10.80 -11.96
C PHE D 431 -37.49 10.08 -10.65
N GLY D 432 -37.15 10.83 -9.63
CA GLY D 432 -36.85 10.28 -8.32
C GLY D 432 -35.91 11.18 -7.56
N GLY D 433 -35.83 10.96 -6.26
CA GLY D 433 -35.09 11.86 -5.41
C GLY D 433 -33.93 11.25 -4.64
N VAL D 434 -33.42 12.00 -3.67
CA VAL D 434 -32.39 11.56 -2.75
C VAL D 434 -32.85 11.92 -1.33
N LYS D 435 -32.02 11.55 -0.35
CA LYS D 435 -32.26 11.87 1.06
C LYS D 435 -33.62 11.28 1.44
N LYS D 436 -34.44 11.98 2.24
CA LYS D 436 -35.70 11.40 2.66
C LYS D 436 -36.76 11.38 1.55
N SER D 437 -36.49 11.99 0.39
CA SER D 437 -37.38 11.81 -0.74
C SER D 437 -37.29 10.41 -1.35
N GLY D 438 -36.32 9.59 -0.91
CA GLY D 438 -36.27 8.19 -1.29
C GLY D 438 -35.10 7.81 -2.19
N PHE D 439 -35.29 6.74 -2.97
CA PHE D 439 -34.24 6.26 -3.86
C PHE D 439 -34.90 5.40 -4.93
N GLY D 440 -34.11 5.07 -5.94
CA GLY D 440 -34.63 4.46 -7.14
C GLY D 440 -35.25 5.49 -8.07
N ARG D 441 -35.37 5.11 -9.34
CA ARG D 441 -35.78 6.05 -10.38
C ARG D 441 -36.90 5.44 -11.20
N GLU D 442 -37.80 6.29 -11.67
CA GLU D 442 -38.92 5.86 -12.49
C GLU D 442 -38.82 6.52 -13.87
N LEU D 443 -39.63 5.99 -14.79
CA LEU D 443 -39.75 6.45 -16.16
C LEU D 443 -38.48 6.21 -16.98
N SER D 444 -38.54 6.47 -18.28
CA SER D 444 -37.48 6.15 -19.23
C SER D 444 -37.13 4.68 -19.10
N HIS D 445 -35.87 4.33 -19.38
CA HIS D 445 -35.45 2.95 -19.17
C HIS D 445 -35.26 2.62 -17.69
N PHE D 446 -35.13 3.65 -16.84
CA PHE D 446 -34.92 3.42 -15.41
C PHE D 446 -36.13 2.70 -14.79
N GLY D 447 -37.33 3.18 -15.09
CA GLY D 447 -38.52 2.52 -14.59
C GLY D 447 -38.74 1.13 -15.15
N LEU D 448 -38.21 0.86 -16.35
CA LEU D 448 -38.25 -0.49 -16.90
C LEU D 448 -37.30 -1.42 -16.16
N HIS D 449 -36.10 -0.92 -15.85
CA HIS D 449 -35.02 -1.78 -15.37
C HIS D 449 -35.02 -1.98 -13.86
N GLU D 450 -35.65 -1.08 -13.10
CA GLU D 450 -35.64 -1.19 -11.64
C GLU D 450 -36.18 -2.53 -11.17
N PHE D 451 -37.16 -3.08 -11.88
CA PHE D 451 -37.78 -4.34 -11.48
C PHE D 451 -37.54 -5.42 -12.54
N CYS D 452 -36.38 -5.36 -13.19
CA CYS D 452 -35.84 -6.47 -13.95
C CYS D 452 -34.78 -7.20 -13.14
N ASN D 453 -34.68 -8.50 -13.40
CA ASN D 453 -33.49 -9.27 -13.03
C ASN D 453 -32.47 -9.08 -14.15
N ILE D 454 -31.46 -8.27 -13.88
CA ILE D 454 -30.38 -8.04 -14.83
C ILE D 454 -29.48 -9.25 -14.79
N GLN D 455 -29.38 -9.97 -15.91
CA GLN D 455 -28.82 -11.32 -15.94
C GLN D 455 -27.70 -11.41 -16.96
N THR D 456 -26.48 -11.63 -16.47
CA THR D 456 -25.35 -11.99 -17.34
C THR D 456 -25.56 -13.39 -17.91
N VAL D 457 -25.40 -13.54 -19.22
CA VAL D 457 -25.40 -14.84 -19.88
C VAL D 457 -24.10 -14.93 -20.69
N TRP D 458 -23.25 -15.89 -20.33
CA TRP D 458 -21.88 -15.97 -20.82
C TRP D 458 -21.62 -17.39 -21.31
N LYS D 459 -21.29 -17.53 -22.59
CA LYS D 459 -21.06 -18.83 -23.21
C LYS D 459 -19.57 -19.07 -23.40
N ASP D 460 -19.14 -20.32 -23.17
CA ASP D 460 -17.78 -20.78 -23.48
C ASP D 460 -16.71 -19.98 -22.75
N ARG D 461 -16.97 -19.64 -21.48
CA ARG D 461 -15.92 -19.02 -20.69
C ARG D 461 -14.96 -20.11 -20.24
N ILE D 462 -13.89 -20.32 -21.01
CA ILE D 462 -12.91 -21.35 -20.71
C ILE D 462 -11.50 -20.82 -20.92
PA NAD E . 33.00 -17.41 -5.13
O1A NAD E . 33.41 -16.01 -5.24
O2A NAD E . 33.28 -18.10 -6.54
O5B NAD E . 31.43 -17.49 -4.82
C5B NAD E . 31.15 -16.78 -3.63
C4B NAD E . 29.68 -16.32 -3.63
O4B NAD E . 29.56 -15.15 -4.44
C3B NAD E . 28.73 -17.37 -4.23
O3B NAD E . 27.45 -17.27 -3.61
C2B NAD E . 28.64 -16.93 -5.71
O2B NAD E . 27.44 -17.37 -6.33
C1B NAD E . 28.63 -15.40 -5.51
N9A NAD E . 29.10 -14.66 -6.68
C8A NAD E . 30.28 -14.82 -7.32
N7A NAD E . 30.36 -13.97 -8.30
C5A NAD E . 29.23 -13.23 -8.35
C6A NAD E . 28.75 -12.20 -9.17
N6A NAD E . 29.50 -11.72 -10.21
N1A NAD E . 27.55 -11.70 -8.91
C2A NAD E . 26.82 -12.15 -7.91
N3A NAD E . 27.22 -13.11 -7.12
C4A NAD E . 28.41 -13.67 -7.30
O3 NAD E . 33.89 -18.06 -3.95
PN NAD E . 33.54 -19.55 -3.44
O1N NAD E . 34.23 -20.59 -4.33
O2N NAD E . 32.04 -19.85 -3.38
O5D NAD E . 34.12 -19.64 -1.93
C5D NAD E . 35.54 -19.60 -1.92
C4D NAD E . 36.09 -18.22 -1.53
O4D NAD E . 35.46 -17.72 -0.33
C3D NAD E . 37.59 -18.33 -1.21
O3D NAD E . 38.31 -17.32 -1.90
C2D NAD E . 37.62 -18.12 0.32
O2D NAD E . 38.87 -17.61 0.76
C1D NAD E . 36.48 -17.11 0.47
N1N NAD E . 36.06 -17.02 1.86
C2N NAD E . 36.29 -15.92 2.57
C3N NAD E . 35.88 -15.84 3.91
C7N NAD E . 36.12 -14.65 4.74
O7N NAD E . 35.50 -14.52 5.77
N7N NAD E . 37.02 -13.72 4.38
C4N NAD E . 35.24 -16.94 4.48
C5N NAD E . 35.03 -18.06 3.69
C6N NAD E . 35.46 -18.06 2.38
PA NAD F . 30.42 17.63 -5.96
O1A NAD F . 30.13 16.19 -5.84
O2A NAD F . 29.97 18.06 -7.42
O5B NAD F . 32.00 17.85 -5.82
C5B NAD F . 32.47 17.15 -4.66
C4B NAD F . 33.94 16.77 -4.84
O4B NAD F . 33.97 15.54 -5.59
C3B NAD F . 34.74 17.78 -5.65
O3B NAD F . 36.09 17.81 -5.21
C2B NAD F . 34.67 17.23 -7.09
O2B NAD F . 35.77 17.67 -7.87
C1B NAD F . 34.79 15.72 -6.76
N9A NAD F . 34.24 14.85 -7.79
C8A NAD F . 32.98 14.90 -8.32
N7A NAD F . 32.84 13.95 -9.19
C5A NAD F . 33.99 13.23 -9.26
C6A NAD F . 34.41 12.12 -10.00
N6A NAD F . 33.57 11.52 -10.90
N1A NAD F . 35.65 11.68 -9.81
C2A NAD F . 36.45 12.26 -8.95
N3A NAD F . 36.11 13.29 -8.23
C4A NAD F . 34.89 13.81 -8.36
O3 NAD F . 29.58 18.33 -4.78
PN NAD F . 29.95 19.85 -4.37
O1N NAD F . 29.24 20.83 -5.32
O2N NAD F . 31.46 20.16 -4.39
O5D NAD F . 29.45 20.07 -2.85
C5D NAD F . 28.03 19.93 -2.78
C4D NAD F . 27.60 18.57 -2.21
O4D NAD F . 28.39 18.22 -1.04
C3D NAD F . 26.14 18.68 -1.72
O3D NAD F . 25.40 17.56 -2.18
C2D NAD F . 26.29 18.66 -0.18
O2D NAD F . 25.11 18.19 0.46
C1D NAD F . 27.48 17.69 -0.06
N1N NAD F . 28.08 17.73 1.28
C2N NAD F . 27.95 16.69 2.08
C3N NAD F . 28.52 16.73 3.36
C7N NAD F . 28.40 15.58 4.29
O7N NAD F . 29.17 15.50 5.21
N7N NAD F . 27.44 14.67 4.12
C4N NAD F . 29.20 17.87 3.77
C5N NAD F . 29.30 18.92 2.88
C6N NAD F . 28.72 18.81 1.63
PA NAD G . -21.66 -12.97 7.59
O1A NAD G . -22.99 -12.44 7.22
O2A NAD G . -21.83 -13.80 8.93
O5B NAD G . -20.68 -11.74 7.85
C5B NAD G . -20.77 -10.84 6.76
C4B NAD G . -20.45 -9.40 7.20
O4B NAD G . -21.63 -8.86 7.79
C3B NAD G . -19.36 -9.35 8.30
O3B NAD G . -18.64 -8.13 8.19
C2B NAD G . -20.19 -9.34 9.60
O2B NAD G . -19.46 -8.72 10.66
C1B NAD G . -21.35 -8.42 9.13
N9A NAD G . -22.56 -8.61 9.91
C8A NAD G . -23.21 -9.78 10.16
N7A NAD G . -24.27 -9.55 10.87
C5A NAD G . -24.36 -8.22 11.11
C6A NAD G . -25.27 -7.41 11.81
N6A NAD G . -26.36 -7.96 12.43
N1A NAD G . -25.04 -6.11 11.84
C2A NAD G . -23.98 -5.58 11.24
N3A NAD G . -23.11 -6.30 10.58
C4A NAD G . -23.27 -7.61 10.49
O3 NAD G . -21.20 -13.85 6.32
PN NAD G . -19.64 -14.28 6.20
O1N NAD G . -19.40 -15.52 7.07
O2N NAD G . -18.65 -13.19 6.62
O5D NAD G . -19.32 -14.60 4.65
C5D NAD G . -20.08 -15.73 4.19
C4D NAD G . -21.31 -15.28 3.38
O4D NAD G . -20.94 -14.27 2.42
C3D NAD G . -21.84 -16.48 2.56
O3D NAD G . -23.24 -16.58 2.72
C2D NAD G . -21.50 -16.07 1.11
O2D NAD G . -22.39 -16.64 0.15
C1D NAD G . -21.67 -14.55 1.21
N1N NAD G . -21.06 -13.90 0.06
C2N NAD G . -21.81 -13.34 -0.87
C3N NAD G . -21.22 -12.72 -1.97
C7N NAD G . -22.01 -12.09 -3.03
O7N NAD G . -21.48 -11.25 -3.73
N7N NAD G . -23.28 -12.44 -3.25
C4N NAD G . -19.82 -12.71 -2.06
C5N NAD G . -19.10 -13.31 -1.06
C6N NAD G . -19.75 -13.89 0.00
PA NAD H . -49.43 8.46 2.41
O1A NAD H . -48.07 8.01 2.71
O2A NAD H . -50.12 8.79 3.81
O5B NAD H . -50.25 7.25 1.74
C5B NAD H . -49.54 6.75 0.61
C4B NAD H . -49.87 5.27 0.41
O4B NAD H . -49.14 4.50 1.37
C3B NAD H . -51.36 4.97 0.67
O3B NAD H . -51.78 3.89 -0.16
C2B NAD H . -51.37 4.53 2.15
O2B NAD H . -52.49 3.71 2.44
C1B NAD H . -50.06 3.71 2.15
N9A NAD H . -49.49 3.56 3.47
C8A NAD H . -49.19 4.57 4.33
N7A NAD H . -48.66 4.08 5.41
C5A NAD H . -48.59 2.74 5.30
C6A NAD H . -48.14 1.70 6.13
N6A NAD H . -47.61 1.97 7.36
N1A NAD H . -48.23 0.46 5.68
C2A NAD H . -48.74 0.19 4.50
N3A NAD H . -49.17 1.12 3.68
C4A NAD H . -49.12 2.39 4.04
O3 NAD H . -49.27 9.72 1.42
PN NAD H . -50.57 10.29 0.64
O1N NAD H . -51.34 11.26 1.57
O2N NAD H . -51.54 9.21 0.14
O5D NAD H . -50.08 11.10 -0.66
C5D NAD H . -49.27 12.21 -0.26
C4D NAD H . -47.77 11.90 -0.37
O4D NAD H . -47.44 11.28 -1.64
C3D NAD H . -46.97 13.23 -0.33
O3D NAD H . -45.93 13.14 0.62
C2D NAD H . -46.45 13.33 -1.77
O2D NAD H . -45.25 14.11 -1.85
C1D NAD H . -46.20 11.85 -2.06
N1N NAD H . -45.97 11.66 -3.49
C2N NAD H . -44.76 11.37 -3.93
C3N NAD H . -44.54 11.19 -5.30
C7N NAD H . -43.21 10.86 -5.83
O7N NAD H . -43.12 10.40 -6.95
N7N NAD H . -42.10 11.08 -5.12
C4N NAD H . -45.62 11.33 -6.18
C5N NAD H . -46.86 11.64 -5.66
C6N NAD H . -47.00 11.80 -4.30
#